data_8TZ0
#
_entry.id   8TZ0
#
_cell.length_a   73.851
_cell.length_b   89.659
_cell.length_c   131.601
_cell.angle_alpha   90.000
_cell.angle_beta   94.920
_cell.angle_gamma   90.000
#
_symmetry.space_group_name_H-M   'P 1 21 1'
#
loop_
_entity.id
_entity.type
_entity.pdbx_description
1 polymer E1(BilD)
2 polymer E2(BilB)
3 polymer Ubl(BilA)
4 non-polymer 'ZINC ION'
5 water water
#
loop_
_entity_poly.entity_id
_entity_poly.type
_entity_poly.pdbx_seq_one_letter_code
_entity_poly.pdbx_strand_id
1 'polypeptide(L)'
;MALANFIDRAATAASQVLTDFHLGDFKAALEKQVVAVAFDDQAISCAEGQATLDLAVRLLARLYPVLAILPLDSAASSQA
QALERLAKSINRKIGIRRSGKSATVCLVAGATRPSLRCPTFFIGSDGWAAKLSRTDPVGSGSSLLPYGAGAASCFGAANV
FRTIFAAQLTGAESDENIDLSLYSYNKSRAGDAGPIDPAVDLGETHLVGLGAIAHGALWALARQSGLSGRLHVVDHEAVE
LSNLQRYVLAGQAEIGMSKAVLATTALRSTALEVEAHPLKWAEHVARRGDWIFDRVGVALDTAADRVAVQGALPRWIANA
WTQEHDLGISRHGFDDGQACLCCMYMPSGKSKDEHQLVAEELGIPEAHEQVKALLQTNAGVPNDFVVRVATAMGVPFEPL
APFVGQPLRSFYQQAICGGLVFQLSDGSRLVRTVVPMAFQSALAGIMLAAELVKHSAGFPMSPTTSTRVNLLRPLGSHLH
DPKAKDSSGRCICSDEDFISAYRRKYGNGVEPLSNISAEQKRTSPLPRTGRQVCA
;
A,B
2 'polypeptide(L)'
;MPELQTVDPEVSRAKFDREISRFRPYADAYRMQGCFLIEESFPSAFFIFASPKVKPRVIGAAIEIDFTNYDLRPPSVVFV
DPFTRQPIARKDLPLNMLRRPQLPGTPPEMISNLIQQNAVSLTDFIQANSLQDSPFLCMAGVREYHDNPAHSGDPWLLHR
GSGEGCLAFILDKIIKYGTGPVEQLHIQLQYAVGLLVPPQAIPE
;
C,D
3 'polypeptide(L)'
;SNASKDSRKGDNHGGGSGKIEIIVVVNGQPTQVEANPNQPLHVVRTKALENTQNVAQPPDNWEFKDEAGNLLDVDKKIGD
FGFANTVTLFLSLKAGVAGA
;
E
#
loop_
_chem_comp.id
_chem_comp.type
_chem_comp.name
_chem_comp.formula
ZN non-polymer 'ZINC ION' 'Zn 2'
#
# COMPACT_ATOMS: atom_id res chain seq x y z
N ALA A 2 -24.50 30.32 -58.65
CA ALA A 2 -25.19 29.74 -57.56
C ALA A 2 -24.71 28.48 -56.90
N LEU A 3 -23.58 27.89 -57.34
CA LEU A 3 -22.97 26.82 -56.56
C LEU A 3 -22.49 27.37 -55.20
N ALA A 4 -22.67 26.58 -54.15
CA ALA A 4 -22.28 26.97 -52.80
C ALA A 4 -20.78 27.08 -52.65
N ASN A 5 -20.35 27.93 -51.69
CA ASN A 5 -18.91 28.13 -51.42
C ASN A 5 -18.29 26.87 -50.81
N PHE A 6 -19.10 25.95 -50.30
CA PHE A 6 -18.63 24.67 -49.80
C PHE A 6 -18.84 23.51 -50.78
N ILE A 7 -18.96 23.80 -52.08
CA ILE A 7 -19.36 22.78 -53.05
C ILE A 7 -18.30 21.70 -53.24
N ASP A 8 -17.01 22.04 -53.09
CA ASP A 8 -15.98 21.02 -53.28
C ASP A 8 -16.10 19.87 -52.27
N ARG A 9 -16.57 20.15 -51.06
CA ARG A 9 -16.79 19.11 -50.07
C ARG A 9 -17.98 18.25 -50.43
N ALA A 10 -19.03 18.85 -50.97
CA ALA A 10 -20.12 18.01 -51.46
C ALA A 10 -19.65 17.14 -52.62
N ALA A 11 -18.80 17.70 -53.48
CA ALA A 11 -18.24 16.91 -54.58
C ALA A 11 -17.36 15.80 -54.05
N THR A 12 -16.60 16.07 -53.00
CA THR A 12 -15.86 15.00 -52.34
C THR A 12 -16.80 13.88 -51.97
N ALA A 13 -17.92 14.22 -51.31
CA ALA A 13 -18.84 13.17 -50.89
C ALA A 13 -19.40 12.42 -52.09
N ALA A 14 -19.82 13.14 -53.15
CA ALA A 14 -20.34 12.41 -54.30
C ALA A 14 -19.27 11.55 -54.95
N SER A 15 -17.98 11.95 -54.85
CA SER A 15 -16.90 11.23 -55.54
C SER A 15 -16.70 9.83 -54.99
N GLN A 16 -17.22 9.55 -53.80
CA GLN A 16 -17.11 8.28 -53.10
C GLN A 16 -18.27 7.36 -53.34
N VAL A 17 -19.28 7.81 -54.09
CA VAL A 17 -20.43 6.97 -54.40
C VAL A 17 -20.70 6.87 -55.88
N LEU A 18 -20.15 7.76 -56.70
CA LEU A 18 -20.40 7.74 -58.12
C LEU A 18 -19.21 7.12 -58.83
N THR A 19 -19.50 6.34 -59.86
CA THR A 19 -18.50 5.77 -60.72
C THR A 19 -18.11 6.79 -61.80
N ASP A 20 -16.87 6.62 -62.31
CA ASP A 20 -16.29 7.50 -63.31
C ASP A 20 -16.46 8.98 -62.95
N PHE A 21 -16.14 9.31 -61.71
CA PHE A 21 -16.37 10.65 -61.21
C PHE A 21 -15.37 11.62 -61.82
N HIS A 22 -15.84 12.76 -62.30
CA HIS A 22 -14.95 13.85 -62.65
C HIS A 22 -15.52 15.14 -62.10
N LEU A 23 -14.67 15.95 -61.48
CA LEU A 23 -15.16 17.08 -60.68
C LEU A 23 -15.80 18.17 -61.56
N GLY A 24 -15.18 18.50 -62.68
CA GLY A 24 -15.83 19.41 -63.62
C GLY A 24 -17.16 18.86 -64.10
N ASP A 25 -17.18 17.63 -64.56
CA ASP A 25 -18.44 17.03 -64.97
C ASP A 25 -19.49 17.15 -63.88
N PHE A 26 -19.13 16.83 -62.65
CA PHE A 26 -20.12 16.78 -61.59
C PHE A 26 -20.70 18.16 -61.30
N LYS A 27 -19.86 19.20 -61.25
CA LYS A 27 -20.43 20.50 -60.97
C LYS A 27 -21.31 20.96 -62.13
N ALA A 28 -20.89 20.63 -63.35
CA ALA A 28 -21.68 20.97 -64.52
C ALA A 28 -23.03 20.29 -64.45
N ALA A 29 -23.05 19.04 -63.98
CA ALA A 29 -24.30 18.30 -63.85
C ALA A 29 -25.24 19.01 -62.88
N LEU A 30 -24.75 19.31 -61.68
CA LEU A 30 -25.53 20.12 -60.76
C LEU A 30 -26.05 21.39 -61.44
N GLU A 31 -25.23 22.03 -62.25
CA GLU A 31 -25.64 23.35 -62.72
C GLU A 31 -26.77 23.26 -63.73
N LYS A 32 -27.02 22.08 -64.28
CA LYS A 32 -28.08 21.89 -65.26
C LYS A 32 -29.39 21.46 -64.62
N GLN A 33 -29.46 21.48 -63.29
CA GLN A 33 -30.61 20.98 -62.55
C GLN A 33 -31.41 22.16 -62.00
N VAL A 34 -32.72 21.98 -61.86
CA VAL A 34 -33.56 22.82 -61.05
C VAL A 34 -34.37 21.84 -60.23
N VAL A 35 -34.03 21.69 -58.95
CA VAL A 35 -34.67 20.75 -58.03
C VAL A 35 -35.80 21.48 -57.32
N ALA A 36 -37.00 21.00 -57.50
CA ALA A 36 -38.21 21.69 -57.08
C ALA A 36 -38.74 21.07 -55.80
N VAL A 37 -39.08 21.94 -54.85
CA VAL A 37 -39.89 21.57 -53.70
C VAL A 37 -41.26 22.21 -53.87
N ALA A 38 -42.30 21.40 -53.94
CA ALA A 38 -43.67 21.87 -54.13
C ALA A 38 -44.58 21.40 -53.00
N PHE A 39 -45.58 22.24 -52.67
CA PHE A 39 -46.32 22.00 -51.42
C PHE A 39 -47.60 22.82 -51.40
N ASP A 40 -48.57 22.29 -50.69
CA ASP A 40 -49.90 22.89 -50.70
C ASP A 40 -50.36 23.20 -49.30
N ASP A 41 -51.63 23.59 -49.14
CA ASP A 41 -52.21 23.96 -47.85
C ASP A 41 -52.11 22.82 -46.84
N GLN A 42 -52.31 21.57 -47.29
CA GLN A 42 -52.27 20.42 -46.37
C GLN A 42 -50.91 20.29 -45.71
N ALA A 43 -49.84 20.48 -46.47
CA ALA A 43 -48.50 20.28 -45.93
C ALA A 43 -48.13 21.40 -44.98
N ILE A 44 -48.47 22.62 -45.33
CA ILE A 44 -48.00 23.75 -44.53
C ILE A 44 -48.88 24.00 -43.31
N SER A 45 -50.04 23.37 -43.22
CA SER A 45 -50.97 23.60 -42.11
C SER A 45 -50.71 22.73 -40.88
N CYS A 46 -49.73 21.85 -40.91
CA CYS A 46 -49.49 20.93 -39.80
C CYS A 46 -47.98 20.80 -39.58
N ALA A 47 -47.62 20.36 -38.38
CA ALA A 47 -46.24 20.29 -37.97
C ALA A 47 -45.46 19.27 -38.78
N GLU A 48 -46.08 18.13 -39.13
CA GLU A 48 -45.34 17.15 -39.94
C GLU A 48 -45.02 17.72 -41.32
N GLY A 49 -45.99 18.41 -41.93
CA GLY A 49 -45.72 19.05 -43.21
C GLY A 49 -44.59 20.06 -43.11
N GLN A 50 -44.69 20.97 -42.16
CA GLN A 50 -43.68 21.99 -42.01
C GLN A 50 -42.29 21.39 -41.81
N ALA A 51 -42.21 20.26 -41.08
CA ALA A 51 -40.91 19.69 -40.75
C ALA A 51 -40.32 19.05 -42.00
N THR A 52 -41.13 18.25 -42.72
CA THR A 52 -40.68 17.68 -43.99
C THR A 52 -40.12 18.76 -44.90
N LEU A 53 -40.88 19.84 -45.08
CA LEU A 53 -40.39 20.91 -45.96
C LEU A 53 -39.10 21.55 -45.44
N ASP A 54 -39.04 21.85 -44.15
CA ASP A 54 -37.84 22.41 -43.54
C ASP A 54 -36.57 21.60 -43.83
N LEU A 55 -36.63 20.32 -43.57
CA LEU A 55 -35.49 19.47 -43.80
C LEU A 55 -35.22 19.19 -45.28
N ALA A 56 -36.26 19.10 -46.12
CA ALA A 56 -36.01 18.89 -47.54
C ALA A 56 -35.15 20.03 -48.07
N VAL A 57 -35.55 21.26 -47.76
CA VAL A 57 -34.80 22.42 -48.20
C VAL A 57 -33.43 22.45 -47.56
N ARG A 58 -33.33 22.16 -46.27
CA ARG A 58 -32.02 22.14 -45.59
C ARG A 58 -31.07 21.18 -46.27
N LEU A 59 -31.58 20.03 -46.75
CA LEU A 59 -30.74 19.06 -47.46
C LEU A 59 -30.44 19.51 -48.89
N LEU A 60 -31.42 20.01 -49.64
CA LEU A 60 -31.21 20.26 -51.07
C LEU A 60 -30.32 21.48 -51.30
N ALA A 61 -30.47 22.51 -50.46
CA ALA A 61 -29.65 23.70 -50.61
C ALA A 61 -28.19 23.42 -50.30
N ARG A 62 -27.87 22.27 -49.70
CA ARG A 62 -26.47 21.99 -49.41
C ARG A 62 -25.77 21.31 -50.58
N LEU A 63 -26.44 21.23 -51.71
CA LEU A 63 -25.87 20.59 -52.90
C LEU A 63 -26.30 21.26 -54.23
N TYR A 64 -27.56 21.56 -54.41
CA TYR A 64 -27.98 21.92 -55.78
C TYR A 64 -28.00 23.42 -55.92
N PRO A 65 -27.43 23.94 -57.02
CA PRO A 65 -27.29 25.40 -57.16
C PRO A 65 -28.56 26.14 -57.50
N VAL A 66 -29.65 25.46 -57.83
CA VAL A 66 -30.86 26.18 -58.19
C VAL A 66 -32.01 25.37 -57.67
N LEU A 67 -32.88 25.98 -56.90
CA LEU A 67 -34.07 25.29 -56.45
C LEU A 67 -35.26 26.03 -57.02
N ALA A 68 -36.39 25.33 -57.13
CA ALA A 68 -37.67 25.98 -57.42
C ALA A 68 -38.51 25.73 -56.19
N ILE A 69 -39.02 26.81 -55.58
CA ILE A 69 -39.90 26.73 -54.42
C ILE A 69 -41.31 27.00 -54.91
N LEU A 70 -42.12 25.93 -54.95
CA LEU A 70 -43.43 25.98 -55.59
C LEU A 70 -44.59 25.82 -54.65
N PRO A 71 -45.10 26.90 -54.07
CA PRO A 71 -46.44 26.85 -53.44
C PRO A 71 -47.55 26.67 -54.47
N LEU A 72 -48.45 25.73 -54.20
CA LEU A 72 -49.50 25.31 -55.13
C LEU A 72 -50.86 25.93 -54.82
N ASP A 73 -51.00 26.59 -53.70
CA ASP A 73 -52.19 27.39 -53.47
C ASP A 73 -51.71 28.56 -52.63
N SER A 74 -52.61 29.49 -52.36
CA SER A 74 -52.16 30.78 -51.85
C SER A 74 -51.88 30.73 -50.37
N ALA A 75 -52.41 29.72 -49.69
CA ALA A 75 -52.10 29.53 -48.28
C ALA A 75 -50.63 29.14 -48.09
N ALA A 76 -50.09 28.35 -49.02
CA ALA A 76 -48.71 27.95 -48.95
C ALA A 76 -47.76 29.11 -49.24
N SER A 77 -48.25 30.28 -49.61
CA SER A 77 -47.34 31.35 -50.03
C SER A 77 -46.39 31.80 -48.93
N SER A 78 -46.90 32.01 -47.71
CA SER A 78 -46.01 32.44 -46.63
C SER A 78 -44.91 31.42 -46.37
N GLN A 79 -45.27 30.16 -46.26
CA GLN A 79 -44.21 29.17 -46.13
C GLN A 79 -43.21 29.26 -47.27
N ALA A 80 -43.65 29.65 -48.48
CA ALA A 80 -42.69 29.69 -49.59
C ALA A 80 -41.64 30.75 -49.32
N GLN A 81 -42.04 31.91 -48.84
CA GLN A 81 -41.02 32.93 -48.59
C GLN A 81 -40.02 32.48 -47.53
N ALA A 82 -40.51 31.90 -46.43
CA ALA A 82 -39.62 31.41 -45.40
C ALA A 82 -38.70 30.34 -45.94
N LEU A 83 -39.21 29.48 -46.82
CA LEU A 83 -38.35 28.42 -47.34
C LEU A 83 -37.23 29.02 -48.18
N GLU A 84 -37.58 30.03 -49.01
CA GLU A 84 -36.56 30.68 -49.80
C GLU A 84 -35.48 31.27 -48.88
N ARG A 85 -35.87 31.90 -47.76
CA ARG A 85 -34.89 32.52 -46.87
C ARG A 85 -34.00 31.49 -46.18
N LEU A 86 -34.55 30.33 -45.91
CA LEU A 86 -33.79 29.24 -45.36
C LEU A 86 -32.74 28.79 -46.35
N ALA A 87 -33.14 28.51 -47.57
CA ALA A 87 -32.18 28.10 -48.58
C ALA A 87 -31.03 29.11 -48.67
N LYS A 88 -31.38 30.38 -48.83
CA LYS A 88 -30.36 31.40 -49.00
C LYS A 88 -29.47 31.54 -47.79
N SER A 89 -29.97 31.24 -46.60
CA SER A 89 -29.11 31.36 -45.43
C SER A 89 -28.04 30.28 -45.40
N ILE A 90 -28.24 29.21 -46.18
CA ILE A 90 -27.28 28.13 -46.36
C ILE A 90 -26.37 28.41 -47.52
N ASN A 91 -26.92 28.88 -48.63
CA ASN A 91 -26.19 29.30 -49.81
C ASN A 91 -26.78 30.62 -50.32
N ARG A 92 -26.12 31.72 -49.99
CA ARG A 92 -26.63 33.04 -50.33
C ARG A 92 -26.58 33.29 -51.81
N LYS A 93 -25.86 32.47 -52.55
CA LYS A 93 -25.82 32.62 -53.99
C LYS A 93 -26.73 31.63 -54.68
N ILE A 94 -27.56 30.91 -53.92
CA ILE A 94 -28.39 29.89 -54.52
C ILE A 94 -29.50 30.52 -55.33
N GLY A 95 -29.94 29.80 -56.34
CA GLY A 95 -30.98 30.28 -57.21
C GLY A 95 -32.34 29.79 -56.75
N ILE A 96 -33.31 30.67 -56.84
CA ILE A 96 -34.67 30.34 -56.50
C ILE A 96 -35.57 30.57 -57.71
N ARG A 97 -36.24 29.53 -58.14
CA ARG A 97 -37.26 29.66 -59.15
C ARG A 97 -38.64 29.55 -58.52
N ARG A 98 -39.55 30.36 -59.01
CA ARG A 98 -40.95 30.36 -58.63
C ARG A 98 -41.81 29.73 -59.68
N SER A 99 -41.19 29.13 -60.68
CA SER A 99 -41.92 28.46 -61.74
C SER A 99 -41.49 27.01 -61.91
N GLY A 100 -42.46 26.14 -62.21
CA GLY A 100 -42.20 24.73 -62.34
C GLY A 100 -41.74 24.24 -63.69
N LYS A 101 -41.82 25.05 -64.75
CA LYS A 101 -41.55 24.56 -66.10
C LYS A 101 -40.11 24.05 -66.25
N SER A 102 -39.21 24.64 -65.53
CA SER A 102 -37.82 24.27 -65.56
C SER A 102 -37.37 23.26 -64.49
N ALA A 103 -38.27 22.60 -63.80
CA ALA A 103 -37.84 21.62 -62.82
C ALA A 103 -37.31 20.42 -63.56
N THR A 104 -36.20 19.87 -63.08
CA THR A 104 -35.66 18.63 -63.60
C THR A 104 -35.97 17.43 -62.73
N VAL A 105 -36.36 17.68 -61.48
CA VAL A 105 -36.81 16.64 -60.54
C VAL A 105 -37.63 17.43 -59.51
N CYS A 106 -38.50 16.73 -58.77
CA CYS A 106 -39.41 17.46 -57.87
C CYS A 106 -39.78 16.61 -56.67
N LEU A 107 -39.78 17.25 -55.50
CA LEU A 107 -40.34 16.69 -54.29
C LEU A 107 -41.61 17.44 -53.92
N VAL A 108 -42.62 16.70 -53.50
CA VAL A 108 -43.94 17.25 -53.20
C VAL A 108 -44.34 16.83 -51.82
N ALA A 109 -44.72 17.79 -51.00
CA ALA A 109 -45.44 17.52 -49.76
C ALA A 109 -46.89 17.98 -49.91
N GLY A 110 -47.78 17.28 -49.25
CA GLY A 110 -49.17 17.68 -49.19
C GLY A 110 -50.02 16.74 -50.03
N ALA A 111 -51.17 17.30 -50.44
CA ALA A 111 -52.19 16.53 -51.13
C ALA A 111 -52.34 16.87 -52.61
N THR A 112 -51.68 17.92 -53.10
CA THR A 112 -51.86 18.41 -54.47
C THR A 112 -50.69 18.00 -55.37
N ARG A 113 -51.03 17.58 -56.59
CA ARG A 113 -50.08 17.26 -57.66
C ARG A 113 -49.64 18.54 -58.37
N PRO A 114 -48.34 18.76 -58.58
CA PRO A 114 -47.89 19.95 -59.32
C PRO A 114 -47.97 19.79 -60.84
N SER A 115 -48.10 18.54 -61.29
CA SER A 115 -48.23 18.15 -62.69
C SER A 115 -47.16 18.78 -63.57
N LEU A 116 -45.91 18.48 -63.24
CA LEU A 116 -44.70 18.90 -63.92
C LEU A 116 -44.16 17.80 -64.82
N ARG A 117 -43.32 18.19 -65.80
CA ARG A 117 -42.76 17.19 -66.73
C ARG A 117 -41.42 16.61 -66.26
N CYS A 118 -41.24 16.32 -64.99
CA CYS A 118 -39.99 15.82 -64.45
C CYS A 118 -40.32 14.71 -63.43
N PRO A 119 -39.35 13.85 -63.16
CA PRO A 119 -39.54 12.87 -62.05
C PRO A 119 -40.02 13.56 -60.79
N THR A 120 -41.09 13.05 -60.22
CA THR A 120 -41.74 13.68 -59.08
C THR A 120 -41.96 12.64 -57.99
N PHE A 121 -41.57 13.00 -56.78
CA PHE A 121 -41.63 12.10 -55.63
C PHE A 121 -42.47 12.74 -54.54
N PHE A 122 -43.60 12.11 -54.23
CA PHE A 122 -44.48 12.60 -53.17
C PHE A 122 -43.98 12.08 -51.84
N ILE A 123 -43.72 12.98 -50.90
CA ILE A 123 -43.23 12.57 -49.59
C ILE A 123 -44.14 13.12 -48.52
N GLY A 124 -44.15 12.43 -47.39
CA GLY A 124 -44.92 12.84 -46.27
C GLY A 124 -44.80 11.84 -45.15
N SER A 125 -45.84 11.68 -44.32
CA SER A 125 -45.66 11.04 -43.03
C SER A 125 -46.98 10.98 -42.28
N ASP A 126 -47.01 10.12 -41.28
CA ASP A 126 -48.13 10.05 -40.33
C ASP A 126 -47.51 9.51 -39.04
N GLY A 127 -46.97 10.41 -38.24
CA GLY A 127 -46.54 10.05 -36.91
C GLY A 127 -45.20 9.39 -36.99
N TRP A 128 -45.11 8.08 -36.67
CA TRP A 128 -43.84 7.37 -36.81
C TRP A 128 -43.53 7.00 -38.27
N ALA A 129 -44.52 7.06 -39.15
CA ALA A 129 -44.32 6.57 -40.52
C ALA A 129 -43.70 7.61 -41.45
N ALA A 130 -42.62 7.23 -42.11
CA ALA A 130 -42.05 7.99 -43.21
C ALA A 130 -42.64 7.49 -44.51
N LYS A 131 -43.13 8.41 -45.38
CA LYS A 131 -43.81 8.00 -46.59
C LYS A 131 -43.31 8.65 -47.88
N LEU A 132 -43.20 7.82 -48.92
CA LEU A 132 -42.79 8.29 -50.24
C LEU A 132 -43.52 7.49 -51.29
N SER A 133 -44.12 8.20 -52.24
CA SER A 133 -44.63 7.57 -53.44
C SER A 133 -44.15 8.29 -54.68
N ARG A 134 -43.90 7.52 -55.73
CA ARG A 134 -43.58 7.99 -57.08
C ARG A 134 -44.82 8.30 -57.90
N THR A 135 -46.01 7.93 -57.44
CA THR A 135 -47.21 8.07 -58.23
C THR A 135 -48.31 8.91 -57.59
N ASP A 136 -48.50 8.88 -56.27
CA ASP A 136 -49.59 9.64 -55.67
C ASP A 136 -49.16 10.38 -54.42
N PRO A 137 -49.77 11.56 -54.15
CA PRO A 137 -49.50 12.24 -52.87
C PRO A 137 -49.79 11.32 -51.69
N VAL A 138 -49.01 11.50 -50.62
CA VAL A 138 -49.11 10.65 -49.44
C VAL A 138 -49.50 11.42 -48.18
N GLY A 139 -49.31 12.74 -48.15
CA GLY A 139 -49.91 13.61 -47.15
C GLY A 139 -49.07 13.73 -45.90
N SER A 140 -49.37 14.74 -45.08
CA SER A 140 -48.70 14.90 -43.80
C SER A 140 -49.70 14.72 -42.67
N GLY A 141 -49.30 13.93 -41.66
CA GLY A 141 -50.17 13.59 -40.56
C GLY A 141 -50.30 14.69 -39.56
N SER A 142 -51.15 14.47 -38.57
CA SER A 142 -51.35 15.49 -37.55
C SER A 142 -50.54 15.31 -36.27
N SER A 143 -49.62 14.36 -36.20
CA SER A 143 -48.89 14.22 -34.94
C SER A 143 -47.97 15.39 -34.69
N LEU A 144 -47.43 15.45 -33.46
CA LEU A 144 -46.37 16.41 -33.17
C LEU A 144 -44.97 15.78 -33.08
N LEU A 145 -44.79 14.58 -33.59
CA LEU A 145 -43.51 13.89 -33.75
C LEU A 145 -42.86 14.30 -35.05
N PRO A 146 -41.54 14.45 -35.08
CA PRO A 146 -40.85 14.79 -36.35
C PRO A 146 -40.13 13.67 -37.06
N TYR A 147 -40.13 12.44 -36.52
CA TYR A 147 -39.26 11.37 -37.02
C TYR A 147 -39.71 10.90 -38.40
N GLY A 148 -41.00 10.59 -38.57
CA GLY A 148 -41.49 10.23 -39.88
C GLY A 148 -41.36 11.36 -40.89
N ALA A 149 -41.70 12.57 -40.49
CA ALA A 149 -41.66 13.71 -41.40
C ALA A 149 -40.23 13.95 -41.88
N GLY A 150 -39.28 13.89 -40.96
CA GLY A 150 -37.90 14.16 -41.32
C GLY A 150 -37.30 13.01 -42.10
N ALA A 151 -37.63 11.78 -41.71
CA ALA A 151 -37.06 10.66 -42.46
C ALA A 151 -37.54 10.73 -43.91
N ALA A 152 -38.84 11.12 -44.08
CA ALA A 152 -39.38 11.32 -45.43
C ALA A 152 -38.54 12.29 -46.28
N SER A 153 -38.08 13.40 -45.68
CA SER A 153 -37.22 14.30 -46.42
C SER A 153 -35.91 13.62 -46.83
N CYS A 154 -35.33 12.84 -45.95
CA CYS A 154 -34.08 12.18 -46.27
C CYS A 154 -34.29 11.27 -47.46
N PHE A 155 -35.31 10.43 -47.40
CA PHE A 155 -35.59 9.57 -48.55
C PHE A 155 -35.87 10.40 -49.81
N GLY A 156 -36.57 11.53 -49.65
CA GLY A 156 -36.80 12.42 -50.78
C GLY A 156 -35.50 12.89 -51.41
N ALA A 157 -34.58 13.36 -50.59
CA ALA A 157 -33.31 13.90 -51.07
C ALA A 157 -32.42 12.82 -51.68
N ALA A 158 -32.41 11.64 -51.12
CA ALA A 158 -31.72 10.51 -51.74
C ALA A 158 -32.29 10.19 -53.11
N ASN A 159 -33.59 10.16 -53.25
CA ASN A 159 -34.12 9.85 -54.57
C ASN A 159 -33.82 10.94 -55.58
N VAL A 160 -33.81 12.20 -55.14
CA VAL A 160 -33.39 13.28 -56.05
C VAL A 160 -31.97 12.98 -56.53
N PHE A 161 -31.09 12.65 -55.59
CA PHE A 161 -29.71 12.38 -55.94
C PHE A 161 -29.58 11.14 -56.82
N ARG A 162 -30.35 10.09 -56.55
CA ARG A 162 -30.18 8.88 -57.36
C ARG A 162 -30.83 9.00 -58.74
N THR A 163 -31.80 9.91 -58.89
CA THR A 163 -32.41 10.19 -60.18
C THR A 163 -31.44 10.99 -61.05
N ILE A 164 -30.92 12.10 -60.54
CA ILE A 164 -30.01 12.92 -61.30
C ILE A 164 -28.75 12.16 -61.68
N PHE A 165 -28.19 11.35 -60.79
CA PHE A 165 -26.90 10.73 -61.06
C PHE A 165 -27.00 9.25 -61.31
N ALA A 166 -28.17 8.83 -61.79
CA ALA A 166 -28.47 7.41 -62.00
C ALA A 166 -27.42 6.71 -62.83
N ALA A 167 -26.92 7.38 -63.84
CA ALA A 167 -26.02 6.74 -64.76
C ALA A 167 -24.68 6.53 -64.16
N GLN A 168 -24.41 7.00 -62.97
CA GLN A 168 -23.13 6.77 -62.33
C GLN A 168 -23.31 5.95 -61.07
N LEU A 169 -24.45 5.26 -60.96
CA LEU A 169 -24.78 4.35 -59.87
C LEU A 169 -25.20 2.96 -60.38
N THR A 170 -24.95 1.95 -59.56
CA THR A 170 -25.30 0.56 -59.86
C THR A 170 -26.32 0.09 -58.84
N GLY A 171 -27.34 -0.59 -59.33
CA GLY A 171 -28.42 -1.06 -58.46
C GLY A 171 -29.05 0.02 -57.61
N ALA A 172 -29.23 1.20 -58.20
CA ALA A 172 -29.63 2.39 -57.46
C ALA A 172 -30.93 2.95 -57.99
N GLU A 173 -31.87 2.09 -58.36
CA GLU A 173 -33.15 2.56 -58.88
C GLU A 173 -33.81 3.54 -57.89
N SER A 174 -34.75 4.34 -58.40
CA SER A 174 -35.53 5.19 -57.52
C SER A 174 -36.51 4.30 -56.76
N ASP A 175 -36.80 4.68 -55.51
CA ASP A 175 -37.87 4.06 -54.75
C ASP A 175 -39.23 4.37 -55.38
N GLU A 176 -40.10 3.37 -55.46
CA GLU A 176 -41.45 3.58 -55.91
C GLU A 176 -42.35 3.96 -54.75
N ASN A 177 -42.28 3.19 -53.66
CA ASN A 177 -43.07 3.42 -52.47
C ASN A 177 -42.26 3.08 -51.22
N ILE A 178 -42.28 4.00 -50.26
CA ILE A 178 -41.80 3.77 -48.92
C ILE A 178 -42.95 3.99 -47.96
N ASP A 179 -43.21 3.03 -47.06
CA ASP A 179 -44.02 3.30 -45.88
C ASP A 179 -43.36 2.67 -44.63
N LEU A 180 -42.47 3.41 -44.01
CA LEU A 180 -41.58 2.86 -43.00
C LEU A 180 -41.89 3.50 -41.65
N SER A 181 -42.08 2.67 -40.65
CA SER A 181 -42.27 3.15 -39.29
C SER A 181 -40.91 3.30 -38.61
N LEU A 182 -40.62 4.50 -38.09
CA LEU A 182 -39.40 4.69 -37.31
C LEU A 182 -39.57 4.22 -35.88
N TYR A 183 -40.78 3.79 -35.50
CA TYR A 183 -40.99 3.11 -34.23
C TYR A 183 -40.48 1.67 -34.32
N SER A 184 -41.00 0.90 -35.25
CA SER A 184 -40.58 -0.49 -35.35
C SER A 184 -39.53 -0.80 -36.42
N TYR A 185 -39.26 0.13 -37.35
CA TYR A 185 -38.41 -0.13 -38.53
C TYR A 185 -38.92 -1.28 -39.38
N ASN A 186 -40.20 -1.59 -39.26
CA ASN A 186 -40.91 -2.38 -40.25
C ASN A 186 -41.83 -1.51 -41.10
N LYS A 187 -42.36 -2.12 -42.16
CA LYS A 187 -43.43 -1.47 -42.90
C LYS A 187 -44.54 -1.10 -41.94
N SER A 188 -44.99 0.14 -42.01
CA SER A 188 -46.08 0.58 -41.14
C SER A 188 -47.35 -0.23 -41.35
N ARG A 189 -48.02 -0.54 -40.23
CA ARG A 189 -49.25 -1.33 -40.18
C ARG A 189 -50.43 -0.45 -39.75
N ALA A 190 -51.64 -0.83 -40.20
CA ALA A 190 -52.81 -0.01 -39.89
C ALA A 190 -53.16 -0.06 -38.40
N GLY A 191 -52.89 -1.18 -37.73
CA GLY A 191 -53.06 -1.28 -36.29
C GLY A 191 -51.98 -0.56 -35.52
N ASP A 192 -50.82 -1.21 -35.35
CA ASP A 192 -49.73 -0.61 -34.60
C ASP A 192 -49.20 0.69 -35.21
N ALA A 193 -49.88 1.80 -34.91
CA ALA A 193 -49.31 3.09 -35.26
C ALA A 193 -48.13 3.44 -34.37
N GLY A 194 -48.10 2.91 -33.13
CA GLY A 194 -47.07 3.24 -32.15
C GLY A 194 -47.40 4.53 -31.47
N PRO A 195 -46.93 4.70 -30.23
CA PRO A 195 -47.40 5.83 -29.42
C PRO A 195 -46.90 7.15 -29.96
N ILE A 196 -47.78 8.16 -30.07
CA ILE A 196 -47.41 9.46 -30.63
C ILE A 196 -47.44 10.61 -29.60
N ASP A 197 -47.79 10.38 -28.36
CA ASP A 197 -47.77 11.43 -27.34
C ASP A 197 -46.37 12.06 -27.25
N PRO A 198 -46.23 13.36 -27.54
CA PRO A 198 -44.90 13.98 -27.59
C PRO A 198 -44.42 14.44 -26.23
N ALA A 199 -45.34 14.55 -25.25
CA ALA A 199 -44.96 14.82 -23.85
C ALA A 199 -44.21 13.63 -23.26
N VAL A 200 -42.90 13.71 -23.27
CA VAL A 200 -42.04 12.69 -22.68
C VAL A 200 -40.82 13.37 -22.09
N ASP A 201 -40.22 12.69 -21.16
CA ASP A 201 -39.00 13.15 -20.54
C ASP A 201 -37.88 12.20 -20.86
N LEU A 202 -36.79 12.75 -21.40
CA LEU A 202 -35.56 12.09 -21.78
C LEU A 202 -34.64 11.76 -20.59
N GLY A 203 -35.09 11.99 -19.39
CA GLY A 203 -34.12 11.74 -18.32
C GLY A 203 -32.90 12.67 -18.45
N GLU A 204 -31.78 12.25 -17.86
CA GLU A 204 -30.53 12.96 -18.03
C GLU A 204 -29.72 12.27 -19.13
N THR A 205 -29.71 12.86 -20.32
CA THR A 205 -29.08 12.25 -21.49
C THR A 205 -27.80 12.97 -21.94
N HIS A 206 -26.86 12.22 -22.50
CA HIS A 206 -25.60 12.79 -22.99
C HIS A 206 -25.55 12.59 -24.50
N LEU A 207 -25.44 13.67 -25.25
CA LEU A 207 -25.17 13.56 -26.70
C LEU A 207 -23.68 13.82 -26.96
N VAL A 208 -22.97 12.79 -27.38
CA VAL A 208 -21.52 12.92 -27.46
C VAL A 208 -21.13 13.01 -28.91
N GLY A 209 -20.52 14.12 -29.26
CA GLY A 209 -20.32 14.44 -30.65
C GLY A 209 -21.44 15.31 -31.19
N LEU A 210 -21.10 16.46 -31.75
CA LEU A 210 -22.06 17.43 -32.26
C LEU A 210 -21.76 17.79 -33.68
N GLY A 211 -21.54 16.80 -34.51
CA GLY A 211 -21.36 17.07 -35.92
C GLY A 211 -22.60 16.73 -36.72
N ALA A 212 -22.37 16.21 -37.92
CA ALA A 212 -23.43 16.02 -38.88
C ALA A 212 -24.56 15.16 -38.32
N ILE A 213 -24.25 13.95 -37.88
CA ILE A 213 -25.28 13.11 -37.31
C ILE A 213 -26.00 13.85 -36.20
N ALA A 214 -25.25 14.48 -35.29
CA ALA A 214 -25.89 15.18 -34.17
C ALA A 214 -26.81 16.28 -34.68
N HIS A 215 -26.52 16.86 -35.87
CA HIS A 215 -27.41 17.92 -36.37
C HIS A 215 -28.77 17.35 -36.76
N GLY A 216 -28.81 16.12 -37.26
CA GLY A 216 -30.10 15.50 -37.51
C GLY A 216 -30.90 15.27 -36.24
N ALA A 217 -30.26 14.68 -35.23
CA ALA A 217 -30.86 14.54 -33.92
C ALA A 217 -31.34 15.86 -33.34
N LEU A 218 -30.48 16.87 -33.27
CA LEU A 218 -30.92 18.17 -32.76
C LEU A 218 -32.10 18.70 -33.56
N TRP A 219 -32.06 18.57 -34.90
CA TRP A 219 -33.18 18.98 -35.73
C TRP A 219 -34.50 18.37 -35.26
N ALA A 220 -34.47 17.08 -34.88
CA ALA A 220 -35.65 16.37 -34.42
C ALA A 220 -36.03 16.75 -32.98
N LEU A 221 -35.05 16.78 -32.07
CA LEU A 221 -35.37 17.09 -30.69
C LEU A 221 -35.96 18.50 -30.54
N ALA A 222 -35.60 19.41 -31.40
CA ALA A 222 -36.20 20.73 -31.37
C ALA A 222 -37.61 20.81 -31.93
N ARG A 223 -38.12 19.75 -32.56
CA ARG A 223 -39.42 19.76 -33.22
C ARG A 223 -40.37 18.73 -32.64
N GLN A 224 -40.20 18.39 -31.36
CA GLN A 224 -41.06 17.50 -30.63
C GLN A 224 -41.58 18.35 -29.48
N SER A 225 -42.72 18.98 -29.72
CA SER A 225 -43.27 19.93 -28.76
C SER A 225 -43.75 19.17 -27.54
N GLY A 226 -43.43 19.72 -26.37
CA GLY A 226 -43.77 19.07 -25.12
C GLY A 226 -42.70 18.17 -24.56
N LEU A 227 -41.55 18.05 -25.19
CA LEU A 227 -40.48 17.18 -24.72
C LEU A 227 -39.73 17.81 -23.59
N SER A 228 -39.54 17.07 -22.51
CA SER A 228 -38.71 17.54 -21.39
C SER A 228 -37.46 16.68 -21.27
N GLY A 229 -36.51 17.15 -20.52
CA GLY A 229 -35.28 16.40 -20.35
C GLY A 229 -34.11 17.29 -19.99
N ARG A 230 -33.05 16.65 -19.46
CA ARG A 230 -31.78 17.31 -19.27
C ARG A 230 -30.84 16.71 -20.31
N LEU A 231 -30.44 17.54 -21.30
CA LEU A 231 -29.54 17.13 -22.38
C LEU A 231 -28.15 17.73 -22.22
N HIS A 232 -27.17 16.88 -22.04
CA HIS A 232 -25.79 17.30 -22.07
C HIS A 232 -25.24 17.18 -23.49
N VAL A 233 -24.64 18.26 -23.98
CA VAL A 233 -24.13 18.28 -25.36
C VAL A 233 -22.63 18.54 -25.31
N VAL A 234 -21.88 17.61 -25.87
CA VAL A 234 -20.43 17.54 -25.73
C VAL A 234 -19.74 17.53 -27.08
N ASP A 235 -18.97 18.58 -27.37
CA ASP A 235 -18.06 18.65 -28.50
C ASP A 235 -17.14 19.82 -28.27
N HIS A 236 -15.86 19.72 -28.63
CA HIS A 236 -14.95 20.84 -28.39
C HIS A 236 -14.73 21.69 -29.64
N GLU A 237 -15.15 21.25 -30.80
CA GLU A 237 -14.76 21.87 -32.07
C GLU A 237 -15.69 23.00 -32.48
N ALA A 238 -15.30 23.70 -33.55
CA ALA A 238 -16.13 24.76 -34.12
C ALA A 238 -16.51 24.41 -35.54
N VAL A 239 -17.63 25.00 -35.97
CA VAL A 239 -18.13 24.72 -37.31
C VAL A 239 -17.17 25.37 -38.31
N GLU A 240 -16.75 24.58 -39.29
CA GLU A 240 -16.01 25.08 -40.44
C GLU A 240 -16.87 25.11 -41.70
N LEU A 241 -16.46 25.96 -42.66
CA LEU A 241 -17.17 26.10 -43.92
C LEU A 241 -17.55 24.76 -44.51
N SER A 242 -16.57 23.89 -44.64
CA SER A 242 -16.84 22.56 -45.18
C SER A 242 -17.96 21.81 -44.55
N ASN A 243 -18.19 22.02 -43.24
CA ASN A 243 -19.23 21.27 -42.52
C ASN A 243 -20.64 21.53 -43.07
N LEU A 244 -20.88 22.73 -43.65
CA LEU A 244 -22.17 23.08 -44.22
C LEU A 244 -22.55 22.12 -45.34
N GLN A 245 -21.62 21.27 -45.80
CA GLN A 245 -22.02 20.28 -46.78
C GLN A 245 -22.95 19.28 -46.17
N ARG A 246 -22.89 19.08 -44.84
CA ARG A 246 -23.53 17.98 -44.12
C ARG A 246 -24.34 18.41 -42.91
N TYR A 247 -24.08 19.55 -42.32
CA TYR A 247 -24.58 19.91 -41.01
C TYR A 247 -25.88 20.67 -41.23
N VAL A 248 -27.01 19.96 -41.09
CA VAL A 248 -28.28 20.54 -41.51
C VAL A 248 -28.72 21.73 -40.68
N LEU A 249 -28.06 22.03 -39.57
CA LEU A 249 -28.44 23.15 -38.74
C LEU A 249 -27.41 24.23 -38.77
N ALA A 250 -26.43 24.13 -39.65
CA ALA A 250 -25.45 25.18 -39.84
C ALA A 250 -25.71 25.86 -41.17
N GLY A 251 -25.78 27.19 -41.15
CA GLY A 251 -25.68 27.96 -42.36
C GLY A 251 -24.49 28.91 -42.33
N GLN A 252 -24.39 29.79 -43.32
CA GLN A 252 -23.24 30.66 -43.43
C GLN A 252 -22.98 31.39 -42.12
N ALA A 253 -24.04 31.73 -41.41
CA ALA A 253 -23.84 32.52 -40.20
C ALA A 253 -23.23 31.71 -39.05
N GLU A 254 -23.29 30.39 -39.10
CA GLU A 254 -22.76 29.53 -38.05
C GLU A 254 -21.28 29.13 -38.31
N ILE A 255 -20.69 29.53 -39.44
CA ILE A 255 -19.26 29.27 -39.66
C ILE A 255 -18.46 29.90 -38.55
N GLY A 256 -17.65 29.09 -37.85
CA GLY A 256 -16.82 29.56 -36.75
C GLY A 256 -17.43 29.47 -35.35
N MET A 257 -18.70 29.13 -35.25
CA MET A 257 -19.38 28.95 -34.00
C MET A 257 -18.98 27.62 -33.38
N SER A 258 -18.83 27.64 -32.06
CA SER A 258 -18.68 26.41 -31.28
C SER A 258 -19.85 25.49 -31.60
N LYS A 259 -19.53 24.22 -31.85
CA LYS A 259 -20.60 23.24 -32.08
C LYS A 259 -21.48 23.02 -30.85
N ALA A 260 -20.93 23.18 -29.64
CA ALA A 260 -21.75 23.09 -28.45
C ALA A 260 -22.69 24.30 -28.31
N VAL A 261 -22.20 25.49 -28.65
CA VAL A 261 -23.06 26.65 -28.64
C VAL A 261 -24.15 26.55 -29.70
N LEU A 262 -23.79 26.06 -30.91
CA LEU A 262 -24.79 25.88 -31.94
C LEU A 262 -25.94 25.04 -31.42
N ALA A 263 -25.60 23.90 -30.81
CA ALA A 263 -26.60 22.94 -30.36
C ALA A 263 -27.46 23.53 -29.25
N THR A 264 -26.85 24.32 -28.39
CA THR A 264 -27.63 25.05 -27.40
C THR A 264 -28.60 26.01 -28.04
N THR A 265 -28.16 26.83 -28.96
CA THR A 265 -29.05 27.79 -29.60
C THR A 265 -30.20 27.07 -30.32
N ALA A 266 -29.92 25.91 -30.89
CA ALA A 266 -30.93 25.25 -31.71
C ALA A 266 -32.05 24.70 -30.86
N LEU A 267 -31.78 24.43 -29.58
CA LEU A 267 -32.75 23.91 -28.61
C LEU A 267 -33.35 24.99 -27.71
N ARG A 268 -33.02 26.26 -27.93
CA ARG A 268 -33.39 27.31 -27.01
C ARG A 268 -34.90 27.41 -26.75
N SER A 269 -35.71 26.99 -27.72
CA SER A 269 -37.15 27.08 -27.68
C SER A 269 -37.81 25.79 -27.28
N THR A 270 -37.06 24.76 -26.95
CA THR A 270 -37.63 23.58 -26.36
C THR A 270 -37.74 23.84 -24.87
N ALA A 271 -38.26 22.87 -24.15
CA ALA A 271 -38.22 22.89 -22.70
C ALA A 271 -37.09 22.01 -22.17
N LEU A 272 -36.23 21.50 -23.05
CA LEU A 272 -35.05 20.76 -22.61
C LEU A 272 -34.16 21.64 -21.75
N GLU A 273 -33.64 21.08 -20.68
CA GLU A 273 -32.58 21.70 -19.89
C GLU A 273 -31.27 21.36 -20.56
N VAL A 274 -30.65 22.33 -21.25
CA VAL A 274 -29.49 22.04 -22.10
C VAL A 274 -28.23 22.52 -21.41
N GLU A 275 -27.31 21.59 -21.20
CA GLU A 275 -26.00 21.93 -20.62
C GLU A 275 -24.95 21.75 -21.71
N ALA A 276 -24.29 22.85 -22.08
CA ALA A 276 -23.29 22.81 -23.14
C ALA A 276 -21.93 22.52 -22.56
N HIS A 277 -21.26 21.51 -23.11
CA HIS A 277 -19.90 21.15 -22.66
C HIS A 277 -18.92 21.30 -23.81
N PRO A 278 -18.31 22.46 -23.94
CA PRO A 278 -17.41 22.70 -25.09
C PRO A 278 -16.03 22.08 -24.85
N LEU A 279 -16.06 20.76 -24.73
CA LEU A 279 -14.92 19.97 -24.33
C LEU A 279 -15.01 18.62 -25.03
N LYS A 280 -13.91 17.90 -25.05
CA LYS A 280 -13.95 16.52 -25.46
C LYS A 280 -14.62 15.67 -24.38
N TRP A 281 -15.12 14.53 -24.82
CA TRP A 281 -15.69 13.55 -23.90
C TRP A 281 -14.78 13.33 -22.69
N ALA A 282 -13.50 13.02 -22.93
CA ALA A 282 -12.62 12.66 -21.82
C ALA A 282 -12.55 13.78 -20.77
N GLU A 283 -12.54 15.05 -21.25
CA GLU A 283 -12.47 16.18 -20.31
C GLU A 283 -13.80 16.39 -19.62
N HIS A 284 -14.88 16.21 -20.36
CA HIS A 284 -16.20 16.18 -19.74
C HIS A 284 -16.23 15.13 -18.61
N VAL A 285 -15.90 13.88 -18.96
CA VAL A 285 -15.98 12.79 -17.99
C VAL A 285 -15.11 13.07 -16.75
N ALA A 286 -13.93 13.60 -16.94
CA ALA A 286 -13.04 13.89 -15.83
C ALA A 286 -13.52 15.03 -14.96
N ARG A 287 -14.12 16.06 -15.52
CA ARG A 287 -14.61 17.16 -14.70
C ARG A 287 -15.89 16.76 -13.98
N ARG A 288 -16.70 15.97 -14.62
CA ARG A 288 -17.96 15.55 -14.03
C ARG A 288 -17.71 14.76 -12.77
N GLY A 289 -16.71 13.87 -12.78
CA GLY A 289 -16.34 13.08 -11.59
C GLY A 289 -17.45 12.20 -11.04
N ASP A 290 -18.40 11.83 -11.85
CA ASP A 290 -19.53 11.00 -11.47
C ASP A 290 -19.81 10.19 -12.73
N TRP A 291 -19.58 8.90 -12.65
CA TRP A 291 -19.66 8.00 -13.79
C TRP A 291 -21.01 7.38 -13.94
N ILE A 292 -22.04 7.98 -13.35
CA ILE A 292 -23.41 7.61 -13.64
C ILE A 292 -23.85 8.32 -14.92
N PHE A 293 -24.01 7.58 -16.00
CA PHE A 293 -24.58 8.08 -17.24
C PHE A 293 -25.79 7.24 -17.57
N ASP A 294 -26.96 7.80 -17.34
CA ASP A 294 -28.16 7.00 -17.54
C ASP A 294 -28.43 6.72 -19.02
N ARG A 295 -28.12 7.67 -19.89
CA ARG A 295 -28.48 7.52 -21.29
C ARG A 295 -27.47 8.29 -22.10
N VAL A 296 -26.78 7.62 -23.00
CA VAL A 296 -25.79 8.30 -23.83
C VAL A 296 -26.15 8.03 -25.28
N GLY A 297 -26.28 9.12 -26.04
CA GLY A 297 -26.29 9.06 -27.50
C GLY A 297 -24.94 9.40 -28.03
N VAL A 298 -24.42 8.51 -28.89
CA VAL A 298 -23.09 8.63 -29.47
C VAL A 298 -23.14 8.94 -30.97
N ALA A 299 -22.48 10.02 -31.35
CA ALA A 299 -22.48 10.52 -32.72
C ALA A 299 -21.05 10.94 -33.10
N LEU A 300 -20.12 10.02 -32.95
CA LEU A 300 -18.70 10.30 -33.07
C LEU A 300 -18.19 9.85 -34.44
N ASP A 301 -16.87 10.03 -34.64
CA ASP A 301 -16.21 9.72 -35.90
C ASP A 301 -15.25 8.53 -35.90
N THR A 302 -14.83 8.04 -34.75
CA THR A 302 -13.82 7.00 -34.77
C THR A 302 -14.22 5.90 -33.81
N ALA A 303 -13.80 4.69 -34.17
CA ALA A 303 -14.01 3.54 -33.32
C ALA A 303 -13.50 3.81 -31.91
N ALA A 304 -12.30 4.35 -31.82
CA ALA A 304 -11.67 4.58 -30.54
C ALA A 304 -12.50 5.50 -29.71
N ASP A 305 -13.00 6.57 -30.32
CA ASP A 305 -13.78 7.53 -29.57
C ASP A 305 -15.09 6.90 -29.07
N ARG A 306 -15.72 6.06 -29.89
CA ARG A 306 -16.94 5.42 -29.43
C ARG A 306 -16.67 4.37 -28.36
N VAL A 307 -15.59 3.61 -28.51
CA VAL A 307 -15.27 2.59 -27.51
C VAL A 307 -14.91 3.25 -26.19
N ALA A 308 -14.23 4.40 -26.24
CA ALA A 308 -13.91 5.11 -25.01
C ALA A 308 -15.19 5.45 -24.26
N VAL A 309 -16.27 5.79 -24.98
CA VAL A 309 -17.54 6.06 -24.31
C VAL A 309 -18.03 4.82 -23.56
N GLN A 310 -18.00 3.66 -24.24
CA GLN A 310 -18.51 2.46 -23.56
C GLN A 310 -17.67 2.17 -22.32
N GLY A 311 -16.39 2.53 -22.34
CA GLY A 311 -15.56 2.27 -21.20
C GLY A 311 -16.03 2.96 -19.95
N ALA A 312 -16.82 4.02 -20.10
CA ALA A 312 -17.32 4.74 -18.94
C ALA A 312 -18.44 3.97 -18.26
N LEU A 313 -19.05 3.02 -18.98
CA LEU A 313 -20.15 2.16 -18.57
C LEU A 313 -21.39 2.98 -18.30
N PRO A 314 -21.94 3.64 -19.32
CA PRO A 314 -23.29 4.18 -19.21
C PRO A 314 -24.30 3.06 -19.06
N ARG A 315 -25.50 3.39 -18.54
CA ARG A 315 -26.49 2.34 -18.43
C ARG A 315 -26.92 1.85 -19.80
N TRP A 316 -27.03 2.77 -20.77
CA TRP A 316 -27.53 2.40 -22.09
C TRP A 316 -26.99 3.36 -23.10
N ILE A 317 -26.59 2.84 -24.27
CA ILE A 317 -26.08 3.68 -25.34
C ILE A 317 -26.83 3.47 -26.63
N ALA A 318 -27.11 4.55 -27.36
CA ALA A 318 -27.43 4.51 -28.79
C ALA A 318 -26.28 5.07 -29.62
N ASN A 319 -25.77 4.28 -30.55
CA ASN A 319 -24.61 4.64 -31.37
C ASN A 319 -25.06 4.80 -32.82
N ALA A 320 -24.70 5.91 -33.44
CA ALA A 320 -25.13 6.18 -34.81
C ALA A 320 -23.95 6.42 -35.72
N TRP A 321 -24.03 5.86 -36.90
CA TRP A 321 -22.97 6.09 -37.86
C TRP A 321 -23.49 6.28 -39.27
N THR A 322 -22.63 6.83 -40.10
CA THR A 322 -22.74 6.90 -41.54
C THR A 322 -21.46 6.27 -42.05
N GLN A 323 -21.54 5.29 -42.94
CA GLN A 323 -20.36 4.82 -43.66
C GLN A 323 -20.68 4.91 -45.17
N GLU A 324 -19.82 4.26 -45.96
CA GLU A 324 -19.85 4.50 -47.40
C GLU A 324 -21.22 4.13 -47.99
N HIS A 325 -21.62 2.89 -47.84
CA HIS A 325 -22.87 2.41 -48.40
C HIS A 325 -23.82 1.92 -47.31
N ASP A 326 -23.96 2.70 -46.24
CA ASP A 326 -24.75 2.24 -45.12
C ASP A 326 -24.71 3.20 -43.96
N LEU A 327 -25.83 3.51 -43.36
CA LEU A 327 -25.86 4.30 -42.14
C LEU A 327 -26.63 3.46 -41.15
N GLY A 328 -26.61 3.89 -39.89
CA GLY A 328 -27.37 3.15 -38.91
C GLY A 328 -27.13 3.55 -37.47
N ILE A 329 -27.77 2.78 -36.61
CA ILE A 329 -27.81 2.96 -35.16
C ILE A 329 -27.61 1.59 -34.53
N SER A 330 -26.83 1.53 -33.49
CA SER A 330 -26.81 0.32 -32.66
C SER A 330 -27.10 0.70 -31.23
N ARG A 331 -27.65 -0.26 -30.46
CA ARG A 331 -28.09 -0.04 -29.09
C ARG A 331 -27.37 -1.00 -28.13
N HIS A 332 -27.03 -0.52 -26.94
CA HIS A 332 -26.18 -1.30 -26.04
C HIS A 332 -26.51 -1.00 -24.59
N GLY A 333 -27.19 -1.95 -23.93
CA GLY A 333 -26.86 -2.23 -22.58
C GLY A 333 -25.64 -3.12 -22.56
N PHE A 334 -24.96 -3.13 -21.45
CA PHE A 334 -23.68 -3.83 -21.35
C PHE A 334 -23.86 -5.20 -20.70
N ASP A 335 -24.80 -5.28 -19.77
CA ASP A 335 -25.09 -6.48 -19.03
C ASP A 335 -26.43 -7.05 -19.45
N ASP A 336 -26.66 -7.26 -20.75
CA ASP A 336 -27.97 -7.65 -21.26
C ASP A 336 -27.88 -8.88 -22.17
N GLY A 337 -26.77 -9.62 -22.08
CA GLY A 337 -26.51 -10.69 -23.03
C GLY A 337 -26.33 -10.26 -24.49
N GLN A 338 -26.40 -8.97 -24.79
CA GLN A 338 -26.23 -8.54 -26.18
C GLN A 338 -24.88 -7.85 -26.40
N ALA A 339 -24.57 -7.64 -27.67
CA ALA A 339 -23.33 -6.98 -28.05
C ALA A 339 -23.22 -5.59 -27.45
N CYS A 340 -22.06 -5.30 -26.83
CA CYS A 340 -21.82 -3.95 -26.35
C CYS A 340 -21.24 -3.11 -27.49
N LEU A 341 -21.13 -1.79 -27.25
CA LEU A 341 -20.57 -0.94 -28.30
C LEU A 341 -19.14 -1.34 -28.67
N CYS A 342 -18.34 -1.83 -27.71
CA CYS A 342 -17.00 -2.30 -28.07
C CYS A 342 -17.07 -3.53 -28.97
N CYS A 343 -18.07 -4.41 -28.78
CA CYS A 343 -18.27 -5.51 -29.72
C CYS A 343 -18.32 -5.00 -31.15
N MET A 344 -18.92 -3.83 -31.35
CA MET A 344 -19.16 -3.31 -32.70
C MET A 344 -17.87 -3.05 -33.43
N TYR A 345 -16.76 -2.83 -32.72
CA TYR A 345 -15.51 -2.38 -33.33
C TYR A 345 -14.32 -3.26 -32.90
N MET A 346 -14.59 -4.49 -32.45
CA MET A 346 -13.49 -5.38 -32.12
C MET A 346 -12.73 -5.69 -33.40
N PRO A 347 -11.40 -5.53 -33.40
CA PRO A 347 -10.63 -5.73 -34.64
C PRO A 347 -10.49 -7.20 -35.00
N SER A 348 -10.51 -7.47 -36.30
CA SER A 348 -10.60 -8.82 -36.83
C SER A 348 -9.25 -9.38 -37.22
N GLY A 349 -8.23 -8.55 -37.22
CA GLY A 349 -6.88 -8.99 -37.44
C GLY A 349 -5.97 -7.81 -37.71
N LYS A 350 -4.72 -8.14 -37.94
CA LYS A 350 -3.75 -7.09 -38.16
C LYS A 350 -4.10 -6.36 -39.44
N SER A 351 -3.54 -5.17 -39.57
CA SER A 351 -3.81 -4.31 -40.70
C SER A 351 -2.51 -3.67 -41.12
N LYS A 352 -2.65 -2.71 -42.03
CA LYS A 352 -1.55 -1.86 -42.42
C LYS A 352 -1.40 -0.69 -41.46
N ASP A 353 -0.15 -0.26 -41.29
CA ASP A 353 0.14 0.87 -40.44
C ASP A 353 -0.03 2.20 -41.19
N GLU A 354 -0.17 3.25 -40.40
CA GLU A 354 -0.41 4.59 -40.94
C GLU A 354 0.63 4.95 -41.99
N HIS A 355 1.90 4.64 -41.72
CA HIS A 355 2.93 5.03 -42.68
C HIS A 355 2.68 4.41 -44.06
N GLN A 356 2.21 3.16 -44.13
CA GLN A 356 1.95 2.54 -45.42
C GLN A 356 0.76 3.20 -46.12
N LEU A 357 -0.38 3.30 -45.42
CA LEU A 357 -1.58 3.83 -46.06
C LEU A 357 -1.38 5.27 -46.48
N VAL A 358 -0.68 6.04 -45.66
CA VAL A 358 -0.32 7.40 -46.05
C VAL A 358 0.55 7.38 -47.28
N ALA A 359 1.59 6.54 -47.27
CA ALA A 359 2.47 6.43 -48.42
C ALA A 359 1.71 6.03 -49.67
N GLU A 360 0.74 5.12 -49.55
CA GLU A 360 -0.03 4.73 -50.72
C GLU A 360 -0.86 5.89 -51.26
N GLU A 361 -1.57 6.60 -50.39
CA GLU A 361 -2.40 7.69 -50.88
C GLU A 361 -1.59 8.68 -51.69
N LEU A 362 -0.41 9.05 -51.21
CA LEU A 362 0.43 10.04 -51.88
C LEU A 362 1.15 9.50 -53.08
N GLY A 363 0.78 8.31 -53.55
CA GLY A 363 1.38 7.77 -54.77
C GLY A 363 2.86 7.47 -54.63
N ILE A 364 3.30 7.12 -53.42
CA ILE A 364 4.70 6.84 -53.20
C ILE A 364 4.81 5.61 -52.29
N PRO A 365 4.13 4.50 -52.61
CA PRO A 365 4.11 3.36 -51.68
C PRO A 365 5.50 2.80 -51.39
N GLU A 366 6.54 3.47 -51.83
CA GLU A 366 7.91 3.00 -51.57
C GLU A 366 8.74 3.94 -50.70
N ALA A 367 8.27 5.16 -50.42
CA ALA A 367 8.83 5.97 -49.36
C ALA A 367 8.17 5.73 -47.99
N HIS A 368 7.66 4.51 -47.74
CA HIS A 368 7.12 4.19 -46.42
C HIS A 368 8.09 4.57 -45.30
N GLU A 369 9.39 4.25 -45.46
CA GLU A 369 10.36 4.45 -44.38
C GLU A 369 10.49 5.94 -44.05
N GLN A 370 10.53 6.77 -45.08
CA GLN A 370 10.63 8.21 -44.85
C GLN A 370 9.34 8.78 -44.24
N VAL A 371 8.19 8.26 -44.66
CA VAL A 371 6.93 8.75 -44.10
C VAL A 371 6.81 8.31 -42.65
N LYS A 372 7.33 7.12 -42.31
CA LYS A 372 7.28 6.66 -40.93
C LYS A 372 8.04 7.61 -40.01
N ALA A 373 9.23 8.04 -40.42
CA ALA A 373 10.01 8.97 -39.62
C ALA A 373 9.30 10.29 -39.43
N LEU A 374 8.71 10.83 -40.50
CA LEU A 374 8.07 12.14 -40.45
C LEU A 374 6.77 12.14 -39.64
N LEU A 375 6.12 10.99 -39.48
CA LEU A 375 4.92 10.91 -38.64
C LEU A 375 5.25 10.74 -37.16
N GLN A 376 6.45 10.23 -36.83
CA GLN A 376 6.92 10.10 -35.47
C GLN A 376 7.60 11.38 -34.99
N THR A 377 8.60 11.85 -35.74
CA THR A 377 9.23 13.13 -35.41
C THR A 377 8.24 14.27 -35.54
N ASN A 378 7.17 14.09 -36.32
CA ASN A 378 6.27 15.18 -36.67
C ASN A 378 7.07 16.39 -37.18
N ALA A 379 8.12 16.10 -37.93
CA ALA A 379 9.01 17.13 -38.44
C ALA A 379 8.44 17.73 -39.73
N GLY A 380 9.07 18.83 -40.16
CA GLY A 380 8.61 19.53 -41.36
C GLY A 380 8.98 18.78 -42.63
N VAL A 381 8.03 18.76 -43.57
CA VAL A 381 8.20 18.01 -44.82
C VAL A 381 9.18 18.75 -45.70
N PRO A 382 10.35 18.18 -46.01
CA PRO A 382 11.33 18.93 -46.79
C PRO A 382 10.79 19.24 -48.17
N ASN A 383 11.38 20.26 -48.82
CA ASN A 383 10.92 20.68 -50.14
C ASN A 383 10.95 19.52 -51.12
N ASP A 384 12.08 18.80 -51.20
CA ASP A 384 12.19 17.61 -52.04
C ASP A 384 11.09 16.57 -51.78
N PHE A 385 10.46 16.57 -50.61
CA PHE A 385 9.36 15.63 -50.33
C PHE A 385 8.05 16.14 -50.93
N VAL A 386 7.73 17.42 -50.72
CA VAL A 386 6.50 17.99 -51.26
C VAL A 386 6.55 18.05 -52.78
N VAL A 387 7.75 18.12 -53.35
CA VAL A 387 7.93 17.98 -54.79
C VAL A 387 7.57 16.57 -55.26
N ARG A 388 8.13 15.54 -54.63
CA ARG A 388 7.85 14.18 -55.07
C ARG A 388 6.35 13.93 -55.10
N VAL A 389 5.67 14.29 -53.99
CA VAL A 389 4.25 13.98 -53.77
C VAL A 389 3.38 14.56 -54.88
N ALA A 390 3.57 15.85 -55.19
CA ALA A 390 2.76 16.46 -56.25
C ALA A 390 2.94 15.73 -57.58
N THR A 391 4.17 15.30 -57.91
CA THR A 391 4.41 14.60 -59.17
C THR A 391 3.74 13.23 -59.19
N ALA A 392 3.88 12.46 -58.10
CA ALA A 392 3.31 11.11 -58.07
C ALA A 392 1.79 11.16 -58.09
N MET A 393 1.20 12.29 -57.64
CA MET A 393 -0.24 12.54 -57.58
C MET A 393 -0.79 13.28 -58.83
N GLY A 394 0.07 13.77 -59.72
CA GLY A 394 -0.42 14.38 -60.94
C GLY A 394 -0.95 15.79 -60.79
N VAL A 395 -0.46 16.56 -59.82
CA VAL A 395 -0.88 17.95 -59.65
C VAL A 395 0.28 18.94 -59.65
N PRO A 396 0.04 20.26 -59.75
CA PRO A 396 1.15 21.22 -59.66
C PRO A 396 1.86 21.18 -58.31
N PHE A 397 3.14 21.55 -58.31
CA PHE A 397 3.83 21.71 -57.04
C PHE A 397 3.35 22.94 -56.29
N GLU A 398 3.00 24.00 -57.03
CA GLU A 398 2.88 25.34 -56.44
C GLU A 398 1.80 25.45 -55.35
N PRO A 399 0.58 24.96 -55.54
CA PRO A 399 -0.42 25.10 -54.46
C PRO A 399 0.01 24.44 -53.15
N LEU A 400 0.93 23.46 -53.20
CA LEU A 400 1.35 22.71 -52.03
C LEU A 400 2.61 23.28 -51.36
N ALA A 401 3.30 24.20 -52.04
CA ALA A 401 4.50 24.80 -51.48
C ALA A 401 4.32 25.39 -50.09
N PRO A 402 3.16 25.98 -49.73
CA PRO A 402 2.97 26.45 -48.35
C PRO A 402 3.02 25.36 -47.28
N PHE A 403 2.88 24.09 -47.66
CA PHE A 403 2.97 23.00 -46.70
C PHE A 403 4.41 22.54 -46.47
N VAL A 404 5.33 22.95 -47.35
CA VAL A 404 6.75 22.67 -47.16
C VAL A 404 7.18 23.24 -45.82
N GLY A 405 7.76 22.40 -44.97
CA GLY A 405 8.22 22.81 -43.67
C GLY A 405 7.25 22.53 -42.53
N GLN A 406 5.96 22.42 -42.81
CA GLN A 406 4.98 22.13 -41.78
C GLN A 406 5.02 20.66 -41.42
N PRO A 407 4.40 20.28 -40.31
CA PRO A 407 4.27 18.84 -40.01
C PRO A 407 3.63 18.08 -41.16
N LEU A 408 4.05 16.83 -41.32
CA LEU A 408 3.46 15.98 -42.34
C LEU A 408 1.97 15.76 -42.06
N ARG A 409 1.60 15.59 -40.79
CA ARG A 409 0.18 15.45 -40.46
C ARG A 409 -0.61 16.64 -40.96
N SER A 410 -0.08 17.85 -40.79
CA SER A 410 -0.70 19.05 -41.36
C SER A 410 -0.76 18.95 -42.88
N PHE A 411 0.40 18.82 -43.54
CA PHE A 411 0.41 18.68 -44.99
C PHE A 411 -0.64 17.67 -45.45
N TYR A 412 -0.63 16.51 -44.82
CA TYR A 412 -1.54 15.45 -45.26
C TYR A 412 -2.99 15.83 -45.01
N GLN A 413 -3.36 16.20 -43.78
CA GLN A 413 -4.78 16.39 -43.52
C GLN A 413 -5.31 17.71 -44.08
N GLN A 414 -4.46 18.69 -44.38
CA GLN A 414 -4.93 19.90 -45.04
C GLN A 414 -4.97 19.76 -46.56
N ALA A 415 -3.88 19.27 -47.17
CA ALA A 415 -3.84 19.18 -48.63
C ALA A 415 -4.70 18.03 -49.11
N ILE A 416 -4.57 16.85 -48.52
CA ILE A 416 -5.24 15.67 -49.02
C ILE A 416 -6.63 15.57 -48.39
N CYS A 417 -6.73 15.57 -47.04
CA CYS A 417 -8.01 15.25 -46.41
C CYS A 417 -9.00 16.39 -46.53
N GLY A 418 -8.51 17.65 -46.65
CA GLY A 418 -9.32 18.82 -46.96
C GLY A 418 -9.58 19.03 -48.44
N GLY A 419 -9.05 18.13 -49.26
CA GLY A 419 -9.41 18.06 -50.66
C GLY A 419 -8.66 18.97 -51.60
N LEU A 420 -7.48 19.43 -51.23
CA LEU A 420 -6.75 20.31 -52.16
C LEU A 420 -6.23 19.51 -53.36
N VAL A 421 -5.66 18.33 -53.13
CA VAL A 421 -5.17 17.54 -54.26
C VAL A 421 -6.33 16.99 -55.06
N PHE A 422 -7.49 16.78 -54.40
CA PHE A 422 -8.72 16.33 -55.04
C PHE A 422 -9.23 17.33 -56.08
N GLN A 423 -9.27 18.61 -55.70
CA GLN A 423 -9.63 19.64 -56.67
C GLN A 423 -8.63 19.67 -57.81
N LEU A 424 -7.33 19.75 -57.47
CA LEU A 424 -6.30 19.91 -58.50
C LEU A 424 -6.29 18.77 -59.51
N SER A 425 -6.79 17.60 -59.16
CA SER A 425 -6.77 16.44 -60.05
C SER A 425 -8.11 16.19 -60.72
N ASP A 426 -9.03 17.14 -60.59
CA ASP A 426 -10.36 17.02 -61.18
C ASP A 426 -11.08 15.80 -60.61
N GLY A 427 -10.87 15.54 -59.31
CA GLY A 427 -11.54 14.47 -58.60
C GLY A 427 -11.02 13.07 -58.84
N SER A 428 -9.86 12.91 -59.45
CA SER A 428 -9.33 11.57 -59.69
C SER A 428 -8.55 11.04 -58.50
N ARG A 429 -7.90 11.91 -57.74
CA ARG A 429 -7.18 11.51 -56.52
C ARG A 429 -8.13 11.57 -55.34
N LEU A 430 -8.73 10.43 -55.03
CA LEU A 430 -9.81 10.39 -54.06
C LEU A 430 -9.31 10.49 -52.63
N VAL A 431 -10.11 11.14 -51.81
CA VAL A 431 -9.83 11.27 -50.40
C VAL A 431 -10.14 9.95 -49.72
N ARG A 432 -9.28 9.58 -48.76
CA ARG A 432 -9.49 8.36 -48.00
C ARG A 432 -10.45 8.58 -46.83
N THR A 433 -10.47 9.78 -46.27
CA THR A 433 -11.49 10.13 -45.29
C THR A 433 -12.87 10.04 -45.92
N VAL A 434 -13.74 9.23 -45.31
CA VAL A 434 -15.10 9.05 -45.76
C VAL A 434 -15.89 10.34 -45.53
N VAL A 435 -16.60 10.80 -46.54
CA VAL A 435 -17.41 12.00 -46.43
C VAL A 435 -18.85 11.67 -46.81
N PRO A 436 -19.74 11.54 -45.86
CA PRO A 436 -21.11 11.13 -46.17
C PRO A 436 -21.92 12.24 -46.80
N MET A 437 -22.97 11.83 -47.49
CA MET A 437 -24.01 12.73 -47.98
C MET A 437 -24.86 13.30 -46.86
N ALA A 438 -25.28 14.56 -47.03
CA ALA A 438 -26.10 15.19 -45.99
C ALA A 438 -27.32 14.36 -45.68
N PHE A 439 -27.94 13.73 -46.70
CA PHE A 439 -29.16 12.98 -46.39
C PHE A 439 -28.87 11.72 -45.56
N GLN A 440 -27.62 11.20 -45.59
CA GLN A 440 -27.30 10.10 -44.69
C GLN A 440 -27.09 10.58 -43.26
N SER A 441 -26.33 11.68 -43.14
CA SER A 441 -26.09 12.26 -41.83
C SER A 441 -27.37 12.62 -41.15
N ALA A 442 -28.28 13.27 -41.88
CA ALA A 442 -29.53 13.69 -41.29
C ALA A 442 -30.37 12.50 -40.87
N LEU A 443 -30.47 11.48 -41.71
CA LEU A 443 -31.32 10.36 -41.33
C LEU A 443 -30.76 9.62 -40.10
N ALA A 444 -29.42 9.45 -40.06
CA ALA A 444 -28.81 8.77 -38.92
C ALA A 444 -29.09 9.52 -37.63
N GLY A 445 -29.09 10.83 -37.67
CA GLY A 445 -29.37 11.60 -36.48
C GLY A 445 -30.82 11.56 -36.11
N ILE A 446 -31.72 11.65 -37.09
CA ILE A 446 -33.13 11.42 -36.78
C ILE A 446 -33.29 10.09 -36.04
N MET A 447 -32.65 9.04 -36.55
CA MET A 447 -32.87 7.72 -35.95
C MET A 447 -32.27 7.67 -34.55
N LEU A 448 -31.26 8.50 -34.30
CA LEU A 448 -30.64 8.52 -32.99
C LEU A 448 -31.55 9.22 -31.99
N ALA A 449 -32.12 10.35 -32.37
CA ALA A 449 -33.11 10.97 -31.51
C ALA A 449 -34.34 10.09 -31.36
N ALA A 450 -34.74 9.37 -32.40
CA ALA A 450 -35.80 8.40 -32.20
C ALA A 450 -35.44 7.35 -31.14
N GLU A 451 -34.25 6.78 -31.18
CA GLU A 451 -33.92 5.74 -30.21
C GLU A 451 -33.88 6.29 -28.78
N LEU A 452 -33.25 7.44 -28.58
CA LEU A 452 -33.17 8.04 -27.25
C LEU A 452 -34.56 8.30 -26.71
N VAL A 453 -35.42 8.87 -27.54
CA VAL A 453 -36.79 9.14 -27.14
C VAL A 453 -37.53 7.84 -26.81
N LYS A 454 -37.45 6.85 -27.72
CA LYS A 454 -38.17 5.59 -27.49
C LYS A 454 -37.65 4.91 -26.25
N HIS A 455 -36.34 4.90 -26.09
CA HIS A 455 -35.77 4.32 -24.89
C HIS A 455 -36.30 5.04 -23.66
N SER A 456 -36.32 6.36 -23.69
CA SER A 456 -36.65 7.03 -22.47
C SER A 456 -38.12 6.95 -22.13
N ALA A 457 -38.99 6.69 -23.12
CA ALA A 457 -40.40 6.39 -22.86
C ALA A 457 -40.60 4.98 -22.37
N GLY A 458 -39.52 4.18 -22.31
CA GLY A 458 -39.66 2.81 -21.85
C GLY A 458 -40.15 1.79 -22.86
N PHE A 459 -40.08 2.04 -24.15
CA PHE A 459 -40.59 1.06 -25.09
C PHE A 459 -39.69 -0.16 -25.11
N PRO A 460 -40.24 -1.32 -25.48
CA PRO A 460 -39.43 -2.54 -25.51
C PRO A 460 -38.43 -2.34 -26.60
N MET A 461 -37.22 -2.79 -26.40
CA MET A 461 -36.23 -2.27 -27.33
C MET A 461 -36.13 -3.21 -28.54
N SER A 462 -35.25 -2.83 -29.46
CA SER A 462 -35.18 -3.49 -30.75
C SER A 462 -34.90 -4.99 -30.61
N PRO A 463 -35.50 -5.79 -31.50
CA PRO A 463 -35.17 -7.22 -31.47
C PRO A 463 -33.70 -7.46 -31.83
N THR A 464 -33.09 -6.56 -32.61
CA THR A 464 -31.69 -6.67 -32.95
C THR A 464 -30.84 -5.49 -32.44
N THR A 465 -29.54 -5.73 -32.44
CA THR A 465 -28.61 -4.74 -31.93
C THR A 465 -28.67 -3.47 -32.74
N SER A 466 -28.76 -3.59 -34.05
CA SER A 466 -28.59 -2.44 -34.91
C SER A 466 -29.62 -2.41 -36.03
N THR A 467 -29.81 -1.21 -36.57
CA THR A 467 -30.75 -0.93 -37.65
C THR A 467 -29.96 -0.17 -38.69
N ARG A 468 -30.05 -0.61 -39.94
CA ARG A 468 -29.29 -0.06 -41.04
C ARG A 468 -30.15 0.32 -42.23
N VAL A 469 -29.63 1.29 -43.00
CA VAL A 469 -30.29 1.89 -44.13
C VAL A 469 -29.23 2.24 -45.16
N ASN A 470 -29.47 1.86 -46.41
CA ASN A 470 -28.62 2.30 -47.53
C ASN A 470 -29.45 3.25 -48.41
N LEU A 471 -29.18 4.56 -48.26
CA LEU A 471 -29.89 5.56 -49.05
C LEU A 471 -29.40 5.65 -50.49
N LEU A 472 -28.29 4.98 -50.82
CA LEU A 472 -27.82 4.90 -52.21
C LEU A 472 -28.43 3.74 -52.96
N ARG A 473 -29.51 3.15 -52.45
CA ARG A 473 -30.21 2.08 -53.14
C ARG A 473 -31.68 2.15 -52.76
N PRO A 474 -32.52 1.37 -53.40
CA PRO A 474 -33.91 1.28 -52.92
C PRO A 474 -33.94 0.75 -51.50
N LEU A 475 -34.77 1.36 -50.68
CA LEU A 475 -34.83 0.97 -49.28
C LEU A 475 -35.01 -0.54 -49.14
N GLY A 476 -34.34 -1.11 -48.15
CA GLY A 476 -34.36 -2.53 -47.97
C GLY A 476 -35.67 -3.05 -47.40
N SER A 477 -35.93 -4.29 -47.69
CA SER A 477 -37.08 -4.92 -47.07
C SER A 477 -36.82 -5.34 -45.62
N HIS A 478 -35.55 -5.41 -45.20
CA HIS A 478 -35.25 -5.89 -43.86
C HIS A 478 -34.07 -5.09 -43.30
N LEU A 479 -34.41 -4.07 -42.52
CA LEU A 479 -33.45 -3.15 -41.95
C LEU A 479 -32.83 -3.61 -40.64
N HIS A 480 -33.35 -4.64 -40.01
CA HIS A 480 -32.79 -5.06 -38.74
C HIS A 480 -31.53 -5.84 -39.00
N ASP A 481 -30.51 -5.59 -38.18
CA ASP A 481 -29.21 -6.23 -38.33
C ASP A 481 -28.80 -6.81 -36.99
N PRO A 482 -28.84 -8.13 -36.86
CA PRO A 482 -28.37 -8.77 -35.65
C PRO A 482 -26.86 -8.66 -35.49
N LYS A 483 -26.42 -8.57 -34.23
CA LYS A 483 -25.00 -8.64 -33.91
C LYS A 483 -24.84 -9.45 -32.63
N ALA A 484 -23.99 -10.46 -32.70
CA ALA A 484 -23.70 -11.31 -31.55
C ALA A 484 -22.65 -10.66 -30.70
N LYS A 485 -22.77 -10.85 -29.38
CA LYS A 485 -21.67 -10.52 -28.48
C LYS A 485 -20.37 -11.11 -28.99
N ASP A 486 -19.30 -10.32 -28.89
CA ASP A 486 -17.96 -10.86 -29.11
C ASP A 486 -17.76 -12.10 -28.24
N SER A 487 -17.24 -13.16 -28.88
CA SER A 487 -16.92 -14.38 -28.15
C SER A 487 -15.42 -14.67 -28.10
N SER A 488 -14.59 -13.68 -28.41
CA SER A 488 -13.16 -13.95 -28.35
C SER A 488 -12.68 -14.05 -26.92
N GLY A 489 -13.38 -13.42 -25.99
CA GLY A 489 -12.88 -13.26 -24.64
C GLY A 489 -12.18 -11.94 -24.40
N ARG A 490 -12.05 -11.10 -25.43
CA ARG A 490 -11.20 -9.93 -25.33
C ARG A 490 -11.99 -8.63 -25.26
N CYS A 491 -13.30 -8.70 -25.43
CA CYS A 491 -14.11 -7.50 -25.33
C CYS A 491 -14.43 -7.24 -23.85
N ILE A 492 -14.53 -5.97 -23.48
CA ILE A 492 -14.74 -5.70 -22.08
C ILE A 492 -16.10 -6.21 -21.59
N CYS A 493 -17.06 -6.44 -22.48
CA CYS A 493 -18.32 -7.01 -21.95
C CYS A 493 -18.13 -8.44 -21.47
N SER A 494 -16.96 -9.01 -21.67
CA SER A 494 -16.61 -10.27 -21.05
C SER A 494 -15.88 -10.10 -19.72
N ASP A 495 -15.53 -8.89 -19.34
CA ASP A 495 -14.69 -8.65 -18.18
C ASP A 495 -15.52 -8.52 -16.91
N GLU A 496 -15.23 -9.38 -15.92
CA GLU A 496 -16.01 -9.37 -14.66
C GLU A 496 -15.84 -8.07 -13.90
N ASP A 497 -14.68 -7.42 -13.97
CA ASP A 497 -14.56 -6.10 -13.38
C ASP A 497 -15.51 -5.08 -14.04
N PHE A 498 -15.59 -5.08 -15.38
CA PHE A 498 -16.47 -4.12 -16.05
C PHE A 498 -17.93 -4.44 -15.72
N ILE A 499 -18.26 -5.72 -15.68
CA ILE A 499 -19.61 -6.12 -15.32
C ILE A 499 -19.92 -5.70 -13.90
N SER A 500 -18.97 -5.91 -12.95
CA SER A 500 -19.20 -5.47 -11.59
C SER A 500 -19.40 -3.95 -11.50
N ALA A 501 -18.55 -3.18 -12.18
CA ALA A 501 -18.68 -1.74 -12.10
C ALA A 501 -20.03 -1.28 -12.62
N TYR A 502 -20.55 -1.98 -13.65
CA TYR A 502 -21.88 -1.67 -14.17
C TYR A 502 -22.97 -1.99 -13.15
N ARG A 503 -22.97 -3.22 -12.57
CA ARG A 503 -24.03 -3.57 -11.62
C ARG A 503 -23.96 -2.70 -10.38
N ARG A 504 -22.80 -2.23 -9.99
CA ARG A 504 -22.73 -1.35 -8.84
C ARG A 504 -23.51 -0.08 -9.09
N LYS A 505 -23.44 0.44 -10.29
CA LYS A 505 -24.08 1.72 -10.58
C LYS A 505 -25.56 1.54 -10.86
N TYR A 506 -25.93 0.45 -11.54
CA TYR A 506 -27.26 0.30 -12.03
C TYR A 506 -28.01 -0.92 -11.52
N ALA B 2 40.11 -26.04 58.02
CA ALA B 2 38.66 -25.94 57.93
C ALA B 2 38.07 -24.73 57.20
N LEU B 3 38.88 -23.86 56.59
CA LEU B 3 38.35 -22.87 55.66
C LEU B 3 37.74 -23.53 54.43
N ALA B 4 36.67 -22.95 53.90
CA ALA B 4 35.98 -23.54 52.74
C ALA B 4 36.82 -23.46 51.48
N ASN B 5 36.61 -24.42 50.57
CA ASN B 5 37.20 -24.34 49.23
C ASN B 5 36.73 -23.09 48.45
N PHE B 6 35.64 -22.47 48.86
CA PHE B 6 35.17 -21.25 48.23
C PHE B 6 35.51 -20.00 49.02
N ILE B 7 36.48 -20.08 49.92
CA ILE B 7 36.74 -19.02 50.86
C ILE B 7 37.26 -17.75 50.18
N ASP B 8 38.04 -17.89 49.10
CA ASP B 8 38.55 -16.68 48.41
C ASP B 8 37.42 -15.76 47.94
N ARG B 9 36.31 -16.33 47.49
CA ARG B 9 35.13 -15.54 47.16
C ARG B 9 34.55 -14.88 48.39
N ALA B 10 34.57 -15.55 49.55
CA ALA B 10 34.14 -14.87 50.77
C ALA B 10 35.14 -13.79 51.19
N ALA B 11 36.41 -13.99 50.93
CA ALA B 11 37.40 -12.94 51.12
C ALA B 11 37.21 -11.79 50.13
N THR B 12 36.85 -12.10 48.87
CA THR B 12 36.52 -11.00 47.97
C THR B 12 35.40 -10.14 48.56
N ALA B 13 34.36 -10.79 49.12
CA ALA B 13 33.27 -10.03 49.74
C ALA B 13 33.76 -9.20 50.92
N ALA B 14 34.42 -9.83 51.89
CA ALA B 14 34.91 -9.08 53.05
C ALA B 14 35.73 -7.86 52.62
N SER B 15 36.68 -8.04 51.69
CA SER B 15 37.56 -6.97 51.26
C SER B 15 36.80 -5.71 50.84
N GLN B 16 35.54 -5.82 50.45
CA GLN B 16 34.74 -4.66 50.06
C GLN B 16 34.11 -3.94 51.25
N VAL B 17 33.98 -4.59 52.40
CA VAL B 17 33.42 -3.93 53.57
C VAL B 17 34.43 -3.63 54.65
N LEU B 18 35.56 -4.35 54.72
CA LEU B 18 36.54 -4.15 55.78
C LEU B 18 37.56 -3.06 55.42
N THR B 19 37.85 -2.21 56.38
CA THR B 19 38.92 -1.26 56.21
C THR B 19 40.28 -1.94 56.42
N ASP B 20 41.29 -1.41 55.73
CA ASP B 20 42.65 -1.96 55.70
C ASP B 20 42.67 -3.47 55.53
N PHE B 21 41.91 -3.99 54.57
CA PHE B 21 41.82 -5.42 54.36
C PHE B 21 43.17 -5.97 53.94
N HIS B 22 43.50 -7.17 54.41
CA HIS B 22 44.68 -7.91 53.97
C HIS B 22 44.33 -9.40 53.97
N LEU B 23 44.40 -10.05 52.80
CA LEU B 23 43.93 -11.43 52.68
C LEU B 23 44.52 -12.33 53.77
N GLY B 24 45.83 -12.28 53.97
CA GLY B 24 46.45 -13.20 54.91
C GLY B 24 45.94 -13.03 56.33
N ASP B 25 45.97 -11.79 56.84
CA ASP B 25 45.32 -11.47 58.12
C ASP B 25 43.89 -12.02 58.17
N PHE B 26 43.08 -11.69 57.18
CA PHE B 26 41.69 -12.10 57.17
C PHE B 26 41.53 -13.58 57.35
N LYS B 27 42.20 -14.39 56.53
CA LYS B 27 42.03 -15.83 56.73
C LYS B 27 42.50 -16.27 58.11
N ALA B 28 43.58 -15.64 58.60
CA ALA B 28 44.05 -15.97 59.96
C ALA B 28 43.01 -15.56 61.01
N ALA B 29 42.31 -14.45 60.76
CA ALA B 29 41.32 -13.99 61.73
C ALA B 29 40.18 -14.99 61.83
N LEU B 30 39.80 -15.58 60.68
CA LEU B 30 38.74 -16.58 60.68
C LEU B 30 39.19 -17.83 61.43
N GLU B 31 40.43 -18.25 61.22
CA GLU B 31 40.89 -19.49 61.85
C GLU B 31 40.99 -19.37 63.35
N LYS B 32 41.09 -18.16 63.89
CA LYS B 32 41.06 -18.00 65.34
C LYS B 32 39.64 -17.98 65.87
N GLN B 33 38.63 -18.04 65.03
CA GLN B 33 37.28 -17.92 65.56
C GLN B 33 36.64 -19.30 65.81
N VAL B 34 35.67 -19.31 66.72
CA VAL B 34 34.80 -20.47 66.95
C VAL B 34 33.43 -19.85 67.14
N VAL B 35 32.56 -20.00 66.14
CA VAL B 35 31.26 -19.32 66.16
C VAL B 35 30.20 -20.29 66.62
N ALA B 36 29.51 -19.97 67.69
CA ALA B 36 28.67 -20.95 68.35
C ALA B 36 27.21 -20.71 67.99
N VAL B 37 26.51 -21.81 67.73
CA VAL B 37 25.07 -21.86 67.57
C VAL B 37 24.50 -22.72 68.71
N ALA B 38 23.83 -22.07 69.66
CA ALA B 38 23.23 -22.76 70.79
C ALA B 38 21.70 -22.68 70.78
N PHE B 39 21.07 -23.74 71.31
CA PHE B 39 19.64 -23.89 71.16
C PHE B 39 19.12 -24.95 72.11
N ASP B 40 17.86 -24.78 72.50
CA ASP B 40 17.22 -25.62 73.48
C ASP B 40 15.94 -26.25 72.99
N ASP B 41 15.18 -26.84 73.93
CA ASP B 41 13.95 -27.55 73.58
C ASP B 41 12.89 -26.61 73.02
N GLN B 42 12.85 -25.36 73.45
CA GLN B 42 11.91 -24.40 72.85
C GLN B 42 12.20 -24.18 71.36
N ALA B 43 13.47 -24.15 70.98
CA ALA B 43 13.75 -23.81 69.58
C ALA B 43 13.48 -24.99 68.66
N ILE B 44 13.95 -26.18 69.02
CA ILE B 44 13.84 -27.32 68.11
C ILE B 44 12.43 -27.88 68.03
N SER B 45 11.54 -27.41 68.89
CA SER B 45 10.20 -27.97 68.99
C SER B 45 9.17 -27.27 68.12
N CYS B 46 9.52 -26.17 67.46
CA CYS B 46 8.60 -25.43 66.65
C CYS B 46 9.21 -25.16 65.28
N ALA B 47 8.34 -24.77 64.36
CA ALA B 47 8.78 -24.56 62.99
C ALA B 47 9.62 -23.30 62.87
N GLU B 48 9.32 -22.28 63.67
CA GLU B 48 10.06 -21.03 63.60
C GLU B 48 11.48 -21.24 64.11
N GLY B 49 11.64 -21.94 65.24
CA GLY B 49 12.96 -22.18 65.79
C GLY B 49 13.85 -23.02 64.90
N GLN B 50 13.28 -24.07 64.31
CA GLN B 50 14.02 -24.90 63.36
C GLN B 50 14.44 -24.10 62.14
N ALA B 51 13.54 -23.28 61.64
CA ALA B 51 13.89 -22.45 60.50
C ALA B 51 15.04 -21.51 60.81
N THR B 52 14.94 -20.81 61.95
CA THR B 52 16.02 -19.93 62.39
C THR B 52 17.35 -20.68 62.50
N LEU B 53 17.35 -21.88 63.09
CA LEU B 53 18.58 -22.66 63.18
C LEU B 53 19.09 -23.02 61.78
N ASP B 54 18.19 -23.55 60.95
CA ASP B 54 18.55 -23.96 59.60
C ASP B 54 19.30 -22.88 58.85
N LEU B 55 18.73 -21.68 58.81
CA LEU B 55 19.32 -20.62 58.00
C LEU B 55 20.61 -20.11 58.63
N ALA B 56 20.62 -19.93 59.95
CA ALA B 56 21.83 -19.53 60.65
C ALA B 56 23.00 -20.45 60.32
N VAL B 57 22.81 -21.75 60.40
CA VAL B 57 23.94 -22.62 60.07
C VAL B 57 24.28 -22.43 58.59
N ARG B 58 23.28 -22.33 57.75
CA ARG B 58 23.54 -22.12 56.32
C ARG B 58 24.35 -20.87 56.07
N LEU B 59 24.14 -19.83 56.86
CA LEU B 59 24.94 -18.61 56.67
C LEU B 59 26.36 -18.75 57.22
N LEU B 60 26.49 -19.25 58.43
CA LEU B 60 27.77 -19.20 59.12
C LEU B 60 28.76 -20.19 58.54
N ALA B 61 28.25 -21.31 58.05
CA ALA B 61 29.08 -22.32 57.40
C ALA B 61 29.65 -21.81 56.10
N ARG B 62 29.14 -20.69 55.59
CA ARG B 62 29.66 -20.15 54.34
C ARG B 62 30.82 -19.17 54.53
N LEU B 63 31.29 -19.01 55.76
CA LEU B 63 32.35 -18.08 56.09
C LEU B 63 33.27 -18.65 57.17
N TYR B 64 32.73 -19.18 58.31
CA TYR B 64 33.59 -19.46 59.49
C TYR B 64 34.11 -20.89 59.47
N PRO B 65 35.42 -21.06 59.58
CA PRO B 65 35.99 -22.41 59.48
C PRO B 65 35.73 -23.32 60.68
N VAL B 66 35.26 -22.77 61.80
CA VAL B 66 34.99 -23.60 62.98
C VAL B 66 33.65 -23.17 63.56
N LEU B 67 32.70 -24.08 63.65
CA LEU B 67 31.47 -23.86 64.39
C LEU B 67 31.41 -24.71 65.65
N ALA B 68 30.79 -24.18 66.70
CA ALA B 68 30.38 -24.99 67.84
C ALA B 68 28.86 -25.10 67.79
N ILE B 69 28.35 -26.32 67.72
CA ILE B 69 26.92 -26.62 67.76
C ILE B 69 26.59 -27.03 69.18
N LEU B 70 25.83 -26.20 69.90
CA LEU B 70 25.58 -26.42 71.33
C LEU B 70 24.12 -26.70 71.65
N PRO B 71 23.68 -27.95 71.57
CA PRO B 71 22.42 -28.31 72.23
C PRO B 71 22.54 -28.04 73.73
N LEU B 72 21.52 -27.40 74.28
CA LEU B 72 21.51 -27.02 75.68
C LEU B 72 20.70 -27.96 76.54
N ASP B 73 20.03 -28.93 75.93
CA ASP B 73 19.41 -30.02 76.67
C ASP B 73 19.40 -31.26 75.79
N SER B 74 18.93 -32.35 76.36
CA SER B 74 18.94 -33.63 75.66
C SER B 74 17.94 -33.64 74.52
N ALA B 75 16.90 -32.82 74.57
CA ALA B 75 15.94 -32.79 73.47
C ALA B 75 16.61 -32.27 72.20
N ALA B 76 17.43 -31.23 72.35
CA ALA B 76 18.08 -30.55 71.24
C ALA B 76 19.20 -31.36 70.62
N SER B 77 19.47 -32.55 71.15
CA SER B 77 20.56 -33.36 70.63
C SER B 77 20.24 -33.95 69.27
N SER B 78 18.95 -34.20 68.97
CA SER B 78 18.60 -34.68 67.64
C SER B 78 18.81 -33.60 66.59
N GLN B 79 18.34 -32.39 66.86
CA GLN B 79 18.61 -31.30 65.92
C GLN B 79 20.11 -31.05 65.77
N ALA B 80 20.90 -31.32 66.81
CA ALA B 80 22.33 -31.03 66.72
C ALA B 80 22.97 -31.85 65.61
N GLN B 81 22.76 -33.16 65.61
CA GLN B 81 23.38 -33.98 64.58
C GLN B 81 22.99 -33.46 63.21
N ALA B 82 21.72 -33.10 63.02
CA ALA B 82 21.28 -32.60 61.72
C ALA B 82 21.97 -31.30 61.37
N LEU B 83 22.22 -30.43 62.37
CA LEU B 83 22.89 -29.18 62.06
C LEU B 83 24.35 -29.41 61.69
N GLU B 84 25.04 -30.30 62.41
CA GLU B 84 26.40 -30.66 62.01
C GLU B 84 26.42 -31.17 60.56
N ARG B 85 25.41 -31.97 60.19
CA ARG B 85 25.36 -32.52 58.83
C ARG B 85 25.09 -31.43 57.79
N LEU B 86 24.26 -30.45 58.14
CA LEU B 86 24.06 -29.31 57.24
C LEU B 86 25.36 -28.51 57.07
N ALA B 87 26.04 -28.19 58.16
CA ALA B 87 27.29 -27.45 58.05
C ALA B 87 28.33 -28.22 57.23
N LYS B 88 28.41 -29.53 57.40
CA LYS B 88 29.37 -30.27 56.60
C LYS B 88 28.96 -30.41 55.13
N SER B 89 27.66 -30.30 54.83
CA SER B 89 27.20 -30.40 53.45
C SER B 89 27.61 -29.19 52.64
N ILE B 90 27.83 -28.06 53.32
CA ILE B 90 28.29 -26.83 52.74
C ILE B 90 29.80 -26.74 52.69
N ASN B 91 30.50 -27.19 53.75
CA ASN B 91 31.96 -27.25 53.80
C ASN B 91 32.37 -28.54 54.49
N ARG B 92 32.79 -29.55 53.72
CA ARG B 92 33.00 -30.88 54.31
C ARG B 92 34.11 -30.86 55.35
N LYS B 93 35.06 -29.92 55.24
CA LYS B 93 36.18 -29.79 56.16
C LYS B 93 35.92 -28.80 57.27
N ILE B 94 34.66 -28.42 57.47
CA ILE B 94 34.42 -27.45 58.52
C ILE B 94 34.72 -28.10 59.88
N GLY B 95 35.10 -27.27 60.83
CA GLY B 95 35.41 -27.73 62.16
C GLY B 95 34.14 -27.65 62.98
N ILE B 96 33.91 -28.70 63.80
CA ILE B 96 32.72 -28.80 64.62
C ILE B 96 33.14 -29.02 66.07
N ARG B 97 32.79 -28.07 66.93
CA ARG B 97 33.04 -28.18 68.37
C ARG B 97 31.70 -28.47 69.02
N ARG B 98 31.71 -29.28 70.07
CA ARG B 98 30.50 -29.60 70.85
C ARG B 98 30.53 -28.88 72.19
N SER B 99 31.46 -27.98 72.39
CA SER B 99 31.64 -27.25 73.63
C SER B 99 31.74 -25.78 73.29
N GLY B 100 31.36 -24.94 74.25
CA GLY B 100 31.48 -23.51 74.10
C GLY B 100 32.68 -22.92 74.78
N LYS B 101 33.52 -23.74 75.43
CA LYS B 101 34.69 -23.23 76.17
C LYS B 101 35.52 -22.28 75.31
N SER B 102 35.45 -22.41 74.01
CA SER B 102 36.32 -21.68 73.11
C SER B 102 35.60 -20.66 72.24
N ALA B 103 34.29 -20.49 72.42
CA ALA B 103 33.54 -19.63 71.55
C ALA B 103 34.09 -18.20 71.56
N THR B 104 34.19 -17.61 70.36
CA THR B 104 34.45 -16.18 70.23
C THR B 104 33.18 -15.37 70.05
N VAL B 105 32.08 -16.02 69.71
CA VAL B 105 30.82 -15.33 69.50
C VAL B 105 29.76 -16.43 69.40
N CYS B 106 28.57 -16.17 69.93
CA CYS B 106 27.52 -17.17 70.01
C CYS B 106 26.19 -16.59 69.54
N LEU B 107 25.41 -17.39 68.83
CA LEU B 107 24.03 -17.10 68.56
C LEU B 107 23.19 -18.13 69.31
N VAL B 108 22.09 -17.67 69.92
CA VAL B 108 21.21 -18.52 70.72
C VAL B 108 19.79 -18.42 70.19
N ALA B 109 19.18 -19.56 69.90
CA ALA B 109 17.74 -19.67 69.67
C ALA B 109 17.10 -20.30 70.88
N GLY B 110 15.86 -19.91 71.18
CA GLY B 110 15.12 -20.55 72.24
C GLY B 110 15.03 -19.72 73.49
N ALA B 111 14.92 -20.37 74.65
CA ALA B 111 14.70 -19.69 75.92
C ALA B 111 15.86 -19.81 76.89
N THR B 112 16.75 -20.77 76.70
CA THR B 112 17.82 -21.02 77.63
C THR B 112 19.01 -20.12 77.30
N ARG B 113 19.77 -19.72 78.40
CA ARG B 113 20.99 -18.95 78.20
C ARG B 113 22.19 -19.87 78.18
N PRO B 114 23.11 -19.71 77.22
CA PRO B 114 24.23 -20.66 77.16
C PRO B 114 25.27 -20.47 78.26
N SER B 115 25.29 -19.33 78.91
CA SER B 115 26.29 -18.96 79.90
C SER B 115 27.72 -19.10 79.35
N LEU B 116 28.09 -18.13 78.51
CA LEU B 116 29.41 -18.07 77.92
C LEU B 116 30.02 -16.69 78.12
N ARG B 117 31.34 -16.64 78.05
CA ARG B 117 32.01 -15.36 78.20
C ARG B 117 32.13 -14.60 76.90
N CYS B 118 31.67 -15.14 75.81
CA CYS B 118 31.81 -14.46 74.53
C CYS B 118 30.56 -13.63 74.20
N PRO B 119 30.68 -12.66 73.30
CA PRO B 119 29.48 -11.92 72.89
C PRO B 119 28.42 -12.90 72.43
N THR B 120 27.17 -12.64 72.84
CA THR B 120 26.07 -13.59 72.65
C THR B 120 24.81 -12.87 72.21
N PHE B 121 24.22 -13.34 71.12
CA PHE B 121 23.03 -12.71 70.56
C PHE B 121 21.89 -13.71 70.60
N PHE B 122 20.84 -13.39 71.34
CA PHE B 122 19.60 -14.16 71.24
C PHE B 122 18.77 -13.71 70.03
N ILE B 123 18.40 -14.66 69.19
CA ILE B 123 17.61 -14.42 68.01
C ILE B 123 16.36 -15.31 68.07
N GLY B 124 15.34 -14.91 67.33
CA GLY B 124 14.08 -15.61 67.37
C GLY B 124 13.00 -14.84 66.62
N SER B 125 11.76 -15.10 66.98
CA SER B 125 10.68 -14.60 66.13
C SER B 125 9.32 -14.84 66.79
N ASP B 126 8.30 -14.35 66.12
CA ASP B 126 6.90 -14.66 66.41
C ASP B 126 6.18 -14.18 65.14
N GLY B 127 5.79 -15.11 64.30
CA GLY B 127 5.09 -14.76 63.07
C GLY B 127 5.96 -13.85 62.21
N TRP B 128 5.40 -12.70 61.86
CA TRP B 128 6.06 -11.80 60.94
C TRP B 128 7.26 -11.10 61.57
N ALA B 129 7.41 -11.16 62.90
CA ALA B 129 8.43 -10.42 63.62
C ALA B 129 9.74 -11.18 63.78
N ALA B 130 10.84 -10.54 63.37
CA ALA B 130 12.19 -11.02 63.61
C ALA B 130 12.73 -10.39 64.88
N LYS B 131 13.31 -11.23 65.76
CA LYS B 131 13.77 -10.80 67.07
C LYS B 131 15.24 -11.11 67.29
N LEU B 132 15.97 -10.13 67.83
CA LEU B 132 17.34 -10.30 68.25
C LEU B 132 17.53 -9.55 69.56
N SER B 133 18.23 -10.16 70.51
CA SER B 133 18.58 -9.43 71.71
C SER B 133 19.98 -9.81 72.19
N ARG B 134 20.76 -8.79 72.58
CA ARG B 134 22.08 -9.01 73.12
C ARG B 134 22.07 -9.34 74.62
N THR B 135 20.94 -9.10 75.32
CA THR B 135 20.88 -9.35 76.75
C THR B 135 19.94 -10.48 77.18
N ASP B 136 18.88 -10.83 76.45
CA ASP B 136 17.95 -11.82 76.95
C ASP B 136 17.37 -12.69 75.86
N PRO B 137 17.07 -13.96 76.18
CA PRO B 137 16.46 -14.83 75.16
C PRO B 137 15.18 -14.19 74.63
N VAL B 138 14.92 -14.36 73.33
CA VAL B 138 13.68 -13.88 72.75
C VAL B 138 12.71 -14.99 72.38
N GLY B 139 13.17 -16.21 72.19
CA GLY B 139 12.27 -17.30 71.92
C GLY B 139 11.70 -17.22 70.50
N SER B 140 11.17 -18.37 70.08
CA SER B 140 10.68 -18.60 68.73
C SER B 140 9.19 -18.91 68.80
N GLY B 141 8.39 -18.28 67.94
CA GLY B 141 6.95 -18.39 68.05
C GLY B 141 6.39 -19.71 67.55
N SER B 142 5.07 -19.76 67.44
CA SER B 142 4.41 -20.99 67.04
C SER B 142 3.77 -20.91 65.67
N SER B 143 4.04 -19.86 64.89
CA SER B 143 3.40 -19.79 63.59
C SER B 143 4.11 -20.73 62.62
N LEU B 144 3.60 -20.78 61.40
CA LEU B 144 4.19 -21.54 60.31
C LEU B 144 4.88 -20.60 59.35
N LEU B 145 5.05 -19.36 59.75
CA LEU B 145 5.68 -18.36 58.92
C LEU B 145 7.20 -18.47 59.03
N PRO B 146 7.87 -18.37 57.92
CA PRO B 146 9.34 -18.39 57.98
C PRO B 146 9.99 -17.01 58.01
N TYR B 147 9.25 -15.94 57.67
CA TYR B 147 9.92 -14.69 57.31
C TYR B 147 10.62 -14.07 58.50
N GLY B 148 9.90 -13.94 59.61
CA GLY B 148 10.54 -13.40 60.82
C GLY B 148 11.69 -14.26 61.35
N ALA B 149 11.45 -15.57 61.46
CA ALA B 149 12.48 -16.51 61.85
C ALA B 149 13.72 -16.46 60.96
N GLY B 150 13.53 -16.35 59.67
CA GLY B 150 14.66 -16.38 58.74
C GLY B 150 15.39 -15.07 58.77
N ALA B 151 14.63 -13.97 58.75
CA ALA B 151 15.26 -12.65 58.85
C ALA B 151 16.09 -12.58 60.12
N ALA B 152 15.64 -13.24 61.20
CA ALA B 152 16.41 -13.20 62.44
C ALA B 152 17.80 -13.86 62.30
N SER B 153 17.92 -14.89 61.46
CA SER B 153 19.20 -15.52 61.24
C SER B 153 20.13 -14.57 60.53
N CYS B 154 19.61 -13.88 59.51
CA CYS B 154 20.40 -12.88 58.80
C CYS B 154 20.89 -11.78 59.73
N PHE B 155 20.02 -11.31 60.65
CA PHE B 155 20.47 -10.39 61.68
C PHE B 155 21.47 -11.05 62.61
N GLY B 156 21.27 -12.35 62.89
CA GLY B 156 22.24 -13.06 63.70
C GLY B 156 23.61 -13.05 63.04
N ALA B 157 23.67 -13.51 61.78
CA ALA B 157 24.94 -13.64 61.08
C ALA B 157 25.59 -12.29 60.84
N ALA B 158 24.80 -11.26 60.57
CA ALA B 158 25.39 -9.94 60.38
C ALA B 158 26.07 -9.47 61.65
N ASN B 159 25.46 -9.74 62.84
CA ASN B 159 26.00 -9.22 64.09
C ASN B 159 27.22 -10.00 64.51
N VAL B 160 27.25 -11.29 64.11
CA VAL B 160 28.46 -12.10 64.24
C VAL B 160 29.59 -11.46 63.47
N PHE B 161 29.33 -11.11 62.22
CA PHE B 161 30.37 -10.58 61.36
C PHE B 161 30.81 -9.22 61.87
N ARG B 162 29.85 -8.38 62.34
CA ARG B 162 30.22 -7.04 62.78
C ARG B 162 30.95 -7.09 64.12
N THR B 163 30.79 -8.18 64.89
CA THR B 163 31.45 -8.36 66.17
C THR B 163 32.88 -8.88 65.99
N ILE B 164 33.04 -9.96 65.23
CA ILE B 164 34.38 -10.45 64.93
C ILE B 164 35.23 -9.34 64.29
N PHE B 165 34.64 -8.55 63.39
CA PHE B 165 35.44 -7.60 62.63
C PHE B 165 35.19 -6.15 63.03
N ALA B 166 34.78 -5.98 64.26
CA ALA B 166 34.57 -4.65 64.81
C ALA B 166 35.74 -3.72 64.56
N ALA B 167 36.97 -4.22 64.61
CA ALA B 167 38.09 -3.29 64.56
C ALA B 167 38.35 -2.74 63.15
N GLN B 168 37.71 -3.30 62.14
CA GLN B 168 37.91 -2.93 60.76
C GLN B 168 36.65 -2.33 60.14
N LEU B 169 35.73 -1.83 60.98
CA LEU B 169 34.48 -1.25 60.54
C LEU B 169 34.24 0.01 61.35
N THR B 170 33.47 0.93 60.79
CA THR B 170 33.15 2.18 61.44
C THR B 170 31.63 2.38 61.45
N GLY B 171 31.13 2.96 62.52
CA GLY B 171 29.69 3.10 62.68
C GLY B 171 28.98 1.78 62.48
N ALA B 172 29.53 0.72 63.05
CA ALA B 172 29.12 -0.64 62.73
C ALA B 172 28.81 -1.40 64.02
N GLU B 173 28.41 -0.68 65.06
CA GLU B 173 28.05 -1.35 66.29
C GLU B 173 27.08 -2.49 65.97
N SER B 174 27.20 -3.56 66.73
CA SER B 174 26.20 -4.61 66.74
C SER B 174 24.89 -4.07 67.30
N ASP B 175 23.83 -4.81 67.06
CA ASP B 175 22.50 -4.40 67.49
C ASP B 175 22.30 -4.86 68.92
N GLU B 176 21.65 -4.01 69.71
CA GLU B 176 21.28 -4.41 71.05
C GLU B 176 19.90 -5.08 71.04
N ASN B 177 18.94 -4.55 70.27
CA ASN B 177 17.63 -5.15 70.17
C ASN B 177 17.02 -4.92 68.80
N ILE B 178 16.38 -5.96 68.27
CA ILE B 178 15.60 -5.88 67.04
C ILE B 178 14.25 -6.53 67.29
N ASP B 179 13.17 -5.79 66.98
CA ASP B 179 11.80 -6.33 66.99
C ASP B 179 11.13 -5.80 65.72
N LEU B 180 11.55 -6.33 64.57
CA LEU B 180 11.18 -5.83 63.25
C LEU B 180 10.13 -6.72 62.58
N SER B 181 9.04 -6.11 62.14
CA SER B 181 7.99 -6.84 61.45
C SER B 181 8.30 -6.90 59.95
N LEU B 182 8.36 -8.10 59.40
CA LEU B 182 8.59 -8.19 57.97
C LEU B 182 7.29 -8.03 57.20
N TYR B 183 6.17 -8.03 57.92
CA TYR B 183 4.89 -7.65 57.36
C TYR B 183 4.84 -6.15 57.09
N SER B 184 5.21 -5.34 58.09
CA SER B 184 5.17 -3.89 57.94
C SER B 184 6.53 -3.21 57.81
N TYR B 185 7.64 -3.84 58.16
CA TYR B 185 8.95 -3.20 58.16
C TYR B 185 9.02 -2.02 59.13
N ASN B 186 8.11 -2.01 60.08
CA ASN B 186 8.19 -1.17 61.27
C ASN B 186 8.45 -2.00 62.52
N LYS B 187 8.72 -1.28 63.60
CA LYS B 187 8.90 -1.97 64.86
C LYS B 187 7.64 -2.75 65.20
N SER B 188 7.83 -3.97 65.68
CA SER B 188 6.69 -4.88 65.90
C SER B 188 5.85 -4.39 67.06
N ARG B 189 4.55 -4.21 66.81
CA ARG B 189 3.59 -3.69 67.79
C ARG B 189 2.72 -4.84 68.29
N ALA B 190 2.21 -4.71 69.53
CA ALA B 190 1.47 -5.81 70.12
C ALA B 190 0.13 -6.02 69.41
N GLY B 191 -0.59 -4.94 69.13
CA GLY B 191 -1.80 -4.97 68.33
C GLY B 191 -1.51 -5.07 66.85
N ASP B 192 -0.65 -4.19 66.35
CA ASP B 192 -0.29 -4.15 64.93
C ASP B 192 0.57 -5.36 64.53
N ALA B 193 -0.02 -6.56 64.63
CA ALA B 193 0.57 -7.76 64.03
C ALA B 193 0.02 -7.96 62.61
N GLY B 194 0.61 -8.93 61.91
CA GLY B 194 0.19 -9.21 60.55
C GLY B 194 -0.56 -10.51 60.43
N PRO B 195 -1.40 -10.64 59.40
CA PRO B 195 -2.21 -11.86 59.29
C PRO B 195 -1.33 -13.07 59.06
N ILE B 196 -1.77 -14.22 59.58
CA ILE B 196 -1.08 -15.51 59.46
C ILE B 196 -2.09 -16.50 58.93
N ASP B 197 -1.89 -17.00 57.74
CA ASP B 197 -2.84 -17.91 57.13
C ASP B 197 -2.16 -18.74 56.06
N PRO B 198 -2.32 -20.07 56.11
CA PRO B 198 -1.86 -20.90 54.98
C PRO B 198 -2.69 -20.71 53.71
N ALA B 199 -3.64 -19.78 53.70
CA ALA B 199 -4.49 -19.58 52.53
C ALA B 199 -3.86 -18.52 51.63
N VAL B 200 -2.89 -18.96 50.83
CA VAL B 200 -2.21 -18.06 49.89
C VAL B 200 -1.95 -18.79 48.57
N ASP B 201 -2.52 -18.26 47.50
CA ASP B 201 -2.36 -18.76 46.15
C ASP B 201 -1.52 -17.76 45.36
N LEU B 202 -0.43 -18.22 44.78
CA LEU B 202 0.41 -17.37 43.93
C LEU B 202 -0.19 -17.12 42.54
N GLY B 203 -1.33 -17.69 42.23
CA GLY B 203 -1.84 -17.56 40.88
C GLY B 203 -0.84 -18.17 39.90
N GLU B 204 -0.38 -17.37 38.94
CA GLU B 204 0.70 -17.76 38.04
C GLU B 204 1.80 -16.73 38.22
N THR B 205 2.85 -17.09 38.97
CA THR B 205 3.92 -16.18 39.33
C THR B 205 5.21 -16.60 38.63
N HIS B 206 6.02 -15.61 38.30
CA HIS B 206 7.32 -15.85 37.66
C HIS B 206 8.40 -15.36 38.58
N LEU B 207 9.39 -16.24 38.86
CA LEU B 207 10.63 -15.84 39.56
C LEU B 207 11.77 -15.88 38.55
N VAL B 208 12.27 -14.66 38.22
CA VAL B 208 13.32 -14.46 37.22
C VAL B 208 14.66 -14.20 37.89
N GLY B 209 15.69 -14.96 37.52
CA GLY B 209 16.94 -15.02 38.29
C GLY B 209 16.83 -16.00 39.44
N LEU B 210 17.71 -17.00 39.46
CA LEU B 210 17.69 -18.04 40.48
C LEU B 210 19.04 -18.16 41.11
N GLY B 211 19.64 -17.04 41.44
CA GLY B 211 20.95 -17.01 42.13
C GLY B 211 20.84 -16.78 43.62
N ALA B 212 21.75 -16.00 44.17
CA ALA B 212 21.85 -15.89 45.62
C ALA B 212 20.56 -15.35 46.24
N ILE B 213 20.08 -14.19 45.77
CA ILE B 213 18.85 -13.61 46.31
C ILE B 213 17.68 -14.59 46.13
N ALA B 214 17.55 -15.18 44.97
CA ALA B 214 16.50 -16.17 44.79
C ALA B 214 16.61 -17.33 45.77
N HIS B 215 17.83 -17.70 46.15
CA HIS B 215 18.01 -18.77 47.13
C HIS B 215 17.40 -18.41 48.48
N GLY B 216 17.52 -17.16 48.90
CA GLY B 216 16.81 -16.76 50.13
C GLY B 216 15.31 -16.85 49.96
N ALA B 217 14.81 -16.38 48.80
CA ALA B 217 13.39 -16.47 48.51
C ALA B 217 12.92 -17.91 48.48
N LEU B 218 13.70 -18.80 47.90
CA LEU B 218 13.25 -20.18 47.79
C LEU B 218 13.30 -20.88 49.15
N TRP B 219 14.28 -20.53 49.98
CA TRP B 219 14.33 -21.02 51.36
C TRP B 219 13.04 -20.67 52.08
N ALA B 220 12.54 -19.45 51.87
CA ALA B 220 11.34 -19.02 52.58
C ALA B 220 10.09 -19.69 52.02
N LEU B 221 9.90 -19.63 50.70
CA LEU B 221 8.70 -20.21 50.09
C LEU B 221 8.53 -21.68 50.45
N ALA B 222 9.65 -22.40 50.55
CA ALA B 222 9.58 -23.82 50.87
C ALA B 222 9.21 -24.11 52.31
N ARG B 223 9.17 -23.09 53.17
CA ARG B 223 8.69 -23.19 54.53
C ARG B 223 7.37 -22.46 54.74
N GLN B 224 6.73 -21.98 53.66
CA GLN B 224 5.48 -21.24 53.74
C GLN B 224 4.35 -22.24 53.68
N SER B 225 3.70 -22.49 54.80
CA SER B 225 2.66 -23.51 54.81
C SER B 225 1.44 -23.00 54.04
N GLY B 226 0.79 -23.91 53.31
CA GLY B 226 -0.43 -23.56 52.62
C GLY B 226 -0.22 -22.81 51.33
N LEU B 227 0.97 -22.89 50.76
CA LEU B 227 1.29 -22.21 49.52
C LEU B 227 0.76 -23.01 48.35
N SER B 228 -0.12 -22.40 47.55
CA SER B 228 -0.66 -23.04 46.36
C SER B 228 -0.48 -22.12 45.15
N GLY B 229 -0.48 -22.69 43.96
CA GLY B 229 -0.33 -21.92 42.74
C GLY B 229 0.76 -22.45 41.84
N ARG B 230 0.91 -21.79 40.69
CA ARG B 230 1.87 -22.14 39.67
C ARG B 230 3.00 -21.13 39.68
N LEU B 231 4.24 -21.61 39.80
CA LEU B 231 5.41 -20.75 39.88
C LEU B 231 6.39 -21.15 38.78
N HIS B 232 6.75 -20.19 37.93
CA HIS B 232 7.83 -20.33 36.96
C HIS B 232 9.12 -19.85 37.57
N VAL B 233 10.15 -20.70 37.57
CA VAL B 233 11.52 -20.33 37.94
C VAL B 233 12.38 -20.33 36.69
N VAL B 234 13.13 -19.24 36.48
CA VAL B 234 13.78 -18.95 35.20
C VAL B 234 15.24 -18.56 35.45
N ASP B 235 16.17 -19.34 34.94
CA ASP B 235 17.57 -18.96 34.96
C ASP B 235 18.29 -19.91 34.03
N HIS B 236 19.24 -19.41 33.26
CA HIS B 236 19.95 -20.25 32.33
C HIS B 236 21.27 -20.77 32.88
N GLU B 237 21.70 -20.28 34.02
CA GLU B 237 23.03 -20.61 34.48
C GLU B 237 23.10 -21.84 35.38
N ALA B 238 24.29 -22.17 35.79
CA ALA B 238 24.57 -23.34 36.61
C ALA B 238 25.33 -22.85 37.83
N VAL B 239 25.28 -23.64 38.91
CA VAL B 239 25.97 -23.26 40.13
C VAL B 239 27.46 -23.42 39.95
N GLU B 240 28.19 -22.36 40.27
CA GLU B 240 29.66 -22.39 40.30
C GLU B 240 30.16 -22.49 41.74
N LEU B 241 31.38 -23.01 41.90
CA LEU B 241 31.88 -23.24 43.24
C LEU B 241 31.83 -21.95 44.08
N SER B 242 32.22 -20.81 43.50
CA SER B 242 32.24 -19.57 44.27
C SER B 242 30.86 -19.16 44.69
N ASN B 243 29.80 -19.67 44.03
CA ASN B 243 28.48 -19.28 44.50
C ASN B 243 28.17 -19.84 45.90
N LEU B 244 28.89 -20.87 46.35
CA LEU B 244 28.53 -21.38 47.67
C LEU B 244 28.89 -20.38 48.78
N GLN B 245 29.57 -19.30 48.46
CA GLN B 245 29.82 -18.22 49.41
C GLN B 245 28.57 -17.43 49.77
N ARG B 246 27.51 -17.52 48.96
CA ARG B 246 26.33 -16.68 49.06
C ARG B 246 24.98 -17.41 48.90
N TYR B 247 25.00 -18.53 48.13
CA TYR B 247 23.77 -19.21 47.71
C TYR B 247 23.39 -20.16 48.86
N VAL B 248 22.41 -19.78 49.68
CA VAL B 248 22.13 -20.57 50.87
C VAL B 248 21.59 -21.98 50.58
N LEU B 249 21.08 -22.27 49.39
CA LEU B 249 20.62 -23.63 49.12
C LEU B 249 21.61 -24.42 48.24
N ALA B 250 22.83 -23.93 48.10
CA ALA B 250 23.87 -24.63 47.37
C ALA B 250 24.91 -25.13 48.36
N GLY B 251 25.16 -26.44 48.35
CA GLY B 251 26.27 -27.02 49.05
C GLY B 251 27.19 -27.67 48.02
N GLN B 252 28.23 -28.34 48.52
CA GLN B 252 29.17 -29.04 47.64
C GLN B 252 28.43 -29.93 46.64
N ALA B 253 27.41 -30.61 47.08
CA ALA B 253 26.72 -31.51 46.16
C ALA B 253 25.97 -30.80 45.04
N GLU B 254 25.82 -29.49 45.07
CA GLU B 254 25.11 -28.80 44.01
C GLU B 254 26.04 -28.17 42.98
N ILE B 255 27.35 -28.26 43.20
CA ILE B 255 28.29 -27.61 42.29
C ILE B 255 28.04 -28.16 40.89
N GLY B 256 27.99 -27.24 39.91
CA GLY B 256 27.80 -27.60 38.52
C GLY B 256 26.36 -27.74 38.06
N MET B 257 25.41 -27.71 38.95
CA MET B 257 24.08 -28.10 38.54
C MET B 257 23.31 -26.89 38.03
N SER B 258 22.42 -27.15 37.11
CA SER B 258 21.45 -26.17 36.64
C SER B 258 20.76 -25.48 37.80
N LYS B 259 20.85 -24.16 37.83
CA LYS B 259 20.13 -23.42 38.83
C LYS B 259 18.62 -23.62 38.70
N ALA B 260 18.13 -23.93 37.51
CA ALA B 260 16.69 -24.13 37.36
C ALA B 260 16.25 -25.46 37.97
N VAL B 261 17.07 -26.51 37.81
CA VAL B 261 16.77 -27.82 38.40
C VAL B 261 16.86 -27.74 39.92
N LEU B 262 17.76 -26.92 40.43
CA LEU B 262 17.87 -26.79 41.87
C LEU B 262 16.65 -26.07 42.44
N ALA B 263 16.27 -24.95 41.86
CA ALA B 263 15.11 -24.24 42.37
C ALA B 263 13.88 -25.14 42.39
N THR B 264 13.74 -26.00 41.40
CA THR B 264 12.62 -26.93 41.37
C THR B 264 12.58 -27.81 42.61
N THR B 265 13.67 -28.54 42.87
CA THR B 265 13.69 -29.48 43.98
C THR B 265 13.58 -28.75 45.30
N ALA B 266 14.01 -27.50 45.37
CA ALA B 266 13.83 -26.73 46.58
C ALA B 266 12.36 -26.63 46.94
N LEU B 267 11.46 -26.63 45.95
CA LEU B 267 10.06 -26.44 46.23
C LEU B 267 9.28 -27.74 46.25
N ARG B 268 9.97 -28.88 46.12
CA ARG B 268 9.24 -30.15 45.91
C ARG B 268 8.22 -30.41 47.00
N SER B 269 8.42 -29.87 48.19
CA SER B 269 7.50 -30.18 49.28
C SER B 269 6.35 -29.22 49.42
N THR B 270 6.31 -28.16 48.60
CA THR B 270 5.15 -27.31 48.53
C THR B 270 4.09 -27.95 47.63
N ALA B 271 2.91 -27.33 47.61
CA ALA B 271 1.83 -27.68 46.69
C ALA B 271 1.93 -26.90 45.40
N LEU B 272 2.97 -26.10 45.26
CA LEU B 272 3.19 -25.36 44.03
C LEU B 272 3.43 -26.30 42.86
N GLU B 273 2.80 -26.01 41.76
CA GLU B 273 3.16 -26.59 40.48
C GLU B 273 4.27 -25.71 39.93
N VAL B 274 5.48 -26.22 39.95
CA VAL B 274 6.66 -25.49 39.53
C VAL B 274 6.95 -25.86 38.10
N GLU B 275 7.12 -24.86 37.26
CA GLU B 275 7.70 -25.03 35.94
C GLU B 275 9.06 -24.35 35.97
N ALA B 276 10.10 -25.11 35.63
CA ALA B 276 11.46 -24.64 35.66
C ALA B 276 11.90 -24.43 34.23
N HIS B 277 12.47 -23.27 33.94
CA HIS B 277 12.93 -22.89 32.60
C HIS B 277 14.43 -22.60 32.58
N PRO B 278 15.25 -23.52 32.06
CA PRO B 278 16.71 -23.22 31.96
C PRO B 278 17.00 -22.25 30.81
N LEU B 279 16.40 -21.07 30.89
CA LEU B 279 16.46 -20.08 29.83
C LEU B 279 16.72 -18.72 30.43
N LYS B 280 17.21 -17.81 29.62
CA LYS B 280 17.16 -16.41 29.93
C LYS B 280 15.72 -15.85 29.73
N TRP B 281 15.46 -14.71 30.39
CA TRP B 281 14.14 -14.11 30.40
C TRP B 281 13.63 -13.86 28.98
N ALA B 282 14.50 -13.36 28.10
CA ALA B 282 14.05 -13.13 26.74
C ALA B 282 13.56 -14.41 26.07
N GLU B 283 14.26 -15.51 26.32
CA GLU B 283 13.86 -16.77 25.71
C GLU B 283 12.60 -17.30 26.35
N HIS B 284 12.44 -17.09 27.66
CA HIS B 284 11.19 -17.43 28.35
C HIS B 284 10.03 -16.63 27.76
N VAL B 285 10.18 -15.31 27.71
CA VAL B 285 9.14 -14.46 27.14
C VAL B 285 8.82 -14.90 25.70
N ALA B 286 9.84 -15.09 24.88
CA ALA B 286 9.62 -15.49 23.50
C ALA B 286 8.94 -16.85 23.42
N ARG B 287 9.32 -17.80 24.25
CA ARG B 287 8.66 -19.09 24.13
C ARG B 287 7.24 -19.11 24.70
N ARG B 288 6.87 -18.14 25.54
CA ARG B 288 5.49 -18.15 26.00
C ARG B 288 4.55 -17.55 24.95
N GLY B 289 5.02 -16.56 24.18
CA GLY B 289 4.19 -15.84 23.24
C GLY B 289 3.01 -15.15 23.83
N ASP B 290 2.77 -15.28 25.12
CA ASP B 290 1.76 -14.57 25.87
C ASP B 290 2.49 -13.65 26.85
N TRP B 291 2.16 -12.37 26.81
CA TRP B 291 2.77 -11.34 27.64
C TRP B 291 1.92 -11.02 28.84
N ILE B 292 0.99 -11.92 29.16
CA ILE B 292 0.30 -11.86 30.44
C ILE B 292 1.26 -12.41 31.48
N PHE B 293 1.67 -11.55 32.39
CA PHE B 293 2.47 -11.96 33.54
C PHE B 293 1.67 -11.41 34.71
N ASP B 294 1.09 -12.32 35.50
CA ASP B 294 0.24 -11.93 36.60
C ASP B 294 1.07 -11.38 37.74
N ARG B 295 2.28 -11.92 37.96
CA ARG B 295 3.11 -11.53 39.08
C ARG B 295 4.55 -11.96 38.81
N VAL B 296 5.48 -11.02 38.94
CA VAL B 296 6.85 -11.34 38.62
C VAL B 296 7.73 -10.94 39.79
N GLY B 297 8.64 -11.84 40.17
CA GLY B 297 9.63 -11.55 41.19
C GLY B 297 10.94 -11.51 40.47
N VAL B 298 11.63 -10.38 40.55
CA VAL B 298 12.90 -10.19 39.88
C VAL B 298 13.99 -10.33 40.91
N ALA B 299 14.96 -11.23 40.64
CA ALA B 299 16.13 -11.43 41.50
C ALA B 299 17.35 -11.48 40.59
N LEU B 300 17.67 -10.37 39.94
CA LEU B 300 18.72 -10.33 38.94
C LEU B 300 19.82 -9.40 39.42
N ASP B 301 20.86 -9.24 38.60
CA ASP B 301 22.10 -8.59 38.98
C ASP B 301 22.44 -7.33 38.21
N THR B 302 21.75 -6.98 37.13
CA THR B 302 22.05 -5.74 36.44
C THR B 302 20.79 -4.94 36.12
N ALA B 303 20.99 -3.63 36.01
CA ALA B 303 19.90 -2.73 35.63
C ALA B 303 19.21 -3.19 34.36
N ALA B 304 19.99 -3.39 33.30
CA ALA B 304 19.38 -3.71 32.01
C ALA B 304 18.46 -4.93 32.10
N ASP B 305 18.92 -5.98 32.79
CA ASP B 305 18.09 -7.18 32.93
C ASP B 305 16.76 -6.87 33.63
N ARG B 306 16.78 -6.09 34.71
CA ARG B 306 15.53 -5.80 35.38
C ARG B 306 14.68 -4.84 34.56
N VAL B 307 15.31 -3.85 33.92
CA VAL B 307 14.55 -2.97 33.03
C VAL B 307 13.87 -3.76 31.92
N ALA B 308 14.55 -4.78 31.38
CA ALA B 308 13.92 -5.57 30.33
C ALA B 308 12.67 -6.29 30.85
N VAL B 309 12.67 -6.68 32.13
CA VAL B 309 11.48 -7.33 32.64
C VAL B 309 10.29 -6.37 32.60
N GLN B 310 10.52 -5.09 32.97
CA GLN B 310 9.43 -4.13 32.92
C GLN B 310 8.95 -3.93 31.49
N GLY B 311 9.88 -3.93 30.52
CA GLY B 311 9.47 -3.77 29.13
C GLY B 311 8.32 -4.68 28.73
N ALA B 312 8.33 -5.93 29.22
CA ALA B 312 7.28 -6.90 28.91
C ALA B 312 5.94 -6.52 29.51
N LEU B 313 5.93 -5.64 30.51
CA LEU B 313 4.74 -5.09 31.16
C LEU B 313 3.95 -6.16 31.88
N PRO B 314 4.51 -6.73 32.94
CA PRO B 314 3.72 -7.54 33.86
C PRO B 314 2.81 -6.66 34.69
N ARG B 315 1.77 -7.27 35.24
CA ARG B 315 0.87 -6.50 36.08
C ARG B 315 1.58 -5.90 37.28
N TRP B 316 2.47 -6.66 37.89
CA TRP B 316 3.05 -6.24 39.16
C TRP B 316 4.39 -6.98 39.31
N ILE B 317 5.40 -6.24 39.75
CA ILE B 317 6.76 -6.72 39.94
C ILE B 317 7.16 -6.45 41.40
N ALA B 318 7.81 -7.44 41.99
CA ALA B 318 8.62 -7.28 43.20
C ALA B 318 10.09 -7.48 42.79
N ASN B 319 10.90 -6.45 42.98
CA ASN B 319 12.30 -6.45 42.58
C ASN B 319 13.21 -6.49 43.81
N ALA B 320 14.25 -7.33 43.74
CA ALA B 320 15.16 -7.56 44.87
C ALA B 320 16.62 -7.37 44.48
N TRP B 321 17.36 -6.70 45.37
CA TRP B 321 18.74 -6.35 45.07
C TRP B 321 19.64 -6.42 46.30
N THR B 322 20.92 -6.68 46.03
CA THR B 322 21.99 -6.54 46.99
C THR B 322 23.04 -5.63 46.39
N GLN B 323 23.10 -4.40 46.86
CA GLN B 323 24.10 -3.46 46.40
C GLN B 323 25.23 -3.30 47.41
N GLU B 324 26.10 -2.34 47.15
CA GLU B 324 27.24 -2.11 48.03
C GLU B 324 26.79 -1.78 49.45
N HIS B 325 26.02 -0.72 49.62
CA HIS B 325 25.70 -0.25 50.96
C HIS B 325 24.28 -0.58 51.39
N ASP B 326 23.58 -1.46 50.68
CA ASP B 326 22.26 -1.81 51.14
C ASP B 326 21.75 -2.99 50.33
N LEU B 327 20.78 -3.69 50.91
CA LEU B 327 19.96 -4.68 50.24
C LEU B 327 18.56 -4.09 50.28
N GLY B 328 17.67 -4.57 49.42
CA GLY B 328 16.32 -4.04 49.46
C GLY B 328 15.39 -4.65 48.44
N ILE B 329 14.13 -4.25 48.56
CA ILE B 329 13.04 -4.70 47.70
C ILE B 329 12.25 -3.49 47.20
N SER B 330 11.84 -3.53 45.92
CA SER B 330 10.94 -2.49 45.38
C SER B 330 9.70 -3.13 44.76
N ARG B 331 8.60 -2.38 44.73
CA ARG B 331 7.32 -2.90 44.26
C ARG B 331 6.77 -1.97 43.18
N HIS B 332 6.34 -2.56 42.06
CA HIS B 332 5.98 -1.76 40.90
C HIS B 332 4.76 -2.33 40.18
N GLY B 333 3.66 -1.65 40.29
CA GLY B 333 2.71 -1.69 39.21
C GLY B 333 3.08 -0.64 38.23
N PHE B 334 2.60 -0.73 37.02
CA PHE B 334 3.05 0.24 36.03
C PHE B 334 2.14 1.47 36.05
N ASP B 335 0.84 1.24 36.07
CA ASP B 335 -0.19 2.26 35.88
C ASP B 335 -0.84 2.57 37.22
N ASP B 336 -0.05 3.06 38.18
CA ASP B 336 -0.56 3.30 39.53
C ASP B 336 -0.09 4.61 40.13
N GLY B 337 0.61 5.46 39.37
CA GLY B 337 1.19 6.67 39.93
C GLY B 337 2.55 6.51 40.60
N GLN B 338 2.96 5.29 40.94
CA GLN B 338 4.23 5.12 41.62
C GLN B 338 5.38 4.91 40.65
N ALA B 339 6.58 4.93 41.17
CA ALA B 339 7.74 4.62 40.34
C ALA B 339 7.63 3.22 39.75
N CYS B 340 8.21 3.05 38.57
CA CYS B 340 8.28 1.77 37.88
C CYS B 340 9.71 1.26 37.94
N LEU B 341 9.90 -0.02 37.64
CA LEU B 341 11.22 -0.60 37.75
C LEU B 341 12.21 0.14 36.86
N CYS B 342 11.77 0.63 35.70
CA CYS B 342 12.70 1.43 34.89
C CYS B 342 13.03 2.74 35.60
N CYS B 343 12.08 3.31 36.33
CA CYS B 343 12.41 4.49 37.14
C CYS B 343 13.65 4.23 37.99
N MET B 344 13.72 3.06 38.60
CA MET B 344 14.72 2.77 39.61
C MET B 344 16.13 2.78 39.04
N TYR B 345 16.28 2.81 37.70
CA TYR B 345 17.63 2.79 37.13
C TYR B 345 17.74 3.81 36.01
N MET B 346 16.83 4.75 35.94
CA MET B 346 16.99 5.80 34.95
C MET B 346 18.34 6.47 35.17
N PRO B 347 19.17 6.60 34.14
CA PRO B 347 20.46 7.24 34.33
C PRO B 347 20.24 8.72 34.56
N SER B 348 21.15 9.31 35.33
CA SER B 348 21.14 10.75 35.59
C SER B 348 22.21 11.50 34.82
N GLY B 349 23.28 10.83 34.41
CA GLY B 349 24.32 11.47 33.64
C GLY B 349 25.20 10.44 32.96
N LYS B 350 26.17 10.96 32.21
CA LYS B 350 27.16 10.12 31.55
C LYS B 350 28.17 9.61 32.56
N SER B 351 28.86 8.54 32.16
CA SER B 351 29.72 7.79 33.05
C SER B 351 31.02 7.47 32.34
N LYS B 352 31.84 6.63 32.97
CA LYS B 352 33.10 6.20 32.39
C LYS B 352 32.86 4.99 31.51
N ASP B 353 33.58 4.96 30.39
CA ASP B 353 33.49 3.89 29.41
C ASP B 353 34.28 2.67 29.90
N GLU B 354 33.96 1.50 29.31
CA GLU B 354 34.56 0.26 29.81
C GLU B 354 36.07 0.24 29.58
N HIS B 355 36.54 0.79 28.46
CA HIS B 355 37.99 0.84 28.27
C HIS B 355 38.66 1.69 29.33
N GLN B 356 37.97 2.71 29.83
CA GLN B 356 38.53 3.57 30.86
C GLN B 356 38.50 2.91 32.23
N LEU B 357 37.37 2.30 32.62
CA LEU B 357 37.30 1.65 33.92
C LEU B 357 38.31 0.51 34.01
N VAL B 358 38.49 -0.25 32.92
CA VAL B 358 39.48 -1.32 32.92
C VAL B 358 40.89 -0.75 33.01
N ALA B 359 41.10 0.47 32.49
CA ALA B 359 42.42 1.09 32.58
C ALA B 359 42.77 1.47 34.01
N GLU B 360 41.78 1.85 34.84
CA GLU B 360 42.02 2.07 36.25
C GLU B 360 42.29 0.74 36.98
N GLU B 361 41.50 -0.30 36.69
CA GLU B 361 41.71 -1.58 37.33
C GLU B 361 43.06 -2.20 37.00
N LEU B 362 43.73 -1.71 35.96
CA LEU B 362 45.05 -2.19 35.55
C LEU B 362 46.16 -1.26 36.00
N GLY B 363 45.84 -0.27 36.85
CA GLY B 363 46.83 0.67 37.33
C GLY B 363 47.40 1.58 36.29
N ILE B 364 46.83 1.60 35.09
CA ILE B 364 47.26 2.39 33.96
C ILE B 364 46.16 3.37 33.59
N PRO B 365 45.77 4.27 34.51
CA PRO B 365 44.61 5.15 34.24
C PRO B 365 44.68 5.95 32.94
N GLU B 366 45.87 6.25 32.42
CA GLU B 366 46.04 7.09 31.24
C GLU B 366 46.36 6.32 29.98
N ALA B 367 46.50 5.00 30.08
CA ALA B 367 46.55 4.12 28.92
C ALA B 367 45.15 3.76 28.41
N HIS B 368 44.11 4.53 28.78
CA HIS B 368 42.76 4.24 28.31
C HIS B 368 42.72 4.06 26.79
N GLU B 369 43.50 4.87 26.06
CA GLU B 369 43.55 4.73 24.60
C GLU B 369 44.15 3.39 24.19
N GLN B 370 45.20 2.93 24.87
CA GLN B 370 45.79 1.62 24.57
C GLN B 370 44.90 0.47 25.02
N VAL B 371 44.11 0.66 26.09
CA VAL B 371 43.18 -0.38 26.52
C VAL B 371 41.99 -0.47 25.57
N LYS B 372 41.53 0.66 25.03
CA LYS B 372 40.47 0.61 24.03
C LYS B 372 40.96 -0.03 22.73
N ALA B 373 42.18 0.30 22.32
CA ALA B 373 42.75 -0.28 21.11
C ALA B 373 43.02 -1.77 21.29
N LEU B 374 43.58 -2.17 22.45
CA LEU B 374 43.83 -3.59 22.71
C LEU B 374 42.54 -4.38 22.88
N LEU B 375 41.42 -3.73 23.23
CA LEU B 375 40.12 -4.37 23.30
C LEU B 375 39.42 -4.43 21.94
N GLN B 376 39.52 -3.38 21.14
CA GLN B 376 38.92 -3.41 19.80
C GLN B 376 39.74 -4.31 18.87
N THR B 377 41.05 -4.05 18.78
CA THR B 377 41.93 -4.84 17.92
C THR B 377 42.17 -6.25 18.42
N ASN B 378 41.73 -6.59 19.65
CA ASN B 378 41.91 -7.92 20.21
C ASN B 378 43.32 -8.46 19.95
N ALA B 379 44.32 -7.57 19.97
CA ALA B 379 45.70 -7.95 19.73
C ALA B 379 46.36 -8.43 21.02
N GLY B 380 47.53 -9.03 20.87
CA GLY B 380 48.25 -9.54 22.02
C GLY B 380 48.84 -8.40 22.85
N VAL B 381 48.73 -8.53 24.16
CA VAL B 381 49.33 -7.55 25.07
C VAL B 381 50.85 -7.67 24.94
N PRO B 382 51.54 -6.60 24.55
CA PRO B 382 53.01 -6.68 24.46
C PRO B 382 53.66 -6.92 25.83
N ASN B 383 54.96 -7.25 25.80
CA ASN B 383 55.71 -7.52 27.03
C ASN B 383 55.89 -6.25 27.85
N ASP B 384 56.16 -5.10 27.20
CA ASP B 384 56.32 -3.85 27.93
C ASP B 384 55.02 -3.34 28.53
N PHE B 385 53.86 -3.76 28.00
CA PHE B 385 52.57 -3.44 28.62
C PHE B 385 52.37 -4.23 29.90
N VAL B 386 52.59 -5.55 29.86
CA VAL B 386 52.36 -6.41 31.03
C VAL B 386 53.38 -6.16 32.14
N VAL B 387 54.57 -5.62 31.82
CA VAL B 387 55.50 -5.18 32.88
C VAL B 387 55.00 -3.88 33.52
N ARG B 388 54.45 -2.97 32.70
CA ARG B 388 53.82 -1.77 33.23
C ARG B 388 52.63 -2.11 34.10
N VAL B 389 51.75 -2.99 33.62
CA VAL B 389 50.55 -3.36 34.37
C VAL B 389 50.93 -4.07 35.67
N ALA B 390 51.86 -5.02 35.61
CA ALA B 390 52.26 -5.75 36.81
C ALA B 390 52.85 -4.81 37.86
N THR B 391 53.68 -3.85 37.43
CA THR B 391 54.24 -2.88 38.37
C THR B 391 53.17 -1.95 38.92
N ALA B 392 52.27 -1.47 38.05
CA ALA B 392 51.13 -0.67 38.49
C ALA B 392 50.26 -1.47 39.47
N MET B 393 50.15 -2.79 39.25
CA MET B 393 49.36 -3.67 40.10
C MET B 393 50.09 -4.02 41.41
N GLY B 394 51.37 -3.69 41.54
CA GLY B 394 52.12 -3.96 42.76
C GLY B 394 52.44 -5.41 43.00
N VAL B 395 52.40 -6.24 41.97
CA VAL B 395 52.70 -7.67 42.10
C VAL B 395 53.97 -7.98 41.30
N PRO B 396 54.59 -9.15 41.48
CA PRO B 396 55.69 -9.54 40.58
C PRO B 396 55.20 -9.68 39.15
N PHE B 397 56.10 -9.45 38.18
CA PHE B 397 55.74 -9.61 36.78
C PHE B 397 55.51 -11.06 36.39
N GLU B 398 56.09 -12.01 37.14
CA GLU B 398 56.10 -13.40 36.70
C GLU B 398 54.71 -14.01 36.58
N PRO B 399 53.84 -13.92 37.58
CA PRO B 399 52.48 -14.49 37.41
C PRO B 399 51.77 -13.97 36.17
N LEU B 400 52.05 -12.73 35.77
CA LEU B 400 51.43 -12.12 34.60
C LEU B 400 52.26 -12.29 33.33
N ALA B 401 53.45 -12.89 33.40
CA ALA B 401 54.25 -13.09 32.20
C ALA B 401 53.57 -14.00 31.18
N PRO B 402 52.93 -15.11 31.56
CA PRO B 402 52.28 -15.97 30.55
C PRO B 402 51.31 -15.23 29.65
N PHE B 403 50.78 -14.12 30.14
CA PHE B 403 49.81 -13.36 29.37
C PHE B 403 50.43 -12.54 28.25
N VAL B 404 51.77 -12.40 28.23
CA VAL B 404 52.44 -11.61 27.20
C VAL B 404 52.20 -12.22 25.83
N GLY B 405 51.54 -11.48 24.93
CA GLY B 405 51.17 -11.95 23.63
C GLY B 405 49.70 -12.29 23.44
N GLN B 406 48.92 -12.35 24.53
CA GLN B 406 47.51 -12.70 24.52
C GLN B 406 46.64 -11.44 24.49
N PRO B 407 45.38 -11.57 24.07
CA PRO B 407 44.49 -10.39 24.08
C PRO B 407 44.42 -9.76 25.46
N LEU B 408 44.20 -8.44 25.48
CA LEU B 408 43.97 -7.78 26.76
C LEU B 408 42.71 -8.32 27.43
N ARG B 409 41.68 -8.69 26.65
CA ARG B 409 40.50 -9.31 27.22
C ARG B 409 40.84 -10.60 27.94
N SER B 410 41.89 -11.31 27.48
CA SER B 410 42.36 -12.50 28.17
C SER B 410 43.02 -12.14 29.50
N PHE B 411 43.94 -11.19 29.46
CA PHE B 411 44.62 -10.71 30.67
C PHE B 411 43.61 -10.27 31.74
N TYR B 412 42.61 -9.47 31.33
CA TYR B 412 41.63 -8.98 32.30
C TYR B 412 40.67 -10.07 32.78
N GLN B 413 40.37 -11.07 31.95
CA GLN B 413 39.42 -12.09 32.35
C GLN B 413 40.03 -13.08 33.35
N GLN B 414 41.35 -13.15 33.45
CA GLN B 414 42.02 -14.09 34.34
C GLN B 414 42.68 -13.37 35.50
N ALA B 415 43.78 -12.65 35.25
CA ALA B 415 44.51 -11.99 36.34
C ALA B 415 43.57 -11.12 37.17
N ILE B 416 42.65 -10.40 36.53
CA ILE B 416 41.80 -9.47 37.27
C ILE B 416 40.58 -10.18 37.86
N CYS B 417 39.98 -11.09 37.11
CA CYS B 417 38.81 -11.79 37.59
C CYS B 417 39.19 -13.01 38.43
N LEU B 420 42.47 -13.25 41.66
CA LEU B 420 43.72 -13.71 41.03
C LEU B 420 44.89 -12.73 41.28
N VAL B 421 44.82 -11.52 40.73
CA VAL B 421 45.67 -10.43 41.20
C VAL B 421 45.23 -9.98 42.60
N PHE B 422 43.94 -10.15 42.93
CA PHE B 422 43.46 -9.90 44.28
C PHE B 422 44.23 -10.72 45.29
N GLN B 423 44.60 -11.94 44.92
CA GLN B 423 45.41 -12.76 45.81
C GLN B 423 46.90 -12.44 45.71
N LEU B 424 47.39 -12.04 44.54
CA LEU B 424 48.78 -11.61 44.42
C LEU B 424 49.08 -10.34 45.22
N SER B 425 48.06 -9.56 45.56
CA SER B 425 48.26 -8.30 46.24
C SER B 425 47.80 -8.33 47.70
N ASP B 426 47.61 -9.53 48.27
CA ASP B 426 47.08 -9.67 49.65
C ASP B 426 45.86 -8.77 49.87
N GLY B 427 44.96 -8.73 48.87
CA GLY B 427 43.68 -8.10 49.03
C GLY B 427 43.63 -6.59 48.84
N SER B 428 44.75 -5.95 48.50
CA SER B 428 44.73 -4.49 48.27
C SER B 428 44.10 -4.13 46.92
N ARG B 429 44.35 -4.92 45.88
CA ARG B 429 43.67 -4.71 44.59
C ARG B 429 42.28 -5.29 44.67
N LEU B 430 41.26 -4.43 44.80
CA LEU B 430 39.88 -4.88 44.87
C LEU B 430 39.28 -5.04 43.47
N VAL B 431 38.44 -6.07 43.32
CA VAL B 431 37.70 -6.25 42.08
C VAL B 431 36.57 -5.22 42.01
N ARG B 432 36.08 -4.99 40.79
CA ARG B 432 35.09 -3.92 40.59
C ARG B 432 33.68 -4.42 40.92
N THR B 433 33.40 -5.70 40.69
CA THR B 433 32.06 -6.24 40.86
C THR B 433 31.75 -6.53 42.32
N VAL B 434 30.68 -5.91 42.83
CA VAL B 434 30.29 -6.10 44.23
C VAL B 434 29.94 -7.56 44.50
N VAL B 435 30.54 -8.12 45.55
CA VAL B 435 30.21 -9.47 45.97
C VAL B 435 29.55 -9.33 47.34
N PRO B 436 28.24 -9.39 47.44
CA PRO B 436 27.59 -9.24 48.74
C PRO B 436 27.90 -10.42 49.65
N MET B 437 27.63 -10.20 50.93
CA MET B 437 27.76 -11.26 51.92
C MET B 437 26.51 -12.15 51.90
N ALA B 438 26.71 -13.38 52.34
CA ALA B 438 25.63 -14.36 52.31
C ALA B 438 24.41 -13.85 53.06
N PHE B 439 24.63 -13.16 54.17
CA PHE B 439 23.47 -12.75 54.92
C PHE B 439 22.73 -11.63 54.22
N GLN B 440 23.38 -10.91 53.31
CA GLN B 440 22.67 -9.86 52.58
C GLN B 440 21.76 -10.49 51.53
N SER B 441 22.31 -11.46 50.81
CA SER B 441 21.55 -12.15 49.79
C SER B 441 20.36 -12.86 50.38
N ALA B 442 20.54 -13.57 51.51
CA ALA B 442 19.44 -14.32 52.09
C ALA B 442 18.32 -13.41 52.54
N LEU B 443 18.64 -12.32 53.27
CA LEU B 443 17.57 -11.42 53.70
C LEU B 443 16.83 -10.80 52.49
N ALA B 444 17.58 -10.37 51.47
CA ALA B 444 16.89 -9.79 50.31
C ALA B 444 15.92 -10.80 49.73
N GLY B 445 16.33 -12.07 49.63
CA GLY B 445 15.43 -13.10 49.17
C GLY B 445 14.27 -13.35 50.12
N ILE B 446 14.50 -13.25 51.42
CA ILE B 446 13.34 -13.42 52.30
C ILE B 446 12.34 -12.32 52.06
N MET B 447 12.80 -11.08 52.00
CA MET B 447 11.91 -9.98 51.67
C MET B 447 11.17 -10.22 50.35
N LEU B 448 11.86 -10.73 49.33
CA LEU B 448 11.19 -10.98 48.05
C LEU B 448 10.08 -12.03 48.21
N ALA B 449 10.35 -13.15 48.88
CA ALA B 449 9.29 -14.12 49.13
C ALA B 449 8.15 -13.46 49.93
N ALA B 450 8.52 -12.69 50.97
CA ALA B 450 7.53 -11.94 51.73
C ALA B 450 6.59 -11.14 50.80
N GLU B 451 7.15 -10.40 49.86
CA GLU B 451 6.33 -9.50 49.05
C GLU B 451 5.39 -10.28 48.15
N LEU B 452 5.91 -11.29 47.45
CA LEU B 452 5.08 -12.07 46.55
C LEU B 452 3.90 -12.69 47.28
N VAL B 453 4.13 -13.17 48.50
CA VAL B 453 3.09 -13.86 49.26
C VAL B 453 2.07 -12.86 49.77
N LYS B 454 2.54 -11.69 50.25
CA LYS B 454 1.64 -10.66 50.75
C LYS B 454 0.77 -10.12 49.63
N HIS B 455 1.39 -9.86 48.48
CA HIS B 455 0.67 -9.36 47.33
C HIS B 455 -0.31 -10.38 46.81
N SER B 456 0.05 -11.65 46.83
CA SER B 456 -0.91 -12.63 46.33
C SER B 456 -1.92 -13.01 47.41
N ALA B 457 -1.64 -12.72 48.66
CA ALA B 457 -2.66 -12.82 49.69
C ALA B 457 -3.52 -11.56 49.75
N GLY B 458 -3.16 -10.53 48.98
CA GLY B 458 -4.02 -9.35 48.85
C GLY B 458 -3.93 -8.37 50.01
N PHE B 459 -2.88 -8.47 50.84
CA PHE B 459 -2.73 -7.55 51.93
C PHE B 459 -2.65 -6.13 51.39
N PRO B 460 -2.85 -5.12 52.26
CA PRO B 460 -2.65 -3.74 51.82
C PRO B 460 -1.18 -3.59 51.43
N MET B 461 -0.92 -2.90 50.34
CA MET B 461 0.44 -2.96 49.84
C MET B 461 1.26 -1.81 50.42
N SER B 462 2.57 -1.91 50.23
CA SER B 462 3.52 -1.08 50.94
C SER B 462 3.25 0.39 50.69
N PRO B 463 3.45 1.26 51.68
CA PRO B 463 3.26 2.70 51.46
C PRO B 463 4.36 3.36 50.62
N THR B 464 5.59 2.81 50.60
CA THR B 464 6.63 3.29 49.72
C THR B 464 7.00 2.23 48.70
N THR B 465 7.62 2.69 47.61
CA THR B 465 8.01 1.77 46.55
C THR B 465 9.00 0.73 47.05
N SER B 466 9.95 1.12 47.89
CA SER B 466 11.03 0.22 48.26
C SER B 466 11.29 0.24 49.77
N THR B 467 12.01 -0.78 50.21
CA THR B 467 12.40 -1.03 51.59
C THR B 467 13.88 -1.37 51.52
N ARG B 468 14.70 -0.69 52.32
CA ARG B 468 16.13 -0.92 52.34
C ARG B 468 16.65 -1.28 53.74
N VAL B 469 17.60 -2.20 53.78
CA VAL B 469 18.31 -2.57 54.98
C VAL B 469 19.80 -2.51 54.69
N ASN B 470 20.57 -2.02 55.65
CA ASN B 470 22.02 -2.06 55.57
C ASN B 470 22.49 -2.87 56.77
N LEU B 471 22.83 -4.13 56.51
CA LEU B 471 23.32 -5.08 57.51
C LEU B 471 24.77 -4.84 57.92
N LEU B 472 25.47 -3.84 57.39
CA LEU B 472 26.80 -3.49 57.88
C LEU B 472 26.76 -2.36 58.89
N ARG B 473 25.57 -2.00 59.35
CA ARG B 473 25.34 -0.99 60.37
C ARG B 473 24.21 -1.47 61.28
N PRO B 474 24.05 -0.81 62.43
CA PRO B 474 22.89 -1.12 63.27
C PRO B 474 21.61 -0.85 62.48
N LEU B 475 20.63 -1.72 62.68
CA LEU B 475 19.43 -1.66 61.86
C LEU B 475 18.79 -0.28 61.88
N GLY B 476 18.34 0.15 60.70
CA GLY B 476 17.73 1.46 60.62
C GLY B 476 16.45 1.56 61.41
N SER B 477 16.11 2.76 61.84
CA SER B 477 14.81 2.97 62.45
C SER B 477 13.74 3.31 61.42
N HIS B 478 14.11 3.53 60.17
CA HIS B 478 13.13 3.80 59.13
C HIS B 478 13.58 3.10 57.85
N LEU B 479 13.05 1.91 57.65
CA LEU B 479 13.46 1.08 56.52
C LEU B 479 12.79 1.46 55.19
N HIS B 480 11.65 2.16 55.23
CA HIS B 480 10.91 2.45 54.01
C HIS B 480 11.60 3.53 53.19
N ASP B 481 11.66 3.35 51.90
CA ASP B 481 12.30 4.35 51.03
C ASP B 481 11.36 4.79 49.93
N PRO B 482 10.93 6.05 49.92
CA PRO B 482 10.08 6.55 48.84
C PRO B 482 10.87 6.71 47.55
N LYS B 483 10.13 6.82 46.46
CA LYS B 483 10.83 6.91 45.18
C LYS B 483 9.86 7.46 44.17
N ALA B 484 10.09 8.70 43.74
CA ALA B 484 9.14 9.38 42.89
C ALA B 484 9.23 8.79 41.49
N LYS B 485 8.07 8.77 40.81
CA LYS B 485 8.07 8.48 39.38
C LYS B 485 9.07 9.39 38.72
N ASP B 486 9.88 8.82 37.85
CA ASP B 486 10.76 9.64 37.03
C ASP B 486 9.92 10.76 36.43
N SER B 487 10.50 11.96 36.42
CA SER B 487 9.84 13.15 35.91
C SER B 487 10.63 13.74 34.75
N SER B 488 11.49 12.93 34.12
CA SER B 488 12.23 13.34 32.94
C SER B 488 11.37 13.34 31.69
N GLY B 489 10.30 12.52 31.67
CA GLY B 489 9.60 12.19 30.46
C GLY B 489 10.18 10.99 29.71
N ARG B 490 11.41 10.60 30.03
CA ARG B 490 12.13 9.56 29.30
C ARG B 490 11.90 8.17 29.87
N CYS B 491 11.13 8.01 30.93
CA CYS B 491 10.89 6.67 31.44
C CYS B 491 9.62 6.07 30.82
N ILE B 492 9.73 4.79 30.43
CA ILE B 492 8.64 4.19 29.68
C ILE B 492 7.34 4.22 30.43
N CYS B 493 7.38 4.45 31.75
CA CYS B 493 6.13 4.63 32.46
C CYS B 493 5.52 5.98 32.15
N SER B 494 6.20 6.78 31.30
CA SER B 494 5.65 8.06 30.80
C SER B 494 5.08 7.95 29.41
N ASP B 495 5.06 6.77 28.84
CA ASP B 495 4.85 6.60 27.41
C ASP B 495 3.44 6.05 27.19
N GLU B 496 2.66 6.74 26.34
CA GLU B 496 1.25 6.37 26.17
C GLU B 496 1.11 5.00 25.52
N ASP B 497 2.05 4.62 24.65
CA ASP B 497 1.97 3.29 24.07
C ASP B 497 2.14 2.23 25.15
N PHE B 498 3.10 2.42 26.09
CA PHE B 498 3.29 1.43 27.14
C PHE B 498 2.08 1.36 28.08
N ILE B 499 1.51 2.50 28.42
CA ILE B 499 0.34 2.54 29.30
C ILE B 499 -0.85 1.84 28.66
N SER B 500 -1.11 2.08 27.37
CA SER B 500 -2.18 1.37 26.69
C SER B 500 -1.95 -0.14 26.71
N ALA B 501 -0.73 -0.58 26.39
CA ALA B 501 -0.51 -2.02 26.32
C ALA B 501 -0.70 -2.64 27.69
N TYR B 502 -0.54 -1.86 28.76
CA TYR B 502 -0.72 -2.38 30.11
C TYR B 502 -2.21 -2.49 30.47
N ARG B 503 -2.98 -1.46 30.13
CA ARG B 503 -4.40 -1.47 30.42
C ARG B 503 -5.08 -2.53 29.56
N ARG B 504 -4.70 -2.60 28.30
CA ARG B 504 -5.22 -3.63 27.41
C ARG B 504 -5.12 -5.01 28.03
N LYS B 505 -4.06 -5.26 28.78
CA LYS B 505 -3.92 -6.54 29.43
C LYS B 505 -4.58 -6.63 30.80
N TYR B 506 -4.59 -5.53 31.58
CA TYR B 506 -5.03 -5.59 32.97
C TYR B 506 -6.09 -4.56 33.35
N GLY B 507 -6.57 -3.74 32.42
CA GLY B 507 -7.63 -2.81 32.71
C GLY B 507 -7.15 -1.55 33.44
N ASN B 508 -8.14 -0.78 33.92
CA ASN B 508 -7.97 0.45 34.70
C ASN B 508 -7.26 1.53 33.84
N PRO C 2 -2.20 14.53 -22.65
CA PRO C 2 -2.19 13.42 -21.69
C PRO C 2 -3.38 12.49 -21.90
N GLU C 3 -3.33 11.29 -21.27
CA GLU C 3 -4.45 10.36 -21.25
C GLU C 3 -5.23 10.58 -19.96
N LEU C 4 -6.51 10.90 -20.08
CA LEU C 4 -7.40 11.10 -18.96
C LEU C 4 -8.18 9.84 -18.66
N GLN C 5 -8.48 9.64 -17.39
CA GLN C 5 -9.18 8.43 -16.99
C GLN C 5 -10.64 8.52 -17.42
N THR C 6 -11.02 7.79 -18.48
CA THR C 6 -12.40 7.77 -18.93
C THR C 6 -13.10 6.47 -18.60
N VAL C 7 -12.39 5.37 -18.48
CA VAL C 7 -13.00 4.16 -17.95
C VAL C 7 -13.47 4.37 -16.52
N ASP C 8 -14.64 3.84 -16.19
CA ASP C 8 -15.10 3.88 -14.82
C ASP C 8 -13.91 3.53 -13.89
N PRO C 9 -13.54 4.43 -12.99
CA PRO C 9 -12.30 4.23 -12.26
C PRO C 9 -12.35 3.06 -11.33
N GLU C 10 -13.54 2.71 -10.86
CA GLU C 10 -13.74 1.41 -10.23
C GLU C 10 -13.04 0.26 -11.00
N VAL C 11 -13.18 0.23 -12.32
CA VAL C 11 -12.58 -0.86 -13.07
C VAL C 11 -11.05 -0.80 -13.01
N SER C 12 -10.46 0.33 -13.42
CA SER C 12 -9.00 0.39 -13.59
C SER C 12 -8.29 0.32 -12.23
N ARG C 13 -8.94 0.80 -11.17
CA ARG C 13 -8.36 0.74 -9.84
C ARG C 13 -8.40 -0.69 -9.26
N ALA C 14 -9.50 -1.42 -9.45
CA ALA C 14 -9.46 -2.84 -9.12
C ALA C 14 -8.35 -3.57 -9.87
N LYS C 15 -8.18 -3.31 -11.17
CA LYS C 15 -7.17 -4.05 -11.93
C LYS C 15 -5.76 -3.70 -11.47
N PHE C 16 -5.50 -2.41 -11.29
CA PHE C 16 -4.23 -1.97 -10.76
C PHE C 16 -3.96 -2.62 -9.43
N ASP C 17 -4.86 -2.39 -8.46
CA ASP C 17 -4.74 -2.94 -7.12
C ASP C 17 -4.41 -4.42 -7.19
N ARG C 18 -5.01 -5.13 -8.16
CA ARG C 18 -4.76 -6.55 -8.34
C ARG C 18 -3.38 -6.81 -8.97
N GLU C 19 -2.89 -5.93 -9.84
CA GLU C 19 -1.54 -6.18 -10.34
C GLU C 19 -0.51 -6.01 -9.22
N ILE C 20 -0.71 -5.02 -8.35
CA ILE C 20 0.19 -4.81 -7.22
C ILE C 20 0.09 -5.99 -6.25
N SER C 21 -1.14 -6.43 -5.96
CA SER C 21 -1.28 -7.61 -5.11
C SER C 21 -0.58 -8.83 -5.70
N ARG C 22 -0.59 -8.97 -7.01
CA ARG C 22 0.03 -10.13 -7.64
C ARG C 22 1.54 -9.98 -7.62
N PHE C 23 2.02 -8.76 -7.43
CA PHE C 23 3.44 -8.50 -7.41
C PHE C 23 4.05 -8.81 -6.05
N ARG C 24 3.33 -8.41 -4.99
CA ARG C 24 3.84 -8.45 -3.62
C ARG C 24 4.47 -9.78 -3.23
N PRO C 25 3.84 -10.93 -3.44
CA PRO C 25 4.47 -12.19 -2.98
C PRO C 25 5.77 -12.48 -3.68
N TYR C 26 6.03 -11.86 -4.81
CA TYR C 26 7.22 -12.10 -5.62
C TYR C 26 8.30 -11.06 -5.41
N ALA C 27 8.06 -10.06 -4.58
CA ALA C 27 8.95 -8.91 -4.58
C ALA C 27 10.38 -9.30 -4.27
N ASP C 28 10.59 -10.27 -3.36
CA ASP C 28 11.95 -10.70 -3.06
C ASP C 28 12.60 -11.27 -4.30
N ALA C 29 11.91 -12.15 -5.01
CA ALA C 29 12.55 -12.73 -6.19
C ALA C 29 12.81 -11.66 -7.25
N TYR C 30 11.98 -10.61 -7.28
CA TYR C 30 12.20 -9.54 -8.25
C TYR C 30 13.41 -8.70 -7.85
N ARG C 31 13.56 -8.49 -6.56
CA ARG C 31 14.75 -7.82 -6.06
C ARG C 31 16.01 -8.58 -6.45
N MET C 32 15.96 -9.90 -6.41
CA MET C 32 17.16 -10.67 -6.72
C MET C 32 17.64 -10.39 -8.13
N GLN C 33 16.72 -10.00 -9.02
CA GLN C 33 17.00 -9.59 -10.38
C GLN C 33 17.20 -8.08 -10.52
N GLY C 34 17.14 -7.34 -9.42
CA GLY C 34 17.41 -5.93 -9.46
C GLY C 34 16.17 -5.10 -9.64
N CYS C 35 15.01 -5.62 -9.31
CA CYS C 35 13.75 -4.95 -9.58
C CYS C 35 13.13 -4.51 -8.27
N PHE C 36 13.02 -3.20 -8.09
CA PHE C 36 12.54 -2.62 -6.85
C PHE C 36 11.30 -1.77 -7.08
N LEU C 37 10.17 -2.22 -6.55
CA LEU C 37 8.97 -1.41 -6.45
C LEU C 37 9.15 -0.32 -5.42
N ILE C 38 9.15 0.93 -5.87
CA ILE C 38 9.44 2.08 -5.05
C ILE C 38 8.17 2.76 -4.57
N GLU C 39 7.20 2.89 -5.46
CA GLU C 39 5.97 3.56 -5.13
C GLU C 39 4.84 3.08 -6.03
N GLU C 40 3.69 2.92 -5.38
CA GLU C 40 2.49 2.39 -6.01
C GLU C 40 1.32 3.22 -5.52
N SER C 41 0.60 3.78 -6.47
CA SER C 41 -0.50 4.66 -6.15
C SER C 41 -1.29 4.93 -7.42
N PHE C 42 -2.43 4.26 -7.59
CA PHE C 42 -3.24 4.34 -8.80
C PHE C 42 -3.24 5.75 -9.39
N PRO C 43 -3.00 5.93 -10.70
CA PRO C 43 -2.73 4.86 -11.70
C PRO C 43 -1.27 4.47 -11.84
N SER C 44 -0.37 4.95 -10.99
CA SER C 44 1.07 4.83 -11.22
C SER C 44 1.74 3.80 -10.32
N ALA C 45 2.67 3.08 -10.94
CA ALA C 45 3.61 2.17 -10.28
C ALA C 45 5.00 2.60 -10.72
N PHE C 46 5.84 2.99 -9.77
CA PHE C 46 7.19 3.51 -10.02
C PHE C 46 8.23 2.48 -9.56
N PHE C 47 9.07 2.02 -10.50
CA PHE C 47 10.15 1.08 -10.19
C PHE C 47 11.51 1.65 -10.53
N ILE C 48 12.52 1.14 -9.80
CA ILE C 48 13.96 1.31 -10.10
C ILE C 48 14.53 -0.05 -10.45
N PHE C 49 15.55 -0.06 -11.31
CA PHE C 49 16.19 -1.29 -11.75
C PHE C 49 17.70 -1.18 -11.62
N ALA C 50 18.35 -2.27 -11.21
CA ALA C 50 19.80 -2.24 -11.02
C ALA C 50 20.39 -3.61 -11.24
N SER C 51 21.49 -3.69 -11.98
CA SER C 51 22.07 -4.99 -12.33
C SER C 51 22.61 -5.63 -11.09
N PRO C 52 22.05 -6.72 -10.60
CA PRO C 52 22.70 -7.45 -9.51
C PRO C 52 24.05 -7.97 -9.92
N LYS C 53 24.26 -8.19 -11.23
CA LYS C 53 25.48 -8.82 -11.73
C LYS C 53 26.60 -7.84 -12.05
N VAL C 54 26.37 -6.54 -11.90
CA VAL C 54 27.35 -5.49 -12.19
C VAL C 54 27.79 -4.85 -10.88
N LYS C 55 29.10 -4.71 -10.72
CA LYS C 55 29.69 -3.97 -9.62
C LYS C 55 30.47 -2.78 -10.16
N PRO C 56 30.30 -1.55 -9.61
CA PRO C 56 29.39 -1.15 -8.52
C PRO C 56 27.95 -1.12 -8.97
N ARG C 57 27.02 -1.23 -8.02
CA ARG C 57 25.59 -1.27 -8.33
C ARG C 57 25.16 0.04 -8.95
N VAL C 58 24.57 0.00 -10.15
CA VAL C 58 24.20 1.20 -10.86
C VAL C 58 22.72 1.12 -11.16
N ILE C 59 22.01 2.18 -10.82
CA ILE C 59 20.65 2.35 -11.32
C ILE C 59 20.74 2.54 -12.83
N GLY C 60 20.24 1.56 -13.57
CA GLY C 60 20.32 1.62 -15.02
C GLY C 60 19.01 2.06 -15.65
N ALA C 61 17.95 1.97 -14.87
CA ALA C 61 16.66 2.37 -15.39
C ALA C 61 15.70 2.62 -14.25
N ALA C 62 14.80 3.56 -14.48
CA ALA C 62 13.68 3.86 -13.62
C ALA C 62 12.48 4.07 -14.53
N ILE C 63 11.37 3.38 -14.22
CA ILE C 63 10.17 3.49 -15.04
C ILE C 63 9.01 4.01 -14.20
N GLU C 64 8.22 4.85 -14.80
CA GLU C 64 6.84 5.07 -14.35
C GLU C 64 5.93 4.24 -15.21
N ILE C 65 5.10 3.40 -14.60
CA ILE C 65 4.13 2.62 -15.33
C ILE C 65 2.78 3.22 -15.02
N ASP C 66 2.07 3.65 -16.06
CA ASP C 66 0.75 4.27 -15.93
C ASP C 66 -0.34 3.32 -16.38
N PHE C 67 -1.37 3.14 -15.53
CA PHE C 67 -2.47 2.24 -15.81
C PHE C 67 -3.81 2.95 -15.97
N THR C 68 -3.80 4.22 -16.37
CA THR C 68 -5.01 4.92 -16.79
C THR C 68 -5.72 4.16 -17.88
N ASN C 69 -7.04 4.02 -17.72
CA ASN C 69 -7.95 3.32 -18.60
C ASN C 69 -7.58 1.86 -18.81
N TYR C 70 -6.83 1.27 -17.89
CA TYR C 70 -6.52 -0.16 -17.91
C TYR C 70 -7.74 -0.99 -17.59
N ASP C 71 -7.95 -2.06 -18.37
CA ASP C 71 -7.15 -2.59 -19.45
C ASP C 71 -7.88 -2.49 -20.82
N LEU C 72 -8.72 -1.46 -20.94
CA LEU C 72 -9.26 -1.08 -22.24
C LEU C 72 -8.16 -0.49 -23.12
N ARG C 73 -7.26 0.27 -22.51
CA ARG C 73 -6.03 0.83 -22.99
C ARG C 73 -4.88 0.16 -22.28
N PRO C 74 -3.91 -0.31 -23.03
CA PRO C 74 -2.70 -0.88 -22.45
C PRO C 74 -1.92 0.19 -21.73
N PRO C 75 -0.99 -0.20 -20.87
CA PRO C 75 -0.34 0.78 -20.01
C PRO C 75 0.86 1.43 -20.67
N SER C 76 1.07 2.67 -20.26
CA SER C 76 2.20 3.48 -20.64
C SER C 76 3.42 3.16 -19.77
N VAL C 77 4.57 3.04 -20.42
CA VAL C 77 5.86 2.87 -19.75
C VAL C 77 6.74 4.04 -20.17
N VAL C 78 7.16 4.82 -19.19
CA VAL C 78 7.99 5.99 -19.42
C VAL C 78 9.26 5.81 -18.60
N PHE C 79 10.42 5.97 -19.23
CA PHE C 79 11.67 5.97 -18.50
C PHE C 79 11.86 7.33 -17.91
N VAL C 80 12.09 7.38 -16.60
CA VAL C 80 12.24 8.63 -15.88
C VAL C 80 13.54 8.60 -15.08
N ASP C 81 13.88 9.75 -14.52
CA ASP C 81 15.04 9.86 -13.67
C ASP C 81 14.72 9.40 -12.25
N PRO C 82 15.58 8.56 -11.65
CA PRO C 82 15.22 7.95 -10.35
C PRO C 82 14.78 8.95 -9.27
N PHE C 83 15.36 10.14 -9.26
CA PHE C 83 15.08 11.11 -8.21
C PHE C 83 14.13 12.21 -8.64
N THR C 84 14.29 12.76 -9.85
CA THR C 84 13.40 13.80 -10.29
C THR C 84 12.05 13.22 -10.71
N ARG C 85 12.05 11.98 -11.21
CA ARG C 85 10.86 11.36 -11.79
C ARG C 85 10.34 12.19 -12.97
N GLN C 86 11.26 12.56 -13.86
CA GLN C 86 10.96 13.27 -15.08
C GLN C 86 11.45 12.47 -16.28
N PRO C 87 10.69 12.41 -17.37
CA PRO C 87 11.13 11.59 -18.52
C PRO C 87 12.56 11.92 -18.94
N ILE C 88 13.24 10.93 -19.52
CA ILE C 88 14.61 11.07 -19.96
C ILE C 88 14.72 10.74 -21.44
N ALA C 89 15.78 11.25 -22.06
CA ALA C 89 16.11 10.95 -23.45
C ALA C 89 17.02 9.72 -23.50
N ARG C 90 16.90 8.93 -24.57
CA ARG C 90 17.67 7.69 -24.70
C ARG C 90 19.17 7.92 -24.51
N LYS C 91 19.67 9.16 -24.69
CA LYS C 91 21.06 9.48 -24.41
C LYS C 91 21.40 9.23 -22.93
N ASP C 92 20.41 9.43 -22.04
CA ASP C 92 20.58 9.27 -20.59
C ASP C 92 20.01 7.95 -20.06
N LEU C 93 19.77 6.96 -20.95
CA LEU C 93 19.31 5.62 -20.50
C LEU C 93 20.43 4.57 -20.54
N PRO C 94 21.12 4.30 -19.42
CA PRO C 94 22.28 3.38 -19.43
C PRO C 94 22.10 2.07 -20.22
N PHE C 125 14.04 -3.77 -28.40
CA PHE C 125 12.77 -3.55 -27.65
C PHE C 125 12.69 -2.11 -27.08
N ILE C 126 13.74 -1.31 -27.23
CA ILE C 126 13.68 0.09 -26.80
C ILE C 126 14.05 0.93 -28.02
N GLN C 127 13.28 2.00 -28.25
CA GLN C 127 13.41 2.79 -29.47
C GLN C 127 13.18 4.29 -29.32
N SER C 130 15.48 9.23 -32.11
CA SER C 130 16.54 10.19 -31.73
C SER C 130 16.97 10.03 -30.26
N LEU C 131 18.28 10.18 -30.04
CA LEU C 131 18.82 10.13 -28.69
C LEU C 131 18.23 11.21 -27.74
N GLN C 132 17.78 12.36 -28.22
CA GLN C 132 17.10 13.33 -27.40
C GLN C 132 15.63 13.04 -27.20
N ASP C 133 15.14 11.92 -27.70
CA ASP C 133 13.74 11.57 -27.52
C ASP C 133 13.57 10.51 -26.43
N SER C 134 12.42 10.56 -25.77
CA SER C 134 12.14 9.63 -24.71
C SER C 134 12.00 8.21 -25.28
N PRO C 135 12.70 7.23 -24.71
CA PRO C 135 12.54 5.85 -25.17
C PRO C 135 11.21 5.24 -24.75
N PHE C 136 10.83 4.19 -25.47
CA PHE C 136 9.60 3.45 -25.21
C PHE C 136 9.87 1.98 -25.54
N LEU C 137 8.89 1.13 -25.21
CA LEU C 137 9.04 -0.31 -25.37
C LEU C 137 8.28 -0.73 -26.61
N CYS C 138 9.01 -0.93 -27.70
CA CYS C 138 8.34 -1.28 -28.95
C CYS C 138 7.74 -2.67 -28.84
N MET C 139 6.51 -2.78 -28.36
CA MET C 139 5.96 -4.08 -28.00
C MET C 139 4.45 -4.00 -27.87
N ALA C 140 3.73 -4.94 -28.47
CA ALA C 140 2.32 -5.12 -28.15
C ALA C 140 2.18 -5.25 -26.63
N GLY C 141 1.22 -4.53 -26.07
CA GLY C 141 0.99 -4.50 -24.64
C GLY C 141 1.36 -3.18 -24.01
N VAL C 142 1.87 -2.23 -24.79
CA VAL C 142 2.41 -0.99 -24.28
C VAL C 142 1.82 0.15 -25.09
N ARG C 143 1.48 1.23 -24.39
CA ARG C 143 0.72 2.30 -25.02
C ARG C 143 1.57 3.05 -26.04
N GLU C 144 2.86 3.22 -25.78
CA GLU C 144 3.68 3.94 -26.76
C GLU C 144 3.85 3.13 -28.06
N TYR C 145 3.79 1.81 -28.00
CA TYR C 145 3.66 1.02 -29.23
C TYR C 145 2.31 1.23 -29.93
N HIS C 146 1.18 0.90 -29.27
CA HIS C 146 -0.09 0.90 -29.98
C HIS C 146 -0.50 2.30 -30.47
N ASP C 147 -0.06 3.36 -29.81
CA ASP C 147 -0.35 4.69 -30.32
C ASP C 147 0.66 5.17 -31.36
N ASN C 148 1.75 4.47 -31.58
CA ASN C 148 2.69 4.86 -32.59
C ASN C 148 2.05 4.58 -33.94
N PRO C 149 2.03 5.56 -34.88
CA PRO C 149 1.45 5.35 -36.21
C PRO C 149 1.99 4.15 -36.96
N ALA C 150 3.30 3.86 -36.81
CA ALA C 150 3.93 2.72 -37.44
C ALA C 150 3.42 1.37 -36.96
N HIS C 151 2.64 1.32 -35.88
CA HIS C 151 2.00 0.11 -35.42
C HIS C 151 0.50 0.23 -35.30
N SER C 152 -0.12 1.20 -35.98
CA SER C 152 -1.58 1.27 -35.97
C SER C 152 -2.22 -0.03 -36.41
N GLY C 153 -1.51 -0.87 -37.14
CA GLY C 153 -2.09 -2.06 -37.70
C GLY C 153 -2.16 -3.23 -36.77
N ASP C 154 -1.64 -3.06 -35.54
CA ASP C 154 -1.59 -4.11 -34.53
C ASP C 154 -2.38 -3.67 -33.29
N PRO C 155 -3.68 -3.50 -33.40
CA PRO C 155 -4.41 -2.85 -32.32
C PRO C 155 -4.40 -3.63 -31.02
N TRP C 156 -4.36 -2.89 -29.91
CA TRP C 156 -4.39 -3.53 -28.59
C TRP C 156 -5.53 -4.53 -28.38
N LEU C 157 -6.71 -4.28 -28.94
CA LEU C 157 -7.78 -5.22 -28.59
C LEU C 157 -7.56 -6.63 -29.18
N LEU C 158 -6.61 -6.79 -30.11
CA LEU C 158 -6.17 -8.12 -30.51
C LEU C 158 -5.39 -8.83 -29.40
N HIS C 159 -4.82 -8.06 -28.46
CA HIS C 159 -3.93 -8.60 -27.45
C HIS C 159 -4.47 -8.58 -26.03
N ARG C 160 -5.54 -7.84 -25.79
CA ARG C 160 -6.08 -7.72 -24.46
C ARG C 160 -6.41 -9.08 -23.92
N GLY C 161 -6.16 -9.26 -22.63
CA GLY C 161 -6.51 -10.48 -21.93
C GLY C 161 -5.55 -11.63 -22.12
N SER C 162 -4.33 -11.40 -22.61
CA SER C 162 -3.44 -12.47 -22.94
C SER C 162 -2.27 -12.60 -21.98
N GLY C 163 -2.01 -11.58 -21.16
CA GLY C 163 -0.73 -11.47 -20.49
C GLY C 163 0.05 -10.25 -20.95
N GLU C 164 0.10 -9.99 -22.24
CA GLU C 164 0.79 -8.79 -22.70
C GLU C 164 0.12 -7.55 -22.12
N GLY C 165 0.87 -6.77 -21.36
CA GLY C 165 0.38 -5.52 -20.84
C GLY C 165 0.08 -5.56 -19.38
N CYS C 166 0.19 -6.72 -18.76
CA CYS C 166 0.17 -6.77 -17.30
C CYS C 166 1.53 -6.35 -16.74
N LEU C 167 1.50 -5.93 -15.48
CA LEU C 167 2.71 -5.51 -14.78
C LEU C 167 3.83 -6.54 -14.85
N ALA C 168 3.53 -7.81 -14.70
CA ALA C 168 4.59 -8.82 -14.71
C ALA C 168 5.18 -8.95 -16.11
N PHE C 169 4.38 -8.71 -17.13
CA PHE C 169 4.85 -8.82 -18.51
C PHE C 169 5.86 -7.73 -18.81
N ILE C 170 5.57 -6.50 -18.34
CA ILE C 170 6.48 -5.39 -18.49
C ILE C 170 7.74 -5.61 -17.64
N LEU C 171 7.56 -6.01 -16.38
CA LEU C 171 8.71 -6.25 -15.51
C LEU C 171 9.64 -7.30 -16.11
N ASP C 172 9.07 -8.37 -16.67
CA ASP C 172 9.89 -9.42 -17.28
C ASP C 172 10.75 -8.88 -18.43
N LYS C 173 10.16 -8.07 -19.29
CA LYS C 173 10.93 -7.57 -20.44
C LYS C 173 12.10 -6.70 -19.97
N ILE C 174 11.84 -5.79 -19.02
CA ILE C 174 12.88 -4.87 -18.57
C ILE C 174 13.99 -5.62 -17.87
N ILE C 175 13.63 -6.60 -17.05
CA ILE C 175 14.64 -7.39 -16.38
C ILE C 175 15.52 -8.11 -17.38
N LYS C 176 14.99 -8.44 -18.55
CA LYS C 176 15.71 -9.23 -19.51
C LYS C 176 16.45 -8.37 -20.53
N TYR C 177 16.08 -7.09 -20.66
CA TYR C 177 16.86 -6.18 -21.49
C TYR C 177 18.21 -5.88 -20.83
N GLY C 178 18.18 -5.55 -19.54
CA GLY C 178 19.33 -5.17 -18.76
C GLY C 178 20.27 -6.29 -18.35
N THR C 179 20.01 -7.51 -18.85
CA THR C 179 20.93 -8.64 -18.61
C THR C 179 20.40 -9.86 -19.38
N GLU D 3 18.57 -9.75 18.44
CA GLU D 3 17.98 -9.52 19.79
C GLU D 3 16.54 -10.04 19.80
N LEU D 4 16.07 -10.63 20.90
CA LEU D 4 14.71 -11.14 20.95
C LEU D 4 13.75 -10.06 21.43
N GLN D 5 12.53 -10.07 20.88
CA GLN D 5 11.51 -9.11 21.28
C GLN D 5 10.97 -9.49 22.66
N THR D 6 11.15 -8.58 23.63
CA THR D 6 10.73 -8.83 25.00
C THR D 6 9.84 -7.70 25.46
N VAL D 7 9.99 -6.49 24.92
CA VAL D 7 8.95 -5.50 25.16
C VAL D 7 7.63 -6.05 24.64
N ASP D 8 6.53 -5.63 25.25
CA ASP D 8 5.23 -5.98 24.72
C ASP D 8 5.15 -5.58 23.24
N PRO D 9 4.93 -6.53 22.32
CA PRO D 9 5.05 -6.18 20.90
C PRO D 9 3.93 -5.27 20.45
N GLU D 10 2.82 -5.23 21.16
CA GLU D 10 1.87 -4.19 20.87
C GLU D 10 2.47 -2.82 21.04
N VAL D 11 3.48 -2.66 21.87
CA VAL D 11 4.13 -1.37 22.01
C VAL D 11 5.04 -1.09 20.81
N SER D 12 6.00 -1.96 20.58
CA SER D 12 6.96 -1.77 19.49
C SER D 12 6.27 -1.73 18.12
N ARG D 13 5.33 -2.64 17.85
CA ARG D 13 4.58 -2.57 16.60
C ARG D 13 3.91 -1.21 16.45
N ALA D 14 3.29 -0.71 17.51
CA ALA D 14 2.65 0.60 17.42
C ALA D 14 3.67 1.67 17.10
N LYS D 15 4.83 1.58 17.72
CA LYS D 15 5.84 2.62 17.52
C LYS D 15 6.44 2.54 16.13
N PHE D 16 6.72 1.34 15.64
CA PHE D 16 7.23 1.16 14.29
C PHE D 16 6.24 1.64 13.24
N ASP D 17 4.96 1.24 13.38
CA ASP D 17 3.94 1.68 12.44
C ASP D 17 3.83 3.20 12.39
N ARG D 18 3.97 3.87 13.53
CA ARG D 18 3.94 5.32 13.51
C ARG D 18 5.18 5.88 12.86
N GLU D 19 6.33 5.22 13.05
CA GLU D 19 7.54 5.73 12.41
C GLU D 19 7.40 5.65 10.90
N ILE D 20 6.71 4.60 10.42
CA ILE D 20 6.45 4.42 9.00
C ILE D 20 5.40 5.41 8.51
N SER D 21 4.30 5.57 9.26
CA SER D 21 3.27 6.52 8.81
C SER D 21 3.92 7.88 8.59
N ARG D 22 4.86 8.23 9.45
CA ARG D 22 5.45 9.54 9.39
C ARG D 22 6.47 9.66 8.29
N PHE D 23 7.02 8.55 7.82
CA PHE D 23 7.89 8.65 6.68
C PHE D 23 7.15 8.88 5.37
N ARG D 24 5.92 8.33 5.23
CA ARG D 24 5.23 8.35 3.94
C ARG D 24 5.00 9.76 3.39
N PRO D 25 4.52 10.70 4.18
CA PRO D 25 4.40 12.08 3.63
C PRO D 25 5.70 12.65 3.13
N TYR D 26 6.85 12.08 3.50
CA TYR D 26 8.15 12.63 3.11
C TYR D 26 8.85 11.78 2.04
N ALA D 27 8.18 10.76 1.54
CA ALA D 27 8.83 9.83 0.61
C ALA D 27 9.37 10.57 -0.60
N ASP D 28 8.55 11.41 -1.23
CA ASP D 28 9.02 12.23 -2.34
C ASP D 28 10.27 13.02 -1.96
N ALA D 29 10.22 13.75 -0.83
CA ALA D 29 11.39 14.53 -0.39
C ALA D 29 12.62 13.64 -0.22
N TYR D 30 12.44 12.44 0.34
CA TYR D 30 13.60 11.57 0.55
C TYR D 30 14.12 11.05 -0.77
N ARG D 31 13.22 10.70 -1.69
CA ARG D 31 13.63 10.27 -3.01
C ARG D 31 14.55 11.29 -3.66
N MET D 32 14.19 12.57 -3.54
CA MET D 32 15.02 13.65 -4.05
C MET D 32 16.46 13.57 -3.55
N GLN D 33 16.65 13.18 -2.28
CA GLN D 33 17.98 13.04 -1.67
C GLN D 33 18.60 11.67 -1.88
N GLY D 34 17.87 10.76 -2.51
CA GLY D 34 18.40 9.47 -2.86
C GLY D 34 18.00 8.37 -1.92
N CYS D 35 17.06 8.61 -1.01
CA CYS D 35 16.67 7.64 0.01
C CYS D 35 15.32 7.03 -0.35
N PHE D 36 15.31 5.69 -0.45
CA PHE D 36 14.17 4.96 -0.97
C PHE D 36 13.81 3.88 0.04
N LEU D 37 12.61 3.95 0.60
CA LEU D 37 12.05 2.83 1.34
C LEU D 37 11.67 1.68 0.41
N ILE D 38 12.29 0.53 0.58
CA ILE D 38 12.09 -0.63 -0.26
C ILE D 38 11.11 -1.60 0.35
N GLU D 39 11.32 -1.96 1.60
CA GLU D 39 10.42 -2.90 2.27
C GLU D 39 10.21 -2.44 3.71
N GLU D 40 9.08 -2.83 4.27
CA GLU D 40 8.62 -2.37 5.58
C GLU D 40 7.72 -3.46 6.13
N SER D 41 8.11 -4.05 7.27
CA SER D 41 7.35 -5.12 7.92
C SER D 41 7.94 -5.40 9.30
N PHE D 42 7.18 -5.08 10.36
CA PHE D 42 7.70 -5.11 11.72
C PHE D 42 8.48 -6.40 11.92
N PRO D 43 9.69 -6.35 12.48
CA PRO D 43 10.35 -5.17 13.05
C PRO D 43 11.35 -4.48 12.13
N SER D 44 11.46 -4.89 10.87
CA SER D 44 12.45 -4.33 9.95
C SER D 44 11.87 -3.40 8.91
N ALA D 45 12.72 -2.46 8.50
CA ALA D 45 12.46 -1.52 7.43
C ALA D 45 13.74 -1.47 6.61
N PHE D 46 13.61 -1.78 5.32
CA PHE D 46 14.74 -1.94 4.40
C PHE D 46 14.79 -0.69 3.53
N PHE D 47 15.94 -0.02 3.48
CA PHE D 47 16.14 1.16 2.65
C PHE D 47 17.31 0.92 1.68
N ILE D 48 17.30 1.67 0.57
CA ILE D 48 18.43 1.75 -0.35
C ILE D 48 18.75 3.22 -0.57
N PHE D 49 20.02 3.51 -0.82
CA PHE D 49 20.50 4.89 -0.95
C PHE D 49 21.28 5.09 -2.23
N ALA D 50 21.14 6.28 -2.82
CA ALA D 50 21.89 6.62 -4.03
C ALA D 50 22.18 8.12 -4.05
N SER D 51 23.44 8.49 -4.23
CA SER D 51 23.77 9.90 -4.38
C SER D 51 23.01 10.43 -5.60
N PRO D 52 22.25 11.52 -5.45
CA PRO D 52 21.54 12.05 -6.62
C PRO D 52 22.45 12.77 -7.60
N LYS D 53 23.65 13.18 -7.21
CA LYS D 53 24.54 13.95 -8.08
C LYS D 53 25.65 13.10 -8.71
N VAL D 54 25.72 11.82 -8.35
CA VAL D 54 26.76 10.92 -8.85
C VAL D 54 26.29 10.30 -10.16
N LYS D 55 26.93 10.66 -11.25
CA LYS D 55 26.62 9.95 -12.50
C LYS D 55 27.74 8.98 -12.83
N PRO D 56 27.44 7.72 -13.18
CA PRO D 56 26.10 7.12 -13.25
C PRO D 56 25.46 6.95 -11.86
N ARG D 57 24.14 6.81 -11.82
CA ARG D 57 23.40 6.61 -10.58
C ARG D 57 23.80 5.29 -9.94
N VAL D 58 24.31 5.33 -8.72
CA VAL D 58 24.90 4.16 -8.09
C VAL D 58 24.31 3.96 -6.70
N ILE D 59 23.79 2.76 -6.44
CA ILE D 59 23.47 2.37 -5.08
C ILE D 59 24.75 2.44 -4.26
N GLY D 60 24.81 3.39 -3.34
CA GLY D 60 25.97 3.53 -2.47
C GLY D 60 25.82 2.73 -1.19
N ALA D 61 24.57 2.46 -0.81
CA ALA D 61 24.34 1.72 0.43
C ALA D 61 22.93 1.18 0.46
N ALA D 62 22.78 0.06 1.14
CA ALA D 62 21.50 -0.45 1.57
C ALA D 62 21.62 -0.76 3.05
N ILE D 63 20.53 -0.57 3.78
CA ILE D 63 20.53 -0.89 5.19
C ILE D 63 19.27 -1.67 5.55
N GLU D 64 19.36 -2.37 6.69
CA GLU D 64 18.22 -2.88 7.44
C GLU D 64 18.18 -2.13 8.76
N ILE D 65 17.01 -1.67 9.14
CA ILE D 65 16.81 -1.00 10.42
C ILE D 65 15.86 -1.85 11.23
N ASP D 66 16.32 -2.25 12.41
CA ASP D 66 15.56 -3.12 13.28
C ASP D 66 15.01 -2.34 14.46
N PHE D 67 13.75 -2.58 14.76
CA PHE D 67 13.07 -1.88 15.83
C PHE D 67 12.60 -2.86 16.89
N THR D 68 13.27 -3.99 17.00
CA THR D 68 12.98 -4.92 18.08
C THR D 68 13.10 -4.23 19.44
N ASN D 69 12.11 -4.41 20.28
CA ASN D 69 12.09 -3.79 21.61
C ASN D 69 12.16 -2.27 21.54
N TYR D 70 11.81 -1.68 20.42
CA TYR D 70 11.68 -0.22 20.33
C TYR D 70 10.53 0.24 21.22
N ASP D 71 10.73 1.35 21.95
CA ASP D 71 11.88 2.23 21.97
C ASP D 71 12.54 2.25 23.37
N LEU D 72 12.33 1.15 24.11
CA LEU D 72 13.13 0.90 25.27
C LEU D 72 14.58 0.66 24.86
N ARG D 73 14.78 -0.24 23.93
CA ARG D 73 16.04 -0.38 23.23
C ARG D 73 15.99 0.43 21.94
N PRO D 74 17.10 1.05 21.56
CA PRO D 74 17.15 1.85 20.32
C PRO D 74 17.42 0.95 19.13
N PRO D 75 17.18 1.42 17.91
CA PRO D 75 17.18 0.52 16.77
C PRO D 75 18.57 0.16 16.27
N SER D 76 18.69 -1.08 15.81
CA SER D 76 19.92 -1.56 15.19
C SER D 76 19.94 -1.15 13.73
N VAL D 77 21.11 -0.73 13.27
CA VAL D 77 21.26 -0.34 11.88
C VAL D 77 22.36 -1.20 11.27
N VAL D 78 22.00 -2.02 10.30
CA VAL D 78 22.91 -2.94 9.65
C VAL D 78 22.99 -2.60 8.17
N PHE D 79 24.19 -2.51 7.63
CA PHE D 79 24.41 -2.35 6.20
C PHE D 79 24.34 -3.71 5.51
N VAL D 80 23.43 -3.84 4.54
CA VAL D 80 23.25 -5.11 3.83
C VAL D 80 23.35 -4.89 2.34
N ASP D 81 23.46 -6.00 1.62
CA ASP D 81 23.54 -5.95 0.16
C ASP D 81 22.15 -5.76 -0.41
N PRO D 82 21.95 -4.79 -1.31
CA PRO D 82 20.57 -4.45 -1.71
C PRO D 82 19.80 -5.60 -2.31
N PHE D 83 20.45 -6.58 -2.94
CA PHE D 83 19.73 -7.68 -3.56
C PHE D 83 19.55 -8.86 -2.62
N THR D 84 20.62 -9.32 -1.96
CA THR D 84 20.51 -10.51 -1.12
C THR D 84 20.05 -10.20 0.30
N ARG D 85 20.13 -8.94 0.71
CA ARG D 85 19.88 -8.51 2.07
C ARG D 85 20.88 -9.07 3.07
N GLN D 86 22.00 -9.47 2.66
CA GLN D 86 22.93 -10.06 3.62
C GLN D 86 23.86 -9.00 4.23
N PRO D 87 24.27 -9.16 5.48
CA PRO D 87 25.20 -8.17 6.05
C PRO D 87 26.48 -8.10 5.24
N ILE D 88 27.07 -6.91 5.20
CA ILE D 88 28.24 -6.69 4.35
C ILE D 88 29.44 -6.35 5.22
N ALA D 89 30.63 -6.48 4.62
CA ALA D 89 31.88 -6.10 5.26
C ALA D 89 32.26 -4.68 4.85
N ARG D 90 33.01 -3.99 5.70
CA ARG D 90 33.37 -2.61 5.39
C ARG D 90 34.05 -2.48 4.03
N LYS D 91 34.64 -3.58 3.48
CA LYS D 91 35.30 -3.49 2.17
C LYS D 91 34.35 -3.03 1.06
N ASP D 92 33.02 -3.05 1.31
CA ASP D 92 32.04 -2.48 0.36
C ASP D 92 31.77 -1.00 0.70
N PHE D 136 28.31 -0.44 11.08
CA PHE D 136 27.89 0.23 12.32
C PHE D 136 28.11 1.74 12.28
N LEU D 137 27.17 2.50 12.87
CA LEU D 137 27.19 3.97 12.91
C LEU D 137 27.49 4.46 14.34
N CYS D 138 28.65 5.08 14.54
CA CYS D 138 29.13 5.44 15.88
C CYS D 138 28.41 6.72 16.31
N MET D 139 27.19 6.53 16.83
CA MET D 139 26.26 7.62 17.08
C MET D 139 25.24 7.19 18.11
N ALA D 140 24.91 8.11 19.03
CA ALA D 140 23.84 7.84 19.99
C ALA D 140 22.48 7.77 19.29
N GLY D 141 21.63 6.86 19.77
CA GLY D 141 20.39 6.55 19.13
C GLY D 141 20.45 5.28 18.31
N VAL D 142 21.62 4.68 18.21
CA VAL D 142 21.81 3.46 17.44
C VAL D 142 22.28 2.36 18.40
N ARG D 143 21.68 1.18 18.29
CA ARG D 143 21.94 0.19 19.33
C ARG D 143 23.35 -0.34 19.21
N GLU D 144 23.94 -0.34 18.00
CA GLU D 144 25.34 -0.82 17.91
C GLU D 144 26.28 0.08 18.69
N TYR D 145 25.94 1.36 18.78
CA TYR D 145 26.78 2.29 19.53
C TYR D 145 26.62 2.11 21.04
N HIS D 146 25.38 2.03 21.54
CA HIS D 146 25.18 1.93 22.98
C HIS D 146 25.68 0.59 23.52
N ASP D 147 25.59 -0.46 22.73
CA ASP D 147 26.09 -1.76 23.11
C ASP D 147 27.59 -1.93 22.87
N ASN D 148 28.25 -0.93 22.31
CA ASN D 148 29.68 -0.94 22.29
C ASN D 148 30.19 -0.59 23.68
N PRO D 149 31.02 -1.42 24.31
CA PRO D 149 31.49 -1.11 25.68
C PRO D 149 32.22 0.20 25.77
N ALA D 150 32.81 0.68 24.66
CA ALA D 150 33.45 1.99 24.64
C ALA D 150 32.48 3.14 24.85
N HIS D 151 31.18 2.92 24.70
CA HIS D 151 30.18 3.95 24.92
C HIS D 151 29.22 3.59 26.04
N SER D 152 29.65 2.73 26.98
CA SER D 152 28.81 2.40 28.11
C SER D 152 28.49 3.62 28.96
N GLY D 153 29.27 4.68 28.83
CA GLY D 153 28.99 5.88 29.56
C GLY D 153 27.95 6.80 28.98
N ASP D 154 27.43 6.50 27.78
CA ASP D 154 26.38 7.30 27.15
C ASP D 154 25.13 6.43 26.97
N PRO D 155 24.42 6.15 28.06
CA PRO D 155 23.31 5.19 27.99
C PRO D 155 22.10 5.69 27.20
N TRP D 156 21.41 4.74 26.55
CA TRP D 156 20.30 5.14 25.70
C TRP D 156 19.17 5.83 26.48
N LEU D 157 18.94 5.48 27.73
CA LEU D 157 17.83 6.12 28.43
C LEU D 157 18.12 7.59 28.75
N LEU D 158 19.31 8.10 28.44
CA LEU D 158 19.52 9.53 28.53
C LEU D 158 18.98 10.25 27.31
N HIS D 159 18.83 9.51 26.20
CA HIS D 159 18.46 10.07 24.92
C HIS D 159 17.04 9.72 24.52
N ARG D 160 16.44 8.72 25.15
CA ARG D 160 15.13 8.25 24.73
C ARG D 160 14.13 9.40 24.71
N GLY D 161 13.35 9.49 23.66
CA GLY D 161 12.31 10.48 23.53
C GLY D 161 12.76 11.79 22.96
N SER D 162 14.05 11.92 22.62
CA SER D 162 14.61 13.21 22.21
C SER D 162 14.51 13.47 20.73
N GLY D 163 14.35 12.42 19.94
CA GLY D 163 14.45 12.50 18.50
C GLY D 163 15.61 11.71 17.95
N GLU D 164 16.65 11.50 18.74
CA GLU D 164 17.65 10.52 18.37
C GLU D 164 17.02 9.14 18.42
N GLY D 165 17.52 8.24 17.56
CA GLY D 165 17.03 6.88 17.46
C GLY D 165 15.75 6.71 16.65
N CYS D 166 15.06 7.76 16.28
CA CYS D 166 13.91 7.52 15.42
C CYS D 166 14.37 7.39 13.96
N LEU D 167 13.45 6.98 13.11
CA LEU D 167 13.79 6.68 11.72
C LEU D 167 14.29 7.91 10.95
N ALA D 168 13.60 9.05 11.08
CA ALA D 168 14.01 10.23 10.33
C ALA D 168 15.41 10.65 10.73
N PHE D 169 15.70 10.55 12.02
CA PHE D 169 17.03 10.90 12.52
C PHE D 169 18.09 10.04 11.86
N ILE D 170 17.83 8.74 11.76
CA ILE D 170 18.80 7.83 11.17
C ILE D 170 18.94 8.11 9.68
N LEU D 171 17.81 8.27 8.99
CA LEU D 171 17.89 8.53 7.56
C LEU D 171 18.60 9.85 7.29
N ASP D 172 18.36 10.87 8.10
CA ASP D 172 19.00 12.14 7.83
C ASP D 172 20.50 12.08 8.05
N LYS D 173 20.96 11.32 9.04
CA LYS D 173 22.40 11.23 9.25
C LYS D 173 23.08 10.55 8.07
N ILE D 174 22.51 9.43 7.61
CA ILE D 174 23.11 8.73 6.48
C ILE D 174 23.14 9.64 5.25
N ILE D 175 22.07 10.38 5.01
CA ILE D 175 22.03 11.23 3.83
C ILE D 175 23.12 12.29 3.90
N LYS D 176 23.27 12.92 5.06
CA LYS D 176 24.20 14.05 5.17
C LYS D 176 25.65 13.58 5.03
N TYR D 177 26.06 12.62 5.85
CA TYR D 177 27.45 12.16 5.83
C TYR D 177 27.81 11.51 4.50
N GLY D 178 27.19 10.36 4.20
CA GLY D 178 27.56 9.56 3.05
C GLY D 178 27.71 10.28 1.72
N THR D 179 27.07 11.46 1.60
CA THR D 179 27.01 12.17 0.33
C THR D 179 27.82 13.45 0.34
N ILE E 22 -32.14 -20.86 -48.30
CA ILE E 22 -31.32 -19.85 -47.66
C ILE E 22 -31.79 -18.45 -48.11
N ILE E 23 -31.99 -17.55 -47.15
CA ILE E 23 -32.37 -16.15 -47.40
C ILE E 23 -31.24 -15.28 -46.86
N VAL E 24 -30.49 -14.63 -47.75
CA VAL E 24 -29.39 -13.75 -47.36
C VAL E 24 -29.85 -12.29 -47.51
N VAL E 25 -29.82 -11.54 -46.42
CA VAL E 25 -30.19 -10.12 -46.42
C VAL E 25 -28.91 -9.31 -46.61
N VAL E 26 -28.68 -8.86 -47.85
CA VAL E 26 -27.45 -8.14 -48.22
C VAL E 26 -27.73 -6.64 -48.22
N ASN E 27 -27.20 -5.94 -47.21
CA ASN E 27 -27.47 -4.50 -47.01
C ASN E 27 -28.97 -4.22 -46.98
N GLY E 28 -29.69 -5.03 -46.21
CA GLY E 28 -31.12 -4.93 -46.09
C GLY E 28 -31.92 -5.53 -47.23
N GLN E 29 -31.26 -5.97 -48.31
CA GLN E 29 -31.95 -6.48 -49.49
C GLN E 29 -31.84 -7.99 -49.55
N PRO E 30 -32.96 -8.72 -49.51
CA PRO E 30 -32.87 -10.19 -49.48
C PRO E 30 -32.67 -10.78 -50.87
N THR E 31 -32.13 -12.00 -50.87
CA THR E 31 -31.91 -12.77 -52.10
C THR E 31 -31.90 -14.26 -51.76
N GLN E 32 -32.64 -15.06 -52.53
CA GLN E 32 -32.70 -16.50 -52.33
C GLN E 32 -31.58 -17.19 -53.10
N VAL E 33 -30.91 -18.13 -52.45
CA VAL E 33 -29.78 -18.84 -53.04
C VAL E 33 -29.92 -20.35 -52.84
N PRO E 40 -19.57 -25.33 -49.85
CA PRO E 40 -19.09 -24.32 -48.90
C PRO E 40 -20.04 -23.14 -48.69
N LEU E 41 -19.63 -22.16 -47.88
CA LEU E 41 -20.46 -21.01 -47.59
C LEU E 41 -20.11 -19.78 -48.41
N HIS E 42 -18.84 -19.61 -48.81
CA HIS E 42 -18.47 -18.56 -49.75
C HIS E 42 -19.20 -18.70 -51.08
N VAL E 43 -19.78 -19.88 -51.35
CA VAL E 43 -20.64 -20.04 -52.52
C VAL E 43 -21.95 -19.28 -52.33
N VAL E 44 -22.50 -19.27 -51.10
CA VAL E 44 -23.74 -18.53 -50.85
C VAL E 44 -23.48 -17.03 -50.90
N ARG E 45 -22.37 -16.57 -50.32
CA ARG E 45 -22.03 -15.15 -50.35
C ARG E 45 -21.77 -14.66 -51.77
N THR E 46 -21.09 -15.48 -52.59
CA THR E 46 -20.77 -15.07 -53.97
C THR E 46 -22.05 -14.90 -54.79
N LYS E 47 -22.94 -15.88 -54.76
CA LYS E 47 -24.22 -15.74 -55.44
C LYS E 47 -25.11 -14.67 -54.77
N ALA E 48 -24.99 -14.49 -53.44
CA ALA E 48 -25.71 -13.42 -52.76
C ALA E 48 -25.20 -12.05 -53.18
N LEU E 49 -23.88 -11.90 -53.31
CA LEU E 49 -23.31 -10.65 -53.81
C LEU E 49 -23.58 -10.44 -55.31
N GLU E 50 -23.66 -11.53 -56.10
CA GLU E 50 -23.99 -11.39 -57.51
C GLU E 50 -25.46 -11.02 -57.71
N ASN E 51 -26.36 -11.64 -56.93
CA ASN E 51 -27.78 -11.38 -57.07
C ASN E 51 -28.15 -9.96 -56.65
N THR E 52 -27.47 -9.40 -55.64
CA THR E 52 -27.75 -8.05 -55.14
C THR E 52 -26.82 -6.98 -55.73
N GLN E 53 -26.07 -7.31 -56.78
CA GLN E 53 -25.16 -6.38 -57.49
C GLN E 53 -24.17 -5.68 -56.55
N ASN E 54 -24.04 -6.19 -55.32
CA ASN E 54 -23.12 -5.64 -54.33
C ASN E 54 -21.73 -6.27 -54.40
N VAL E 55 -21.27 -6.66 -55.60
CA VAL E 55 -19.94 -7.21 -55.78
C VAL E 55 -18.87 -6.14 -55.89
N ALA E 56 -19.24 -4.85 -55.74
CA ALA E 56 -18.26 -3.77 -55.82
C ALA E 56 -17.27 -3.82 -54.64
N GLN E 57 -17.75 -4.17 -53.43
CA GLN E 57 -16.93 -4.14 -52.21
C GLN E 57 -16.25 -5.50 -52.00
N PRO E 58 -14.95 -5.52 -51.69
CA PRO E 58 -14.24 -6.81 -51.48
C PRO E 58 -15.04 -7.73 -50.56
N PRO E 59 -15.06 -9.04 -50.84
CA PRO E 59 -15.82 -9.94 -49.95
C PRO E 59 -15.32 -9.97 -48.50
N ASP E 60 -14.10 -9.49 -48.23
CA ASP E 60 -13.59 -9.46 -46.85
C ASP E 60 -14.33 -8.43 -45.99
N ASN E 61 -14.80 -7.33 -46.59
CA ASN E 61 -15.51 -6.30 -45.87
C ASN E 61 -16.87 -6.76 -45.36
N TRP E 62 -17.39 -7.86 -45.90
CA TRP E 62 -18.70 -8.39 -45.55
C TRP E 62 -18.56 -9.41 -44.41
N GLU E 63 -19.59 -9.48 -43.58
CA GLU E 63 -19.65 -10.40 -42.44
C GLU E 63 -20.91 -11.26 -42.55
N PHE E 64 -20.73 -12.55 -42.86
CA PHE E 64 -21.85 -13.50 -42.93
C PHE E 64 -22.24 -13.88 -41.50
N LYS E 65 -23.50 -13.62 -41.13
CA LYS E 65 -24.01 -13.87 -39.79
C LYS E 65 -25.31 -14.66 -39.91
N ASP E 66 -25.76 -15.22 -38.79
CA ASP E 66 -27.05 -15.87 -38.69
C ASP E 66 -28.05 -14.92 -38.01
N GLU E 67 -29.29 -15.39 -37.82
CA GLU E 67 -30.35 -14.52 -37.29
C GLU E 67 -30.00 -13.97 -35.91
N ALA E 68 -29.02 -14.57 -35.22
CA ALA E 68 -28.54 -14.10 -33.93
C ALA E 68 -27.37 -13.13 -34.06
N GLY E 69 -26.76 -13.05 -35.24
CA GLY E 69 -25.60 -12.20 -35.45
C GLY E 69 -24.24 -12.87 -35.33
N ASN E 70 -24.17 -14.21 -35.45
CA ASN E 70 -22.94 -14.95 -35.19
C ASN E 70 -22.07 -15.05 -36.45
N LEU E 71 -20.80 -14.71 -36.32
CA LEU E 71 -19.89 -14.71 -37.46
C LEU E 71 -19.66 -16.13 -37.95
N THR E 86 -35.63 -24.05 -44.64
CA THR E 86 -35.24 -22.71 -45.07
C THR E 86 -34.75 -21.88 -43.88
N VAL E 87 -33.63 -21.19 -44.05
CA VAL E 87 -33.02 -20.37 -43.01
C VAL E 87 -32.78 -18.97 -43.58
N THR E 88 -32.67 -17.98 -42.68
CA THR E 88 -32.35 -16.60 -43.06
C THR E 88 -30.98 -16.22 -42.49
N LEU E 89 -30.04 -15.90 -43.37
CA LEU E 89 -28.69 -15.44 -43.02
C LEU E 89 -28.57 -13.96 -43.39
N PHE E 90 -27.55 -13.29 -42.83
CA PHE E 90 -27.39 -11.85 -43.00
C PHE E 90 -25.98 -11.55 -43.50
N LEU E 91 -25.87 -10.98 -44.71
CA LEU E 91 -24.61 -10.59 -45.33
C LEU E 91 -24.52 -9.06 -45.28
N SER E 92 -24.15 -8.55 -44.11
CA SER E 92 -24.08 -7.11 -43.88
C SER E 92 -22.63 -6.67 -43.72
N LEU E 93 -22.44 -5.36 -43.70
CA LEU E 93 -21.11 -4.77 -43.53
C LEU E 93 -20.79 -4.62 -42.04
N LYS E 94 -19.63 -4.03 -41.74
CA LYS E 94 -19.25 -3.73 -40.37
C LYS E 94 -19.88 -2.41 -39.92
N ALA E 95 -20.01 -2.23 -38.60
CA ALA E 95 -20.52 -0.95 -38.09
C ALA E 95 -19.60 0.18 -38.52
N GLY E 96 -20.08 1.41 -38.36
CA GLY E 96 -19.45 2.55 -38.96
C GLY E 96 -18.72 3.46 -38.00
N VAL E 97 -17.81 4.28 -38.53
CA VAL E 97 -17.08 5.23 -37.72
C VAL E 97 -17.47 6.69 -37.99
N ALA E 98 -17.80 7.06 -39.24
CA ALA E 98 -18.10 8.46 -39.53
C ALA E 98 -19.43 8.90 -38.92
N GLY E 99 -19.45 10.09 -38.30
CA GLY E 99 -20.66 10.66 -37.74
C GLY E 99 -20.64 12.16 -37.48
N ALA E 100 -19.47 12.78 -37.52
CA ALA E 100 -19.34 14.22 -37.25
C ALA E 100 -19.18 15.10 -38.52
ZN ZN F . -18.51 -6.33 -26.04
ZN ZN G . 9.12 4.68 35.25
#